data_1WYS
#
_entry.id   1WYS
#
loop_
_entity.id
_entity.type
_entity.pdbx_description
1 polymer 'RIKEN cDNA 2310008M20 protein'
2 non-polymer 'ZINC ION'
#
_entity_poly.entity_id   1
_entity_poly.type   'polypeptide(L)'
_entity_poly.pdbx_seq_one_letter_code
;GSSGSSGMAELDIGQHCQVQHCRQRDFLPFVCDGCSGIFCLEHRSKDSHGCSEVNVVKERPKTDEHKSYSGPSSG
;
_entity_poly.pdbx_strand_id   A
#
# COMPACT_ATOMS: atom_id res chain seq x y z
N GLY A 1 -40.94 24.37 6.65
CA GLY A 1 -40.64 24.00 8.02
C GLY A 1 -39.24 23.46 8.18
N SER A 2 -38.41 24.17 8.95
CA SER A 2 -37.03 23.76 9.17
C SER A 2 -36.79 23.46 10.64
N SER A 3 -36.69 22.18 10.98
CA SER A 3 -36.46 21.76 12.36
C SER A 3 -34.99 21.44 12.60
N GLY A 4 -34.38 20.73 11.65
CA GLY A 4 -32.98 20.37 11.77
C GLY A 4 -32.79 18.98 12.35
N SER A 5 -31.68 18.33 11.98
CA SER A 5 -31.38 16.99 12.46
C SER A 5 -29.89 16.71 12.38
N SER A 6 -29.46 15.64 13.05
CA SER A 6 -28.05 15.26 13.05
C SER A 6 -27.89 13.80 13.49
N GLY A 7 -26.64 13.33 13.45
CA GLY A 7 -26.38 11.95 13.84
C GLY A 7 -24.91 11.72 14.18
N MET A 8 -24.46 10.48 14.02
CA MET A 8 -23.08 10.14 14.32
C MET A 8 -22.53 9.14 13.30
N ALA A 9 -21.21 9.04 13.23
CA ALA A 9 -20.57 8.12 12.29
C ALA A 9 -19.80 7.03 13.03
N GLU A 10 -20.50 5.96 13.38
CA GLU A 10 -19.89 4.84 14.09
C GLU A 10 -20.05 3.54 13.32
N LEU A 11 -19.02 3.15 12.58
CA LEU A 11 -19.05 1.93 11.79
C LEU A 11 -17.64 1.43 11.50
N ASP A 12 -17.40 0.14 11.75
CA ASP A 12 -16.09 -0.45 11.51
C ASP A 12 -15.88 -0.71 10.02
N ILE A 13 -14.81 -0.13 9.47
CA ILE A 13 -14.50 -0.30 8.05
C ILE A 13 -14.15 -1.75 7.74
N GLY A 14 -13.44 -2.39 8.66
CA GLY A 14 -13.05 -3.78 8.46
C GLY A 14 -12.16 -3.96 7.25
N GLN A 15 -10.92 -4.41 7.49
CA GLN A 15 -9.97 -4.62 6.41
C GLN A 15 -9.53 -6.08 6.35
N HIS A 16 -9.10 -6.51 5.17
CA HIS A 16 -8.65 -7.89 4.98
C HIS A 16 -7.35 -7.93 4.20
N CYS A 17 -6.69 -9.09 4.22
CA CYS A 17 -5.42 -9.26 3.51
C CYS A 17 -5.65 -9.42 2.01
N GLN A 18 -5.26 -8.41 1.25
CA GLN A 18 -5.43 -8.45 -0.20
C GLN A 18 -5.02 -9.81 -0.76
N VAL A 19 -3.96 -10.38 -0.20
CA VAL A 19 -3.48 -11.69 -0.64
C VAL A 19 -4.61 -12.70 -0.70
N GLN A 20 -4.62 -13.53 -1.75
CA GLN A 20 -5.64 -14.54 -1.91
C GLN A 20 -5.27 -15.83 -1.18
N HIS A 21 -4.32 -16.57 -1.75
CA HIS A 21 -3.87 -17.82 -1.15
C HIS A 21 -3.87 -17.72 0.37
N CYS A 22 -3.61 -16.53 0.88
CA CYS A 22 -3.58 -16.30 2.32
C CYS A 22 -4.83 -16.86 2.98
N ARG A 23 -5.96 -16.18 2.77
CA ARG A 23 -7.23 -16.60 3.34
C ARG A 23 -7.15 -16.65 4.87
N GLN A 24 -6.51 -15.62 5.44
CA GLN A 24 -6.37 -15.54 6.89
C GLN A 24 -7.63 -14.96 7.52
N ARG A 25 -7.61 -14.87 8.85
CA ARG A 25 -8.75 -14.34 9.59
C ARG A 25 -8.39 -14.06 11.04
N ASP A 26 -8.83 -12.92 11.55
CA ASP A 26 -8.54 -12.53 12.93
C ASP A 26 -7.07 -12.17 13.09
N PHE A 27 -6.54 -11.44 12.13
CA PHE A 27 -5.13 -11.02 12.17
C PHE A 27 -5.02 -9.52 12.40
N LEU A 28 -3.80 -9.05 12.65
CA LEU A 28 -3.56 -7.64 12.89
C LEU A 28 -3.38 -6.88 11.58
N PRO A 29 -4.04 -5.72 11.46
CA PRO A 29 -3.97 -4.88 10.26
C PRO A 29 -2.60 -4.23 10.10
N PHE A 30 -1.98 -4.44 8.94
CA PHE A 30 -0.67 -3.87 8.66
C PHE A 30 -0.57 -3.43 7.20
N VAL A 31 -0.50 -2.12 7.00
CA VAL A 31 -0.40 -1.56 5.65
C VAL A 31 0.99 -1.78 5.07
N CYS A 32 1.03 -2.43 3.91
CA CYS A 32 2.30 -2.72 3.24
C CYS A 32 2.98 -1.42 2.80
N ASP A 33 4.25 -1.28 3.14
CA ASP A 33 5.02 -0.10 2.77
C ASP A 33 5.48 -0.17 1.32
N GLY A 34 4.59 -0.61 0.44
CA GLY A 34 4.91 -0.72 -0.97
C GLY A 34 3.73 -0.48 -1.87
N CYS A 35 2.77 -1.41 -1.86
CA CYS A 35 1.58 -1.30 -2.68
C CYS A 35 0.40 -0.76 -1.86
N SER A 36 0.71 -0.24 -0.68
CA SER A 36 -0.31 0.31 0.20
C SER A 36 -1.44 -0.71 0.43
N GLY A 37 -1.05 -1.96 0.67
CA GLY A 37 -2.02 -3.00 0.90
C GLY A 37 -1.99 -3.52 2.33
N ILE A 38 -3.14 -3.52 2.99
CA ILE A 38 -3.24 -3.99 4.36
C ILE A 38 -3.20 -5.52 4.42
N PHE A 39 -2.04 -6.05 4.78
CA PHE A 39 -1.86 -7.51 4.87
C PHE A 39 -1.65 -7.93 6.32
N CYS A 40 -1.78 -9.23 6.57
CA CYS A 40 -1.60 -9.77 7.91
C CYS A 40 -0.16 -9.62 8.37
N LEU A 41 0.12 -10.05 9.60
CA LEU A 41 1.48 -9.96 10.15
C LEU A 41 2.44 -10.87 9.40
N GLU A 42 1.95 -12.03 8.98
CA GLU A 42 2.76 -12.98 8.24
C GLU A 42 3.04 -12.49 6.82
N HIS A 43 2.14 -11.64 6.31
CA HIS A 43 2.27 -11.10 4.97
C HIS A 43 2.48 -9.59 5.01
N ARG A 44 2.86 -9.09 6.19
CA ARG A 44 3.09 -7.66 6.36
C ARG A 44 4.32 -7.21 5.58
N SER A 45 5.35 -8.06 5.55
CA SER A 45 6.58 -7.74 4.84
C SER A 45 6.37 -7.78 3.33
N LYS A 46 7.29 -7.16 2.60
CA LYS A 46 7.20 -7.12 1.15
C LYS A 46 7.52 -8.48 0.54
N ASP A 47 8.73 -8.97 0.81
CA ASP A 47 9.16 -10.27 0.29
C ASP A 47 8.12 -11.34 0.58
N SER A 48 7.52 -11.27 1.76
CA SER A 48 6.51 -12.24 2.16
C SER A 48 5.49 -12.45 1.04
N HIS A 49 5.19 -11.38 0.31
CA HIS A 49 4.23 -11.45 -0.79
C HIS A 49 4.86 -10.94 -2.08
N GLY A 50 6.18 -11.03 -2.17
CA GLY A 50 6.88 -10.57 -3.36
C GLY A 50 6.32 -9.27 -3.90
N CYS A 51 6.05 -8.33 -3.01
CA CYS A 51 5.50 -7.04 -3.40
C CYS A 51 6.02 -6.62 -4.77
N SER A 52 5.14 -6.05 -5.58
CA SER A 52 5.51 -5.61 -6.93
C SER A 52 6.50 -4.46 -6.87
N GLU A 53 6.44 -3.70 -5.77
CA GLU A 53 7.33 -2.55 -5.60
C GLU A 53 7.30 -1.64 -6.82
N VAL A 54 6.10 -1.30 -7.27
CA VAL A 54 5.93 -0.44 -8.43
C VAL A 54 5.61 1.00 -8.00
N ASN A 55 5.15 1.15 -6.77
CA ASN A 55 4.80 2.47 -6.24
C ASN A 55 6.05 3.33 -6.10
N VAL A 56 7.13 2.74 -5.60
CA VAL A 56 8.39 3.45 -5.42
C VAL A 56 9.30 3.28 -6.63
N VAL A 57 9.26 4.25 -7.54
CA VAL A 57 10.09 4.20 -8.74
C VAL A 57 11.53 3.83 -8.40
N LYS A 58 12.13 2.98 -9.23
CA LYS A 58 13.51 2.56 -9.02
C LYS A 58 14.40 3.74 -8.68
N GLU A 59 15.56 3.45 -8.10
CA GLU A 59 16.50 4.50 -7.71
C GLU A 59 16.51 5.62 -8.74
N ARG A 60 15.94 6.76 -8.37
CA ARG A 60 15.88 7.91 -9.26
C ARG A 60 16.38 9.17 -8.55
N PRO A 61 16.94 10.10 -9.33
CA PRO A 61 17.47 11.36 -8.81
C PRO A 61 16.36 12.30 -8.33
N LYS A 62 16.45 12.72 -7.07
CA LYS A 62 15.46 13.61 -6.48
C LYS A 62 15.99 15.05 -6.43
N THR A 63 15.16 15.95 -5.92
CA THR A 63 15.54 17.35 -5.81
C THR A 63 16.35 17.62 -4.54
N ASP A 64 17.04 18.75 -4.51
CA ASP A 64 17.85 19.11 -3.35
C ASP A 64 16.97 19.35 -2.13
N GLU A 65 17.00 18.40 -1.19
CA GLU A 65 16.20 18.50 0.02
C GLU A 65 17.09 18.69 1.24
N HIS A 66 16.48 18.95 2.39
CA HIS A 66 17.21 19.15 3.63
C HIS A 66 16.79 18.12 4.69
N LYS A 67 17.67 17.88 5.66
CA LYS A 67 17.39 16.93 6.72
C LYS A 67 18.06 17.35 8.03
N SER A 68 17.80 16.61 9.09
CA SER A 68 18.38 16.91 10.40
C SER A 68 18.56 15.64 11.22
N TYR A 69 19.76 15.44 11.75
CA TYR A 69 20.06 14.26 12.55
C TYR A 69 21.32 14.46 13.37
N SER A 70 21.43 13.73 14.48
CA SER A 70 22.59 13.83 15.35
C SER A 70 22.66 12.64 16.29
N GLY A 71 23.85 12.41 16.86
CA GLY A 71 24.04 11.29 17.77
C GLY A 71 23.72 11.65 19.21
N PRO A 72 23.43 10.64 20.03
CA PRO A 72 23.10 10.83 21.45
C PRO A 72 24.30 11.27 22.26
N SER A 73 25.41 10.55 22.11
CA SER A 73 26.64 10.87 22.84
C SER A 73 27.78 9.97 22.38
N SER A 74 28.96 10.19 22.95
CA SER A 74 30.14 9.40 22.61
C SER A 74 30.86 8.92 23.87
N GLY A 75 31.71 7.92 23.71
CA GLY A 75 32.45 7.38 24.84
C GLY A 75 33.52 8.34 25.34
N GLY A 1 9.37 3.37 16.84
CA GLY A 1 10.13 3.26 15.62
C GLY A 1 10.71 4.59 15.16
N SER A 2 10.14 5.13 14.08
CA SER A 2 10.61 6.41 13.54
C SER A 2 9.43 7.25 13.06
N SER A 3 9.65 8.56 12.96
CA SER A 3 8.61 9.48 12.52
C SER A 3 9.01 10.17 11.23
N GLY A 4 8.24 9.95 10.17
CA GLY A 4 8.52 10.57 8.89
C GLY A 4 7.37 11.41 8.38
N SER A 5 7.01 11.20 7.11
CA SER A 5 5.92 11.96 6.50
C SER A 5 4.88 11.02 5.91
N SER A 6 3.76 10.88 6.61
CA SER A 6 2.68 10.01 6.16
C SER A 6 1.36 10.38 6.83
N GLY A 7 0.26 10.22 6.09
CA GLY A 7 -1.05 10.55 6.63
C GLY A 7 -1.63 9.43 7.47
N MET A 8 -1.84 9.69 8.75
CA MET A 8 -2.39 8.70 9.66
C MET A 8 -3.92 8.77 9.69
N ALA A 9 -4.56 8.03 8.78
CA ALA A 9 -6.01 8.02 8.69
C ALA A 9 -6.57 6.70 9.21
N GLU A 10 -7.82 6.74 9.68
CA GLU A 10 -8.47 5.54 10.20
C GLU A 10 -9.89 5.42 9.67
N LEU A 11 -10.27 4.21 9.28
CA LEU A 11 -11.60 3.95 8.75
C LEU A 11 -12.30 2.84 9.54
N ASP A 12 -11.56 1.78 9.84
CA ASP A 12 -12.12 0.66 10.59
C ASP A 12 -13.50 0.29 10.08
N ILE A 13 -13.65 0.26 8.76
CA ILE A 13 -14.92 -0.08 8.14
C ILE A 13 -15.00 -1.58 7.84
N GLY A 14 -13.85 -2.18 7.56
CA GLY A 14 -13.81 -3.60 7.25
C GLY A 14 -12.84 -3.92 6.13
N GLN A 15 -11.60 -4.24 6.50
CA GLN A 15 -10.58 -4.58 5.51
C GLN A 15 -10.10 -6.02 5.68
N HIS A 16 -9.22 -6.45 4.80
CA HIS A 16 -8.68 -7.80 4.85
C HIS A 16 -7.33 -7.89 4.14
N CYS A 17 -6.74 -9.08 4.13
CA CYS A 17 -5.45 -9.29 3.49
C CYS A 17 -5.61 -9.43 1.98
N GLN A 18 -5.22 -8.40 1.24
CA GLN A 18 -5.31 -8.41 -0.21
C GLN A 18 -4.97 -9.78 -0.77
N VAL A 19 -3.96 -10.42 -0.17
CA VAL A 19 -3.54 -11.75 -0.61
C VAL A 19 -4.71 -12.71 -0.67
N GLN A 20 -4.77 -13.51 -1.73
CA GLN A 20 -5.85 -14.48 -1.91
C GLN A 20 -5.48 -15.81 -1.26
N HIS A 21 -4.35 -16.37 -1.64
CA HIS A 21 -3.89 -17.63 -1.09
C HIS A 21 -3.90 -17.60 0.44
N CYS A 22 -3.96 -16.40 0.99
CA CYS A 22 -3.97 -16.23 2.45
C CYS A 22 -5.34 -16.57 3.02
N ARG A 23 -5.36 -17.48 4.00
CA ARG A 23 -6.59 -17.89 4.64
C ARG A 23 -6.68 -17.39 6.07
N GLN A 24 -6.26 -16.14 6.28
CA GLN A 24 -6.28 -15.55 7.61
C GLN A 24 -7.49 -14.63 7.78
N ARG A 25 -8.40 -15.04 8.66
CA ARG A 25 -9.61 -14.26 8.92
C ARG A 25 -9.42 -13.34 10.12
N ASP A 26 -8.81 -13.88 11.18
CA ASP A 26 -8.57 -13.11 12.40
C ASP A 26 -7.11 -12.68 12.49
N PHE A 27 -6.76 -11.60 11.80
CA PHE A 27 -5.39 -11.10 11.80
C PHE A 27 -5.37 -9.60 12.05
N LEU A 28 -4.17 -9.03 12.12
CA LEU A 28 -4.01 -7.61 12.36
C LEU A 28 -3.70 -6.87 11.05
N PRO A 29 -4.47 -5.80 10.79
CA PRO A 29 -4.30 -4.98 9.58
C PRO A 29 -3.01 -4.18 9.61
N PHE A 30 -2.14 -4.43 8.63
CA PHE A 30 -0.86 -3.74 8.55
C PHE A 30 -0.60 -3.26 7.12
N VAL A 31 -0.87 -1.98 6.88
CA VAL A 31 -0.66 -1.39 5.56
C VAL A 31 0.76 -1.61 5.08
N CYS A 32 0.91 -2.46 4.06
CA CYS A 32 2.22 -2.76 3.50
C CYS A 32 2.94 -1.48 3.09
N ASP A 33 4.23 -1.42 3.40
CA ASP A 33 5.04 -0.25 3.06
C ASP A 33 5.58 -0.34 1.64
N GLY A 34 4.72 -0.78 0.72
CA GLY A 34 5.13 -0.91 -0.67
C GLY A 34 3.99 -0.68 -1.64
N CYS A 35 2.93 -1.46 -1.49
CA CYS A 35 1.75 -1.34 -2.36
C CYS A 35 0.54 -0.85 -1.57
N SER A 36 0.80 -0.27 -0.39
CA SER A 36 -0.27 0.25 0.45
C SER A 36 -1.36 -0.80 0.64
N GLY A 37 -0.95 -2.06 0.78
CA GLY A 37 -1.90 -3.14 0.97
C GLY A 37 -1.91 -3.67 2.38
N ILE A 38 -3.06 -3.58 3.04
CA ILE A 38 -3.20 -4.06 4.41
C ILE A 38 -3.17 -5.58 4.47
N PHE A 39 -2.01 -6.13 4.82
CA PHE A 39 -1.85 -7.58 4.92
C PHE A 39 -1.64 -8.00 6.37
N CYS A 40 -1.84 -9.30 6.63
CA CYS A 40 -1.67 -9.83 7.98
C CYS A 40 -0.22 -9.74 8.42
N LEU A 41 -0.02 -9.54 9.72
CA LEU A 41 1.33 -9.43 10.28
C LEU A 41 2.29 -10.36 9.56
N GLU A 42 1.91 -11.63 9.41
CA GLU A 42 2.74 -12.61 8.74
C GLU A 42 3.04 -12.17 7.30
N HIS A 43 2.04 -11.64 6.62
CA HIS A 43 2.20 -11.18 5.25
C HIS A 43 2.48 -9.67 5.20
N ARG A 44 2.87 -9.12 6.34
CA ARG A 44 3.16 -7.69 6.43
C ARG A 44 4.40 -7.34 5.61
N SER A 45 5.35 -8.26 5.56
CA SER A 45 6.58 -8.05 4.80
C SER A 45 6.29 -7.92 3.31
N LYS A 46 7.27 -7.44 2.56
CA LYS A 46 7.12 -7.28 1.12
C LYS A 46 7.55 -8.54 0.38
N ASP A 47 8.81 -8.92 0.55
CA ASP A 47 9.35 -10.11 -0.10
C ASP A 47 8.36 -11.26 -0.01
N SER A 48 7.81 -11.48 1.19
CA SER A 48 6.85 -12.56 1.41
C SER A 48 5.86 -12.64 0.26
N HIS A 49 5.23 -11.52 -0.06
CA HIS A 49 4.26 -11.47 -1.15
C HIS A 49 4.87 -10.86 -2.40
N GLY A 50 6.15 -11.14 -2.63
CA GLY A 50 6.83 -10.61 -3.80
C GLY A 50 6.34 -9.22 -4.17
N CYS A 51 6.18 -8.37 -3.17
CA CYS A 51 5.71 -7.01 -3.40
C CYS A 51 6.25 -6.45 -4.70
N SER A 52 5.41 -5.76 -5.45
CA SER A 52 5.80 -5.18 -6.73
C SER A 52 6.81 -4.06 -6.52
N GLU A 53 6.65 -3.32 -5.42
CA GLU A 53 7.53 -2.21 -5.11
C GLU A 53 7.54 -1.18 -6.23
N VAL A 54 6.35 -0.82 -6.69
CA VAL A 54 6.20 0.16 -7.77
C VAL A 54 6.12 1.58 -7.20
N ASN A 55 5.51 1.71 -6.02
CA ASN A 55 5.36 3.01 -5.38
C ASN A 55 6.73 3.58 -4.98
N VAL A 56 7.44 2.85 -4.12
CA VAL A 56 8.75 3.28 -3.66
C VAL A 56 9.78 3.20 -4.78
N VAL A 57 9.97 4.33 -5.47
CA VAL A 57 10.92 4.40 -6.56
C VAL A 57 12.35 4.43 -6.04
N LYS A 58 13.21 3.61 -6.65
CA LYS A 58 14.62 3.53 -6.25
C LYS A 58 15.14 4.91 -5.90
N GLU A 59 15.39 5.14 -4.61
CA GLU A 59 15.90 6.42 -4.13
C GLU A 59 17.29 6.70 -4.72
N ARG A 60 17.36 7.72 -5.56
CA ARG A 60 18.64 8.10 -6.19
C ARG A 60 19.72 8.32 -5.13
N PRO A 61 20.98 8.29 -5.57
CA PRO A 61 22.14 8.49 -4.69
C PRO A 61 22.24 9.92 -4.19
N LYS A 62 21.58 10.20 -3.06
CA LYS A 62 21.60 11.53 -2.47
C LYS A 62 22.71 11.65 -1.44
N THR A 63 23.89 11.14 -1.78
CA THR A 63 25.03 11.18 -0.87
C THR A 63 25.83 12.47 -1.07
N ASP A 64 26.18 13.13 0.04
CA ASP A 64 26.93 14.36 -0.01
C ASP A 64 28.17 14.28 0.89
N GLU A 65 29.23 13.68 0.36
CA GLU A 65 30.47 13.53 1.12
C GLU A 65 31.65 13.26 0.19
N HIS A 66 32.84 13.67 0.61
CA HIS A 66 34.05 13.47 -0.19
C HIS A 66 34.64 12.09 0.07
N LYS A 67 33.78 11.08 0.14
CA LYS A 67 34.22 9.71 0.38
C LYS A 67 33.41 8.73 -0.44
N SER A 68 34.09 7.91 -1.24
CA SER A 68 33.44 6.92 -2.08
C SER A 68 34.44 5.92 -2.64
N TYR A 69 33.94 4.81 -3.16
CA TYR A 69 34.80 3.77 -3.73
C TYR A 69 34.96 3.97 -5.23
N SER A 70 33.84 4.19 -5.92
CA SER A 70 33.87 4.39 -7.37
C SER A 70 34.64 5.65 -7.73
N GLY A 71 35.25 5.64 -8.92
CA GLY A 71 36.01 6.78 -9.37
C GLY A 71 35.17 7.78 -10.14
N PRO A 72 35.80 8.45 -11.13
CA PRO A 72 35.12 9.44 -11.97
C PRO A 72 34.10 8.81 -12.90
N SER A 73 34.32 7.54 -13.25
CA SER A 73 33.42 6.82 -14.15
C SER A 73 33.49 7.39 -15.57
N SER A 74 34.71 7.68 -16.02
CA SER A 74 34.91 8.23 -17.35
C SER A 74 34.21 9.56 -17.50
N GLY A 75 34.31 10.41 -16.48
CA GLY A 75 33.67 11.71 -16.52
C GLY A 75 34.02 12.48 -17.78
N GLY A 1 -46.59 6.38 -19.97
CA GLY A 1 -45.33 6.25 -19.27
C GLY A 1 -44.93 4.81 -19.06
N SER A 2 -43.78 4.60 -18.42
CA SER A 2 -43.27 3.25 -18.16
C SER A 2 -42.18 3.28 -17.11
N SER A 3 -41.77 2.09 -16.66
CA SER A 3 -40.73 1.98 -15.65
C SER A 3 -39.58 1.11 -16.14
N GLY A 4 -38.50 1.07 -15.37
CA GLY A 4 -37.34 0.27 -15.74
C GLY A 4 -36.71 -0.43 -14.57
N SER A 5 -35.47 -0.86 -14.72
CA SER A 5 -34.75 -1.56 -13.67
C SER A 5 -33.68 -0.66 -13.06
N SER A 6 -33.37 -0.91 -11.79
CA SER A 6 -32.36 -0.12 -11.08
C SER A 6 -31.55 -1.00 -10.13
N GLY A 7 -30.24 -0.80 -10.11
CA GLY A 7 -29.38 -1.57 -9.24
C GLY A 7 -28.29 -0.74 -8.60
N MET A 8 -28.13 -0.87 -7.29
CA MET A 8 -27.11 -0.12 -6.57
C MET A 8 -25.83 -0.01 -7.39
N ALA A 9 -25.43 -1.13 -7.99
CA ALA A 9 -24.23 -1.15 -8.80
C ALA A 9 -23.01 -0.67 -8.01
N GLU A 10 -23.00 -0.97 -6.72
CA GLU A 10 -21.90 -0.57 -5.85
C GLU A 10 -21.67 -1.60 -4.75
N LEU A 11 -20.41 -1.75 -4.35
CA LEU A 11 -20.05 -2.71 -3.31
C LEU A 11 -19.04 -2.11 -2.34
N ASP A 12 -19.47 -1.91 -1.10
CA ASP A 12 -18.59 -1.34 -0.07
C ASP A 12 -17.52 -2.34 0.35
N ILE A 13 -16.28 -2.06 0.00
CA ILE A 13 -15.16 -2.93 0.35
C ILE A 13 -14.35 -2.36 1.51
N GLY A 14 -14.32 -3.10 2.62
CA GLY A 14 -13.59 -2.65 3.79
C GLY A 14 -12.09 -2.80 3.61
N GLN A 15 -11.45 -3.48 4.55
CA GLN A 15 -10.01 -3.69 4.50
C GLN A 15 -9.63 -5.08 4.99
N HIS A 16 -8.70 -5.71 4.30
CA HIS A 16 -8.25 -7.05 4.66
C HIS A 16 -6.98 -7.43 3.91
N CYS A 17 -6.54 -8.67 4.08
CA CYS A 17 -5.33 -9.15 3.42
C CYS A 17 -5.56 -9.33 1.92
N GLN A 18 -5.19 -8.30 1.16
CA GLN A 18 -5.36 -8.34 -0.29
C GLN A 18 -5.03 -9.73 -0.85
N VAL A 19 -4.05 -10.38 -0.23
CA VAL A 19 -3.64 -11.71 -0.67
C VAL A 19 -4.84 -12.65 -0.76
N GLN A 20 -4.80 -13.56 -1.72
CA GLN A 20 -5.88 -14.52 -1.91
C GLN A 20 -5.47 -15.91 -1.40
N HIS A 21 -4.20 -16.23 -1.55
CA HIS A 21 -3.69 -17.53 -1.10
C HIS A 21 -3.63 -17.58 0.42
N CYS A 22 -3.81 -16.44 1.07
CA CYS A 22 -3.78 -16.37 2.52
C CYS A 22 -5.11 -16.79 3.12
N ARG A 23 -5.06 -17.66 4.13
CA ARG A 23 -6.27 -18.15 4.78
C ARG A 23 -6.37 -17.60 6.20
N GLN A 24 -6.08 -16.32 6.36
CA GLN A 24 -6.13 -15.68 7.66
C GLN A 24 -7.52 -15.09 7.92
N ARG A 25 -8.05 -15.34 9.11
CA ARG A 25 -9.36 -14.82 9.48
C ARG A 25 -9.24 -13.64 10.44
N ASP A 26 -8.69 -13.88 11.61
CA ASP A 26 -8.51 -12.83 12.61
C ASP A 26 -7.05 -12.41 12.71
N PHE A 27 -6.65 -11.48 11.86
CA PHE A 27 -5.27 -11.00 11.85
C PHE A 27 -5.21 -9.50 12.14
N LEU A 28 -4.00 -8.96 12.22
CA LEU A 28 -3.81 -7.54 12.49
C LEU A 28 -3.55 -6.77 11.20
N PRO A 29 -4.23 -5.63 11.04
CA PRO A 29 -4.08 -4.78 9.86
C PRO A 29 -2.72 -4.08 9.81
N PHE A 30 -1.94 -4.40 8.79
CA PHE A 30 -0.62 -3.80 8.63
C PHE A 30 -0.41 -3.29 7.21
N VAL A 31 -0.71 -2.01 7.00
CA VAL A 31 -0.56 -1.39 5.68
C VAL A 31 0.84 -1.61 5.12
N CYS A 32 0.93 -2.42 4.07
CA CYS A 32 2.21 -2.72 3.45
C CYS A 32 2.93 -1.44 3.04
N ASP A 33 4.22 -1.36 3.37
CA ASP A 33 5.02 -0.19 3.05
C ASP A 33 5.54 -0.26 1.61
N GLY A 34 4.69 -0.77 0.71
CA GLY A 34 5.07 -0.88 -0.68
C GLY A 34 3.92 -0.59 -1.62
N CYS A 35 2.90 -1.44 -1.59
CA CYS A 35 1.74 -1.26 -2.46
C CYS A 35 0.54 -0.77 -1.65
N SER A 36 0.81 -0.19 -0.49
CA SER A 36 -0.25 0.33 0.37
C SER A 36 -1.33 -0.73 0.58
N GLY A 37 -0.91 -2.00 0.62
CA GLY A 37 -1.87 -3.08 0.81
C GLY A 37 -1.89 -3.58 2.25
N ILE A 38 -3.06 -3.51 2.87
CA ILE A 38 -3.22 -3.96 4.25
C ILE A 38 -3.22 -5.48 4.35
N PHE A 39 -2.06 -6.04 4.69
CA PHE A 39 -1.91 -7.48 4.81
C PHE A 39 -1.71 -7.88 6.27
N CYS A 40 -1.87 -9.17 6.54
CA CYS A 40 -1.70 -9.69 7.90
C CYS A 40 -0.26 -9.54 8.37
N LEU A 41 0.03 -10.05 9.56
CA LEU A 41 1.37 -9.98 10.11
C LEU A 41 2.34 -10.85 9.33
N GLU A 42 1.91 -12.07 9.02
CA GLU A 42 2.73 -13.02 8.27
C GLU A 42 2.97 -12.51 6.85
N HIS A 43 2.07 -11.66 6.37
CA HIS A 43 2.18 -11.11 5.03
C HIS A 43 2.36 -9.60 5.07
N ARG A 44 2.75 -9.09 6.23
CA ARG A 44 2.96 -7.66 6.42
C ARG A 44 4.19 -7.19 5.65
N SER A 45 5.16 -8.08 5.51
CA SER A 45 6.40 -7.76 4.80
C SER A 45 6.17 -7.75 3.28
N LYS A 46 7.21 -7.36 2.54
CA LYS A 46 7.12 -7.31 1.09
C LYS A 46 7.49 -8.66 0.48
N ASP A 47 8.72 -9.09 0.72
CA ASP A 47 9.20 -10.37 0.19
C ASP A 47 8.14 -11.46 0.36
N SER A 48 7.50 -11.47 1.52
CA SER A 48 6.47 -12.46 1.81
C SER A 48 5.50 -12.60 0.65
N HIS A 49 5.10 -11.46 0.08
CA HIS A 49 4.18 -11.45 -1.05
C HIS A 49 4.85 -10.90 -2.30
N GLY A 50 6.17 -11.06 -2.37
CA GLY A 50 6.91 -10.58 -3.53
C GLY A 50 6.40 -9.24 -4.02
N CYS A 51 6.11 -8.33 -3.10
CA CYS A 51 5.61 -7.01 -3.44
C CYS A 51 6.23 -6.53 -4.76
N SER A 52 5.42 -5.83 -5.55
CA SER A 52 5.89 -5.31 -6.83
C SER A 52 6.65 -4.01 -6.65
N GLU A 53 6.36 -3.30 -5.56
CA GLU A 53 7.03 -2.04 -5.27
C GLU A 53 6.96 -1.10 -6.47
N VAL A 54 5.76 -0.90 -7.01
CA VAL A 54 5.57 -0.03 -8.15
C VAL A 54 5.09 1.35 -7.72
N ASN A 55 4.48 1.42 -6.53
CA ASN A 55 3.97 2.68 -6.00
C ASN A 55 5.12 3.65 -5.74
N VAL A 56 6.17 3.16 -5.10
CA VAL A 56 7.33 3.98 -4.79
C VAL A 56 8.51 3.65 -5.70
N VAL A 57 8.75 4.52 -6.67
CA VAL A 57 9.85 4.32 -7.62
C VAL A 57 11.13 4.95 -7.10
N LYS A 58 12.26 4.30 -7.39
CA LYS A 58 13.56 4.79 -6.96
C LYS A 58 13.65 6.30 -7.10
N GLU A 59 14.50 6.92 -6.30
CA GLU A 59 14.68 8.37 -6.33
C GLU A 59 14.64 8.89 -7.77
N ARG A 60 14.23 10.15 -7.93
CA ARG A 60 14.16 10.76 -9.24
C ARG A 60 13.17 10.00 -10.14
N PRO A 61 11.94 9.80 -9.64
CA PRO A 61 10.89 9.08 -10.38
C PRO A 61 10.39 9.89 -11.58
N LYS A 62 10.92 11.09 -11.74
CA LYS A 62 10.52 11.95 -12.84
C LYS A 62 11.15 11.49 -14.15
N THR A 63 10.34 11.47 -15.21
CA THR A 63 10.83 11.05 -16.52
C THR A 63 11.48 12.21 -17.27
N ASP A 64 12.79 12.10 -17.48
CA ASP A 64 13.53 13.14 -18.19
C ASP A 64 12.67 13.78 -19.28
N GLU A 65 12.85 15.08 -19.47
CA GLU A 65 12.08 15.82 -20.48
C GLU A 65 10.58 15.55 -20.33
N HIS A 66 10.09 15.70 -19.11
CA HIS A 66 8.67 15.49 -18.82
C HIS A 66 7.84 16.71 -19.22
N LYS A 67 6.88 16.50 -20.10
CA LYS A 67 6.02 17.59 -20.56
C LYS A 67 4.59 17.39 -20.06
N SER A 68 4.19 18.21 -19.08
CA SER A 68 2.86 18.13 -18.52
C SER A 68 2.25 19.52 -18.36
N TYR A 69 0.95 19.62 -18.61
CA TYR A 69 0.25 20.89 -18.50
C TYR A 69 -0.21 21.14 -17.07
N SER A 70 -0.43 22.40 -16.73
CA SER A 70 -0.87 22.78 -15.40
C SER A 70 -1.64 24.10 -15.42
N GLY A 71 -2.50 24.30 -14.42
CA GLY A 71 -3.28 25.52 -14.36
C GLY A 71 -4.74 25.26 -14.04
N PRO A 72 -5.39 26.23 -13.40
CA PRO A 72 -6.81 26.12 -13.02
C PRO A 72 -7.73 26.17 -14.24
N SER A 73 -7.51 27.15 -15.10
CA SER A 73 -8.33 27.32 -16.30
C SER A 73 -9.81 27.35 -15.96
N SER A 74 -10.14 28.09 -14.90
CA SER A 74 -11.53 28.19 -14.45
C SER A 74 -11.97 29.65 -14.40
N GLY A 75 -13.28 29.88 -14.47
CA GLY A 75 -13.81 31.22 -14.43
C GLY A 75 -15.10 31.37 -15.19
N GLY A 1 -52.69 7.04 1.43
CA GLY A 1 -51.69 6.16 2.02
C GLY A 1 -50.55 6.93 2.65
N SER A 2 -49.33 6.47 2.40
CA SER A 2 -48.14 7.11 2.95
C SER A 2 -46.87 6.54 2.34
N SER A 3 -45.80 7.35 2.33
CA SER A 3 -44.53 6.91 1.76
C SER A 3 -43.36 7.51 2.54
N GLY A 4 -42.17 6.98 2.31
CA GLY A 4 -40.99 7.48 2.99
C GLY A 4 -39.71 6.81 2.50
N SER A 5 -38.87 7.59 1.82
CA SER A 5 -37.62 7.08 1.29
C SER A 5 -36.72 6.58 2.42
N SER A 6 -35.66 5.87 2.05
CA SER A 6 -34.72 5.34 3.04
C SER A 6 -33.28 5.45 2.53
N GLY A 7 -32.32 5.32 3.45
CA GLY A 7 -30.92 5.41 3.08
C GLY A 7 -30.23 4.06 3.08
N MET A 8 -29.15 3.96 2.32
CA MET A 8 -28.40 2.70 2.25
C MET A 8 -26.89 2.97 2.34
N ALA A 9 -26.27 2.42 3.39
CA ALA A 9 -24.84 2.59 3.59
C ALA A 9 -24.32 1.63 4.64
N GLU A 10 -23.21 0.96 4.33
CA GLU A 10 -22.61 -0.01 5.25
C GLU A 10 -21.10 -0.03 5.10
N LEU A 11 -20.39 0.21 6.21
CA LEU A 11 -18.93 0.21 6.19
C LEU A 11 -18.38 -0.20 7.55
N ASP A 12 -17.42 -1.12 7.54
CA ASP A 12 -16.81 -1.61 8.77
C ASP A 12 -15.37 -1.10 8.90
N ILE A 13 -14.80 -1.24 10.09
CA ILE A 13 -13.44 -0.80 10.34
C ILE A 13 -12.49 -1.98 10.49
N GLY A 14 -11.48 -2.04 9.63
CA GLY A 14 -10.52 -3.13 9.70
C GLY A 14 -10.36 -3.83 8.36
N GLN A 15 -9.55 -3.24 7.48
CA GLN A 15 -9.32 -3.82 6.16
C GLN A 15 -8.83 -5.26 6.27
N HIS A 16 -8.99 -6.02 5.19
CA HIS A 16 -8.55 -7.41 5.17
C HIS A 16 -7.27 -7.58 4.37
N CYS A 17 -6.75 -8.81 4.33
CA CYS A 17 -5.53 -9.09 3.60
C CYS A 17 -5.80 -9.24 2.10
N GLN A 18 -5.32 -8.27 1.33
CA GLN A 18 -5.51 -8.29 -0.12
C GLN A 18 -5.17 -9.66 -0.70
N VAL A 19 -4.15 -10.29 -0.14
CA VAL A 19 -3.72 -11.61 -0.60
C VAL A 19 -4.87 -12.61 -0.54
N GLN A 20 -5.02 -13.39 -1.61
CA GLN A 20 -6.09 -14.38 -1.69
C GLN A 20 -5.64 -15.70 -1.04
N HIS A 21 -4.69 -16.37 -1.68
CA HIS A 21 -4.18 -17.64 -1.18
C HIS A 21 -4.07 -17.61 0.34
N CYS A 22 -3.84 -16.42 0.89
CA CYS A 22 -3.71 -16.26 2.34
C CYS A 22 -4.95 -16.79 3.05
N ARG A 23 -4.73 -17.71 4.00
CA ARG A 23 -5.83 -18.30 4.76
C ARG A 23 -5.72 -17.94 6.23
N GLN A 24 -5.33 -16.71 6.52
CA GLN A 24 -5.17 -16.26 7.89
C GLN A 24 -6.52 -15.80 8.46
N ARG A 25 -6.67 -15.93 9.78
CA ARG A 25 -7.90 -15.54 10.45
C ARG A 25 -7.60 -14.88 11.79
N ASP A 26 -8.28 -13.77 12.07
CA ASP A 26 -8.08 -13.04 13.31
C ASP A 26 -6.72 -12.36 13.34
N PHE A 27 -6.37 -11.72 12.23
CA PHE A 27 -5.09 -11.02 12.13
C PHE A 27 -5.28 -9.51 12.29
N LEU A 28 -4.18 -8.79 12.40
CA LEU A 28 -4.21 -7.34 12.57
C LEU A 28 -3.90 -6.64 11.25
N PRO A 29 -4.60 -5.54 10.98
CA PRO A 29 -4.41 -4.75 9.75
C PRO A 29 -3.08 -4.00 9.76
N PHE A 30 -2.27 -4.26 8.74
CA PHE A 30 -0.97 -3.62 8.62
C PHE A 30 -0.73 -3.12 7.19
N VAL A 31 -1.04 -1.86 6.94
CA VAL A 31 -0.86 -1.27 5.63
C VAL A 31 0.57 -1.44 5.13
N CYS A 32 0.74 -2.27 4.11
CA CYS A 32 2.06 -2.52 3.55
C CYS A 32 2.69 -1.23 3.03
N ASP A 33 3.91 -0.96 3.46
CA ASP A 33 4.63 0.24 3.04
C ASP A 33 5.31 0.03 1.69
N GLY A 34 4.64 -0.72 0.82
CA GLY A 34 5.19 -0.99 -0.50
C GLY A 34 4.17 -0.84 -1.60
N CYS A 35 3.01 -1.46 -1.42
CA CYS A 35 1.93 -1.39 -2.40
C CYS A 35 0.65 -0.87 -1.77
N SER A 36 0.77 -0.28 -0.58
CA SER A 36 -0.39 0.25 0.12
C SER A 36 -1.47 -0.81 0.28
N GLY A 37 -1.06 -1.99 0.75
CA GLY A 37 -2.01 -3.09 0.94
C GLY A 37 -2.01 -3.61 2.36
N ILE A 38 -3.16 -3.55 3.01
CA ILE A 38 -3.29 -4.01 4.39
C ILE A 38 -3.20 -5.53 4.46
N PHE A 39 -2.00 -6.04 4.74
CA PHE A 39 -1.77 -7.48 4.84
C PHE A 39 -1.58 -7.90 6.29
N CYS A 40 -1.69 -9.20 6.54
CA CYS A 40 -1.53 -9.73 7.89
C CYS A 40 -0.06 -9.71 8.31
N LEU A 41 0.18 -9.67 9.61
CA LEU A 41 1.54 -9.64 10.14
C LEU A 41 2.41 -10.67 9.43
N GLU A 42 1.81 -11.78 9.03
CA GLU A 42 2.54 -12.84 8.34
C GLU A 42 2.89 -12.42 6.92
N HIS A 43 1.96 -11.72 6.27
CA HIS A 43 2.18 -11.26 4.90
C HIS A 43 2.48 -9.77 4.86
N ARG A 44 2.94 -9.24 5.99
CA ARG A 44 3.26 -7.81 6.10
C ARG A 44 4.58 -7.51 5.39
N SER A 45 5.53 -8.45 5.48
CA SER A 45 6.83 -8.27 4.86
C SER A 45 6.70 -8.13 3.34
N LYS A 46 7.71 -7.52 2.73
CA LYS A 46 7.70 -7.32 1.28
C LYS A 46 8.39 -8.48 0.57
N ASP A 47 8.17 -9.70 1.05
CA ASP A 47 8.76 -10.88 0.46
C ASP A 47 7.73 -11.99 0.29
N SER A 48 6.86 -12.14 1.30
CA SER A 48 5.82 -13.17 1.25
C SER A 48 4.90 -12.96 0.07
N HIS A 49 4.74 -11.70 -0.34
CA HIS A 49 3.88 -11.35 -1.48
C HIS A 49 4.68 -10.67 -2.58
N GLY A 50 5.96 -11.02 -2.69
CA GLY A 50 6.80 -10.43 -3.70
C GLY A 50 6.44 -8.99 -4.00
N CYS A 51 6.36 -8.18 -2.94
CA CYS A 51 6.03 -6.77 -3.08
C CYS A 51 6.81 -6.14 -4.24
N SER A 52 6.10 -5.38 -5.07
CA SER A 52 6.72 -4.72 -6.21
C SER A 52 7.65 -3.61 -5.76
N GLU A 53 7.36 -3.03 -4.59
CA GLU A 53 8.18 -1.96 -4.05
C GLU A 53 8.31 -0.81 -5.05
N VAL A 54 7.20 -0.42 -5.65
CA VAL A 54 7.19 0.66 -6.62
C VAL A 54 6.97 2.01 -5.95
N ASN A 55 6.15 2.02 -4.89
CA ASN A 55 5.86 3.24 -4.16
C ASN A 55 7.14 3.87 -3.62
N VAL A 56 8.02 3.03 -3.08
CA VAL A 56 9.28 3.51 -2.53
C VAL A 56 10.47 2.95 -3.32
N VAL A 57 11.12 3.82 -4.09
CA VAL A 57 12.26 3.41 -4.89
C VAL A 57 13.57 3.85 -4.24
N LYS A 58 14.58 3.00 -4.31
CA LYS A 58 15.88 3.31 -3.74
C LYS A 58 16.54 4.47 -4.46
N GLU A 59 16.65 5.61 -3.77
CA GLU A 59 17.26 6.80 -4.34
C GLU A 59 18.45 6.43 -5.23
N ARG A 60 18.57 7.11 -6.36
CA ARG A 60 19.66 6.86 -7.29
C ARG A 60 20.96 7.50 -6.80
N PRO A 61 22.06 6.75 -6.90
CA PRO A 61 23.38 7.21 -6.47
C PRO A 61 23.93 8.31 -7.37
N LYS A 62 24.65 9.26 -6.78
CA LYS A 62 25.23 10.37 -7.54
C LYS A 62 26.59 9.97 -8.10
N THR A 63 26.95 10.57 -9.23
CA THR A 63 28.24 10.30 -9.87
C THR A 63 28.86 11.57 -10.43
N ASP A 64 30.16 11.75 -10.19
CA ASP A 64 30.87 12.92 -10.67
C ASP A 64 31.35 12.72 -12.09
N GLU A 65 31.01 13.65 -12.98
CA GLU A 65 31.41 13.56 -14.38
C GLU A 65 32.90 13.78 -14.53
N HIS A 66 33.46 13.28 -15.62
CA HIS A 66 34.90 13.43 -15.90
C HIS A 66 35.39 14.81 -15.49
N LYS A 67 36.67 14.91 -15.17
CA LYS A 67 37.27 16.17 -14.77
C LYS A 67 37.91 16.88 -15.97
N SER A 68 38.42 18.09 -15.73
CA SER A 68 39.05 18.87 -16.79
C SER A 68 40.09 18.04 -17.53
N TYR A 69 40.45 18.48 -18.73
CA TYR A 69 41.43 17.78 -19.55
C TYR A 69 42.48 17.09 -18.67
N SER A 70 42.74 15.82 -18.96
CA SER A 70 43.71 15.04 -18.20
C SER A 70 44.85 14.56 -19.09
N GLY A 71 45.84 13.92 -18.49
CA GLY A 71 46.98 13.42 -19.24
C GLY A 71 46.57 12.41 -20.30
N PRO A 72 47.02 12.63 -21.55
CA PRO A 72 46.72 11.74 -22.67
C PRO A 72 47.42 10.38 -22.55
N SER A 73 46.98 9.44 -23.36
CA SER A 73 47.56 8.09 -23.33
C SER A 73 48.66 7.96 -24.38
N SER A 74 49.32 6.81 -24.39
CA SER A 74 50.41 6.56 -25.34
C SER A 74 50.09 5.35 -26.22
N GLY A 75 50.32 5.48 -27.52
CA GLY A 75 50.05 4.40 -28.44
C GLY A 75 50.70 4.61 -29.79
N GLY A 1 -42.16 1.74 -17.51
CA GLY A 1 -41.76 1.42 -16.16
C GLY A 1 -40.29 1.05 -16.06
N SER A 2 -39.79 0.96 -14.84
CA SER A 2 -38.38 0.63 -14.61
C SER A 2 -38.13 0.34 -13.13
N SER A 3 -37.21 -0.58 -12.87
CA SER A 3 -36.87 -0.94 -11.49
C SER A 3 -35.38 -1.28 -11.38
N GLY A 4 -34.93 -1.49 -10.14
CA GLY A 4 -33.53 -1.83 -9.92
C GLY A 4 -33.10 -1.58 -8.48
N SER A 5 -32.51 -2.58 -7.86
CA SER A 5 -32.06 -2.47 -6.48
C SER A 5 -30.73 -3.20 -6.28
N SER A 6 -29.91 -2.69 -5.37
CA SER A 6 -28.62 -3.30 -5.08
C SER A 6 -28.27 -3.17 -3.60
N GLY A 7 -27.30 -3.97 -3.15
CA GLY A 7 -26.90 -3.93 -1.75
C GLY A 7 -27.46 -5.08 -0.95
N MET A 8 -27.33 -4.99 0.37
CA MET A 8 -27.82 -6.04 1.26
C MET A 8 -27.09 -7.35 1.01
N ALA A 9 -25.78 -7.27 0.82
CA ALA A 9 -24.97 -8.46 0.58
C ALA A 9 -24.99 -9.40 1.78
N GLU A 10 -25.45 -8.89 2.92
CA GLU A 10 -25.53 -9.68 4.14
C GLU A 10 -24.14 -10.12 4.59
N LEU A 11 -23.14 -9.28 4.33
CA LEU A 11 -21.76 -9.58 4.71
C LEU A 11 -21.04 -8.31 5.15
N ASP A 12 -20.69 -8.25 6.43
CA ASP A 12 -19.99 -7.10 6.98
C ASP A 12 -18.51 -7.42 7.21
N ILE A 13 -17.73 -7.34 6.15
CA ILE A 13 -16.30 -7.62 6.23
C ILE A 13 -15.48 -6.34 6.08
N GLY A 14 -14.82 -5.94 7.16
CA GLY A 14 -14.00 -4.73 7.13
C GLY A 14 -12.75 -4.91 6.30
N GLN A 15 -11.60 -4.61 6.89
CA GLN A 15 -10.33 -4.73 6.20
C GLN A 15 -9.89 -6.18 6.10
N HIS A 16 -9.41 -6.57 4.92
CA HIS A 16 -8.96 -7.95 4.71
C HIS A 16 -7.62 -7.97 3.98
N CYS A 17 -6.91 -9.10 4.09
CA CYS A 17 -5.62 -9.24 3.45
C CYS A 17 -5.76 -9.36 1.94
N GLN A 18 -5.37 -8.31 1.23
CA GLN A 18 -5.45 -8.30 -0.23
C GLN A 18 -5.02 -9.63 -0.81
N VAL A 19 -4.06 -10.28 -0.16
CA VAL A 19 -3.56 -11.57 -0.60
C VAL A 19 -4.68 -12.61 -0.63
N GLN A 20 -4.81 -13.29 -1.77
CA GLN A 20 -5.84 -14.30 -1.93
C GLN A 20 -5.43 -15.61 -1.26
N HIS A 21 -4.50 -16.33 -1.89
CA HIS A 21 -4.01 -17.59 -1.35
C HIS A 21 -4.00 -17.56 0.17
N CYS A 22 -3.69 -16.40 0.74
CA CYS A 22 -3.64 -16.24 2.19
C CYS A 22 -4.88 -16.84 2.84
N ARG A 23 -4.67 -17.74 3.80
CA ARG A 23 -5.76 -18.39 4.50
C ARG A 23 -5.93 -17.80 5.90
N GLN A 24 -5.68 -16.51 6.03
CA GLN A 24 -5.80 -15.82 7.32
C GLN A 24 -7.06 -14.97 7.35
N ARG A 25 -7.78 -15.03 8.47
CA ARG A 25 -9.00 -14.26 8.64
C ARG A 25 -8.92 -13.35 9.85
N ASP A 26 -8.46 -13.91 10.97
CA ASP A 26 -8.32 -13.14 12.20
C ASP A 26 -6.88 -12.66 12.39
N PHE A 27 -6.55 -11.52 11.79
CA PHE A 27 -5.22 -10.97 11.88
C PHE A 27 -5.27 -9.47 12.13
N LEU A 28 -4.10 -8.85 12.26
CA LEU A 28 -4.01 -7.41 12.50
C LEU A 28 -3.71 -6.65 11.21
N PRO A 29 -4.35 -5.49 11.04
CA PRO A 29 -4.16 -4.65 9.86
C PRO A 29 -2.78 -4.01 9.81
N PHE A 30 -2.01 -4.35 8.78
CA PHE A 30 -0.66 -3.80 8.62
C PHE A 30 -0.45 -3.29 7.21
N VAL A 31 -0.65 -1.99 7.01
CA VAL A 31 -0.49 -1.37 5.70
C VAL A 31 0.91 -1.65 5.14
N CYS A 32 0.96 -2.39 4.05
CA CYS A 32 2.23 -2.72 3.42
C CYS A 32 2.98 -1.46 3.02
N ASP A 33 4.28 -1.43 3.32
CA ASP A 33 5.11 -0.28 3.00
C ASP A 33 5.59 -0.35 1.55
N GLY A 34 4.72 -0.84 0.67
CA GLY A 34 5.08 -0.96 -0.74
C GLY A 34 3.92 -0.64 -1.66
N CYS A 35 2.92 -1.52 -1.66
CA CYS A 35 1.74 -1.34 -2.50
C CYS A 35 0.58 -0.73 -1.71
N SER A 36 0.88 -0.31 -0.48
CA SER A 36 -0.13 0.29 0.39
C SER A 36 -1.26 -0.70 0.65
N GLY A 37 -0.93 -1.99 0.66
CA GLY A 37 -1.93 -3.02 0.90
C GLY A 37 -1.91 -3.51 2.33
N ILE A 38 -3.06 -3.45 3.00
CA ILE A 38 -3.18 -3.90 4.37
C ILE A 38 -3.23 -5.42 4.45
N PHE A 39 -2.08 -6.03 4.73
CA PHE A 39 -2.00 -7.49 4.84
C PHE A 39 -1.76 -7.91 6.28
N CYS A 40 -1.90 -9.21 6.53
CA CYS A 40 -1.70 -9.75 7.87
C CYS A 40 -0.25 -9.60 8.31
N LEU A 41 0.05 -10.08 9.51
CA LEU A 41 1.41 -10.01 10.06
C LEU A 41 2.37 -10.85 9.23
N GLU A 42 1.97 -12.08 8.93
CA GLU A 42 2.79 -12.99 8.14
C GLU A 42 3.03 -12.44 6.74
N HIS A 43 2.03 -11.74 6.22
CA HIS A 43 2.12 -11.17 4.88
C HIS A 43 2.33 -9.65 4.96
N ARG A 44 2.71 -9.18 6.13
CA ARG A 44 2.94 -7.75 6.33
C ARG A 44 4.16 -7.28 5.53
N SER A 45 5.20 -8.10 5.51
CA SER A 45 6.43 -7.76 4.80
C SER A 45 6.20 -7.83 3.28
N LYS A 46 7.05 -7.13 2.54
CA LYS A 46 6.95 -7.12 1.08
C LYS A 46 7.44 -8.44 0.48
N ASP A 47 8.70 -8.77 0.75
CA ASP A 47 9.29 -10.00 0.24
C ASP A 47 8.36 -11.18 0.48
N SER A 48 7.70 -11.19 1.64
CA SER A 48 6.80 -12.27 1.99
C SER A 48 5.78 -12.52 0.87
N HIS A 49 5.15 -11.43 0.41
CA HIS A 49 4.16 -11.53 -0.65
C HIS A 49 4.75 -11.04 -1.98
N GLY A 50 6.06 -11.18 -2.12
CA GLY A 50 6.71 -10.76 -3.35
C GLY A 50 6.13 -9.48 -3.91
N CYS A 51 5.88 -8.51 -3.03
CA CYS A 51 5.31 -7.23 -3.44
C CYS A 51 5.80 -6.84 -4.84
N SER A 52 4.94 -6.19 -5.60
CA SER A 52 5.28 -5.76 -6.96
C SER A 52 6.31 -4.64 -6.92
N GLU A 53 6.40 -3.96 -5.78
CA GLU A 53 7.35 -2.87 -5.62
C GLU A 53 7.28 -1.91 -6.81
N VAL A 54 6.06 -1.54 -7.19
CA VAL A 54 5.86 -0.63 -8.31
C VAL A 54 5.71 0.81 -7.82
N ASN A 55 5.43 0.97 -6.53
CA ASN A 55 5.27 2.29 -5.94
C ASN A 55 6.62 2.96 -5.74
N VAL A 56 7.55 2.23 -5.13
CA VAL A 56 8.89 2.75 -4.87
C VAL A 56 9.62 3.06 -6.17
N VAL A 57 9.22 4.15 -6.83
CA VAL A 57 9.84 4.55 -8.09
C VAL A 57 10.08 6.05 -8.11
N LYS A 58 11.28 6.45 -8.52
CA LYS A 58 11.65 7.86 -8.59
C LYS A 58 11.73 8.31 -10.05
N GLU A 59 10.97 9.35 -10.39
CA GLU A 59 10.97 9.89 -11.75
C GLU A 59 11.66 11.25 -11.79
N ARG A 60 12.40 11.50 -12.86
CA ARG A 60 13.10 12.76 -13.03
C ARG A 60 12.22 13.94 -12.62
N PRO A 61 12.68 14.70 -11.61
CA PRO A 61 11.94 15.86 -11.11
C PRO A 61 11.93 17.01 -12.10
N LYS A 62 10.81 17.72 -12.17
CA LYS A 62 10.66 18.84 -13.08
C LYS A 62 11.00 20.16 -12.37
N THR A 63 11.79 20.99 -13.04
CA THR A 63 12.19 22.28 -12.48
C THR A 63 12.23 23.36 -13.55
N ASP A 64 12.03 24.60 -13.14
CA ASP A 64 12.04 25.73 -14.07
C ASP A 64 13.38 25.83 -14.79
N GLU A 65 13.37 25.56 -16.09
CA GLU A 65 14.59 25.62 -16.88
C GLU A 65 15.43 26.85 -16.51
N HIS A 66 16.73 26.65 -16.40
CA HIS A 66 17.64 27.73 -16.04
C HIS A 66 18.89 27.70 -16.93
N LYS A 67 19.54 28.85 -17.05
CA LYS A 67 20.75 28.96 -17.86
C LYS A 67 21.99 29.07 -16.99
N SER A 68 23.16 28.99 -17.61
CA SER A 68 24.43 29.09 -16.88
C SER A 68 25.46 29.87 -17.69
N TYR A 69 26.34 30.56 -16.99
CA TYR A 69 27.38 31.35 -17.64
C TYR A 69 28.74 30.66 -17.53
N SER A 70 29.76 31.26 -18.13
CA SER A 70 31.10 30.71 -18.11
C SER A 70 32.13 31.78 -17.76
N GLY A 71 33.37 31.36 -17.57
CA GLY A 71 34.43 32.29 -17.23
C GLY A 71 35.63 32.16 -18.16
N PRO A 72 36.43 33.23 -18.24
CA PRO A 72 37.63 33.26 -19.09
C PRO A 72 38.74 32.35 -18.56
N SER A 73 39.88 32.36 -19.24
CA SER A 73 41.01 31.54 -18.84
C SER A 73 42.33 32.30 -19.02
N SER A 74 43.42 31.67 -18.60
CA SER A 74 44.74 32.30 -18.72
C SER A 74 45.76 31.31 -19.27
N GLY A 75 46.77 31.83 -19.96
CA GLY A 75 47.79 30.98 -20.54
C GLY A 75 49.03 30.90 -19.68
N GLY A 1 -31.67 24.75 22.31
CA GLY A 1 -32.04 23.96 21.17
C GLY A 1 -30.94 22.99 20.76
N SER A 2 -29.79 23.52 20.39
CA SER A 2 -28.66 22.70 19.96
C SER A 2 -27.74 22.39 21.15
N SER A 3 -27.74 21.14 21.57
CA SER A 3 -26.91 20.70 22.69
C SER A 3 -26.64 19.21 22.64
N GLY A 4 -25.40 18.84 22.30
CA GLY A 4 -25.04 17.43 22.22
C GLY A 4 -24.04 17.16 21.12
N SER A 5 -23.68 15.88 20.96
CA SER A 5 -22.71 15.49 19.94
C SER A 5 -23.31 14.46 18.99
N SER A 6 -23.77 14.92 17.83
CA SER A 6 -24.37 14.04 16.84
C SER A 6 -23.30 13.48 15.90
N GLY A 7 -22.88 12.24 16.16
CA GLY A 7 -21.87 11.61 15.33
C GLY A 7 -22.14 11.79 13.85
N MET A 8 -21.19 12.39 13.14
CA MET A 8 -21.33 12.61 11.71
C MET A 8 -20.61 11.53 10.91
N ALA A 9 -19.34 11.31 11.25
CA ALA A 9 -18.54 10.30 10.56
C ALA A 9 -18.78 8.92 11.14
N GLU A 10 -18.72 7.90 10.29
CA GLU A 10 -18.94 6.52 10.72
C GLU A 10 -18.02 5.57 9.97
N LEU A 11 -17.34 4.70 10.71
CA LEU A 11 -16.43 3.73 10.11
C LEU A 11 -16.10 2.62 11.09
N ASP A 12 -16.20 1.38 10.63
CA ASP A 12 -15.91 0.22 11.47
C ASP A 12 -14.67 -0.51 10.98
N ILE A 13 -13.98 -1.18 11.90
CA ILE A 13 -12.77 -1.92 11.55
C ILE A 13 -13.09 -3.13 10.69
N GLY A 14 -12.78 -3.03 9.40
CA GLY A 14 -13.03 -4.13 8.49
C GLY A 14 -11.94 -4.30 7.46
N GLN A 15 -10.70 -4.45 7.94
CA GLN A 15 -9.55 -4.63 7.06
C GLN A 15 -9.43 -6.08 6.61
N HIS A 16 -8.78 -6.29 5.47
CA HIS A 16 -8.60 -7.63 4.92
C HIS A 16 -7.27 -7.74 4.20
N CYS A 17 -6.71 -8.95 4.16
CA CYS A 17 -5.44 -9.19 3.50
C CYS A 17 -5.62 -9.32 1.99
N GLN A 18 -5.25 -8.26 1.26
CA GLN A 18 -5.39 -8.25 -0.19
C GLN A 18 -5.01 -9.61 -0.78
N VAL A 19 -4.00 -10.24 -0.20
CA VAL A 19 -3.55 -11.55 -0.66
C VAL A 19 -4.71 -12.52 -0.78
N GLN A 20 -4.57 -13.50 -1.66
CA GLN A 20 -5.62 -14.50 -1.87
C GLN A 20 -5.29 -15.80 -1.14
N HIS A 21 -4.33 -16.55 -1.67
CA HIS A 21 -3.92 -17.81 -1.06
C HIS A 21 -3.98 -17.73 0.45
N CYS A 22 -3.74 -16.53 1.00
CA CYS A 22 -3.77 -16.32 2.44
C CYS A 22 -5.11 -16.77 3.02
N ARG A 23 -5.05 -17.49 4.13
CA ARG A 23 -6.25 -17.97 4.80
C ARG A 23 -6.26 -17.58 6.27
N GLN A 24 -5.83 -16.35 6.55
CA GLN A 24 -5.80 -15.85 7.91
C GLN A 24 -7.16 -15.31 8.34
N ARG A 25 -7.74 -15.93 9.36
CA ARG A 25 -9.04 -15.51 9.86
C ARG A 25 -8.91 -14.32 10.80
N ASP A 26 -8.22 -14.53 11.93
CA ASP A 26 -8.03 -13.48 12.92
C ASP A 26 -6.59 -12.96 12.86
N PHE A 27 -6.37 -11.95 12.02
CA PHE A 27 -5.04 -11.36 11.87
C PHE A 27 -5.08 -9.85 12.14
N LEU A 28 -3.91 -9.23 12.11
CA LEU A 28 -3.82 -7.78 12.34
C LEU A 28 -3.53 -7.04 11.04
N PRO A 29 -4.29 -5.96 10.79
CA PRO A 29 -4.13 -5.14 9.59
C PRO A 29 -2.83 -4.35 9.61
N PHE A 30 -2.01 -4.54 8.58
CA PHE A 30 -0.73 -3.85 8.48
C PHE A 30 -0.53 -3.30 7.06
N VAL A 31 -0.71 -1.99 6.91
CA VAL A 31 -0.54 -1.35 5.61
C VAL A 31 0.86 -1.58 5.06
N CYS A 32 0.95 -2.38 4.00
CA CYS A 32 2.23 -2.68 3.37
C CYS A 32 2.94 -1.40 2.93
N ASP A 33 4.19 -1.25 3.32
CA ASP A 33 4.98 -0.08 2.95
C ASP A 33 5.51 -0.21 1.52
N GLY A 34 4.67 -0.70 0.62
CA GLY A 34 5.08 -0.86 -0.76
C GLY A 34 3.96 -0.57 -1.73
N CYS A 35 2.89 -1.35 -1.65
CA CYS A 35 1.74 -1.18 -2.53
C CYS A 35 0.53 -0.66 -1.77
N SER A 36 0.78 -0.17 -0.55
CA SER A 36 -0.28 0.36 0.29
C SER A 36 -1.38 -0.69 0.51
N GLY A 37 -0.97 -1.94 0.69
CA GLY A 37 -1.92 -3.01 0.90
C GLY A 37 -1.90 -3.53 2.32
N ILE A 38 -3.03 -3.45 3.00
CA ILE A 38 -3.14 -3.92 4.37
C ILE A 38 -3.16 -5.44 4.43
N PHE A 39 -2.03 -6.03 4.81
CA PHE A 39 -1.92 -7.48 4.91
C PHE A 39 -1.69 -7.91 6.36
N CYS A 40 -1.89 -9.19 6.63
CA CYS A 40 -1.71 -9.73 7.97
C CYS A 40 -0.25 -9.60 8.41
N LEU A 41 0.03 -10.02 9.64
CA LEU A 41 1.38 -9.96 10.19
C LEU A 41 2.33 -10.82 9.38
N GLU A 42 1.94 -12.07 9.13
CA GLU A 42 2.76 -12.99 8.36
C GLU A 42 3.01 -12.47 6.95
N HIS A 43 2.01 -11.78 6.40
CA HIS A 43 2.12 -11.22 5.06
C HIS A 43 2.34 -9.71 5.11
N ARG A 44 2.75 -9.22 6.28
CA ARG A 44 2.99 -7.79 6.46
C ARG A 44 4.21 -7.34 5.65
N SER A 45 5.22 -8.20 5.59
CA SER A 45 6.44 -7.90 4.86
C SER A 45 6.20 -7.94 3.36
N LYS A 46 7.12 -7.36 2.59
CA LYS A 46 7.02 -7.32 1.14
C LYS A 46 7.48 -8.65 0.53
N ASP A 47 8.73 -9.00 0.78
CA ASP A 47 9.29 -10.25 0.26
C ASP A 47 8.28 -11.39 0.39
N SER A 48 7.56 -11.42 1.50
CA SER A 48 6.57 -12.46 1.75
C SER A 48 5.59 -12.56 0.59
N HIS A 49 5.11 -11.42 0.12
CA HIS A 49 4.17 -11.38 -0.99
C HIS A 49 4.82 -10.79 -2.24
N GLY A 50 6.12 -11.04 -2.39
CA GLY A 50 6.84 -10.54 -3.55
C GLY A 50 6.34 -9.18 -3.99
N CYS A 51 6.09 -8.30 -3.03
CA CYS A 51 5.60 -6.96 -3.33
C CYS A 51 6.17 -6.45 -4.65
N SER A 52 5.35 -5.75 -5.42
CA SER A 52 5.78 -5.21 -6.71
C SER A 52 6.72 -4.02 -6.50
N GLU A 53 6.64 -3.41 -5.33
CA GLU A 53 7.47 -2.26 -5.01
C GLU A 53 7.27 -1.13 -6.03
N VAL A 54 6.01 -0.82 -6.31
CA VAL A 54 5.67 0.22 -7.26
C VAL A 54 6.02 1.60 -6.70
N ASN A 55 5.55 1.88 -5.49
CA ASN A 55 5.82 3.16 -4.84
C ASN A 55 7.23 3.22 -4.30
N VAL A 56 7.69 2.12 -3.72
CA VAL A 56 9.04 2.05 -3.16
C VAL A 56 10.06 1.64 -4.23
N VAL A 57 10.37 2.58 -5.11
CA VAL A 57 11.33 2.33 -6.19
C VAL A 57 12.76 2.35 -5.65
N LYS A 58 13.61 1.50 -6.23
CA LYS A 58 15.01 1.43 -5.82
C LYS A 58 15.81 2.60 -6.37
N GLU A 59 15.30 3.81 -6.15
CA GLU A 59 15.96 5.02 -6.63
C GLU A 59 16.35 5.93 -5.47
N ARG A 60 17.47 5.62 -4.83
CA ARG A 60 17.95 6.40 -3.70
C ARG A 60 19.12 7.30 -4.13
N PRO A 61 19.19 8.48 -3.50
CA PRO A 61 20.25 9.46 -3.79
C PRO A 61 21.62 9.00 -3.30
N LYS A 62 22.61 9.88 -3.41
CA LYS A 62 23.97 9.56 -2.99
C LYS A 62 23.95 8.70 -1.73
N THR A 63 24.89 7.76 -1.65
CA THR A 63 24.98 6.87 -0.50
C THR A 63 24.87 7.64 0.80
N ASP A 64 23.87 7.29 1.61
CA ASP A 64 23.66 7.96 2.90
C ASP A 64 24.08 7.06 4.05
N GLU A 65 24.01 7.60 5.27
CA GLU A 65 24.38 6.84 6.46
C GLU A 65 23.96 5.38 6.32
N HIS A 66 24.93 4.48 6.47
CA HIS A 66 24.66 3.04 6.38
C HIS A 66 25.21 2.30 7.59
N LYS A 67 24.91 1.01 7.67
CA LYS A 67 25.37 0.19 8.77
C LYS A 67 26.89 0.24 8.90
N SER A 68 27.39 0.00 10.11
CA SER A 68 28.82 0.01 10.37
C SER A 68 29.50 -1.21 9.77
N TYR A 69 30.83 -1.18 9.75
CA TYR A 69 31.61 -2.30 9.20
C TYR A 69 31.06 -3.64 9.70
N SER A 70 30.43 -4.39 8.80
CA SER A 70 29.86 -5.68 9.14
C SER A 70 30.83 -6.81 8.80
N GLY A 71 30.52 -8.02 9.27
CA GLY A 71 31.37 -9.16 9.00
C GLY A 71 31.56 -9.40 7.52
N PRO A 72 32.79 -9.16 7.04
CA PRO A 72 33.13 -9.35 5.62
C PRO A 72 33.17 -10.81 5.24
N SER A 73 33.24 -11.08 3.93
CA SER A 73 33.28 -12.44 3.42
C SER A 73 34.67 -13.06 3.63
N SER A 74 34.72 -14.38 3.73
CA SER A 74 35.97 -15.09 3.93
C SER A 74 36.21 -16.10 2.82
N GLY A 75 37.43 -16.62 2.74
CA GLY A 75 37.76 -17.59 1.72
C GLY A 75 39.18 -18.12 1.87
N GLY A 1 6.50 14.38 -14.45
CA GLY A 1 6.16 15.79 -14.56
C GLY A 1 4.68 16.05 -14.43
N SER A 2 4.13 15.71 -13.27
CA SER A 2 2.70 15.90 -13.01
C SER A 2 2.48 16.67 -11.70
N SER A 3 1.23 16.96 -11.40
CA SER A 3 0.88 17.68 -10.18
C SER A 3 -0.50 17.28 -9.68
N GLY A 4 -0.64 17.23 -8.36
CA GLY A 4 -1.91 16.85 -7.77
C GLY A 4 -2.03 17.28 -6.32
N SER A 5 -2.55 16.39 -5.47
CA SER A 5 -2.72 16.68 -4.05
C SER A 5 -2.67 15.40 -3.23
N SER A 6 -2.73 15.56 -1.91
CA SER A 6 -2.70 14.42 -1.00
C SER A 6 -3.79 14.53 0.06
N GLY A 7 -4.34 13.39 0.46
CA GLY A 7 -5.38 13.38 1.46
C GLY A 7 -5.72 11.98 1.94
N MET A 8 -6.94 11.80 2.44
CA MET A 8 -7.37 10.51 2.94
C MET A 8 -8.90 10.41 2.94
N ALA A 9 -9.41 9.19 2.83
CA ALA A 9 -10.85 8.96 2.82
C ALA A 9 -11.20 7.64 3.49
N GLU A 10 -12.36 7.60 4.14
CA GLU A 10 -12.81 6.39 4.82
C GLU A 10 -14.02 5.79 4.13
N LEU A 11 -13.77 4.95 3.12
CA LEU A 11 -14.83 4.30 2.37
C LEU A 11 -14.69 2.79 2.42
N ASP A 12 -14.38 2.26 3.60
CA ASP A 12 -14.23 0.82 3.78
C ASP A 12 -14.96 0.35 5.03
N ILE A 13 -15.64 -0.79 4.92
CA ILE A 13 -16.38 -1.35 6.04
C ILE A 13 -15.52 -2.33 6.84
N GLY A 14 -14.51 -2.90 6.18
CA GLY A 14 -13.64 -3.84 6.85
C GLY A 14 -12.57 -4.40 5.92
N GLN A 15 -11.49 -3.66 5.75
CA GLN A 15 -10.40 -4.08 4.88
C GLN A 15 -9.84 -5.43 5.33
N HIS A 16 -9.19 -6.13 4.40
CA HIS A 16 -8.62 -7.43 4.70
C HIS A 16 -7.32 -7.65 3.93
N CYS A 17 -6.70 -8.80 4.13
CA CYS A 17 -5.44 -9.12 3.46
C CYS A 17 -5.66 -9.30 1.95
N GLN A 18 -5.25 -8.30 1.18
CA GLN A 18 -5.40 -8.35 -0.27
C GLN A 18 -4.99 -9.70 -0.82
N VAL A 19 -3.98 -10.31 -0.20
CA VAL A 19 -3.49 -11.61 -0.62
C VAL A 19 -4.63 -12.61 -0.76
N GLN A 20 -4.52 -13.49 -1.75
CA GLN A 20 -5.54 -14.50 -2.00
C GLN A 20 -5.20 -15.81 -1.28
N HIS A 21 -4.21 -16.51 -1.80
CA HIS A 21 -3.78 -17.78 -1.21
C HIS A 21 -3.84 -17.72 0.31
N CYS A 22 -3.64 -16.52 0.86
CA CYS A 22 -3.67 -16.33 2.31
C CYS A 22 -4.97 -16.85 2.89
N ARG A 23 -4.92 -17.29 4.15
CA ARG A 23 -6.10 -17.81 4.83
C ARG A 23 -6.22 -17.22 6.23
N GLN A 24 -5.90 -15.93 6.36
CA GLN A 24 -5.98 -15.25 7.64
C GLN A 24 -7.10 -14.21 7.65
N ARG A 25 -7.90 -14.22 8.71
CA ARG A 25 -9.00 -13.27 8.84
C ARG A 25 -8.86 -12.44 10.10
N ASP A 26 -8.90 -13.10 11.25
CA ASP A 26 -8.78 -12.42 12.54
C ASP A 26 -7.33 -12.05 12.82
N PHE A 27 -6.66 -11.47 11.83
CA PHE A 27 -5.27 -11.07 11.97
C PHE A 27 -5.15 -9.57 12.22
N LEU A 28 -3.92 -9.09 12.35
CA LEU A 28 -3.68 -7.67 12.59
C LEU A 28 -3.45 -6.93 11.27
N PRO A 29 -4.24 -5.86 11.05
CA PRO A 29 -4.15 -5.04 9.84
C PRO A 29 -2.86 -4.23 9.79
N PHE A 30 -2.03 -4.50 8.78
CA PHE A 30 -0.77 -3.79 8.62
C PHE A 30 -0.63 -3.25 7.19
N VAL A 31 -0.79 -1.94 7.05
CA VAL A 31 -0.68 -1.30 5.75
C VAL A 31 0.72 -1.46 5.17
N CYS A 32 0.83 -2.28 4.13
CA CYS A 32 2.12 -2.53 3.48
C CYS A 32 2.74 -1.21 3.01
N ASP A 33 3.99 -0.97 3.42
CA ASP A 33 4.70 0.24 3.03
C ASP A 33 5.31 0.09 1.64
N GLY A 34 4.55 -0.52 0.73
CA GLY A 34 5.03 -0.71 -0.62
C GLY A 34 3.93 -0.53 -1.65
N CYS A 35 2.88 -1.34 -1.56
CA CYS A 35 1.77 -1.26 -2.49
C CYS A 35 0.51 -0.74 -1.79
N SER A 36 0.69 -0.14 -0.62
CA SER A 36 -0.42 0.41 0.14
C SER A 36 -1.48 -0.66 0.37
N GLY A 37 -1.05 -1.88 0.66
CA GLY A 37 -1.98 -2.96 0.89
C GLY A 37 -1.93 -3.48 2.32
N ILE A 38 -3.07 -3.44 3.00
CA ILE A 38 -3.15 -3.91 4.37
C ILE A 38 -3.16 -5.44 4.44
N PHE A 39 -2.01 -6.02 4.75
CA PHE A 39 -1.89 -7.47 4.84
C PHE A 39 -1.63 -7.90 6.28
N CYS A 40 -1.79 -9.19 6.54
CA CYS A 40 -1.58 -9.74 7.88
C CYS A 40 -0.12 -9.59 8.30
N LEU A 41 0.17 -9.94 9.55
CA LEU A 41 1.53 -9.86 10.07
C LEU A 41 2.47 -10.76 9.30
N GLU A 42 1.99 -11.95 8.94
CA GLU A 42 2.79 -12.92 8.20
C GLU A 42 3.04 -12.43 6.77
N HIS A 43 2.07 -11.71 6.22
CA HIS A 43 2.17 -11.18 4.87
C HIS A 43 2.38 -9.66 4.88
N ARG A 44 2.86 -9.16 6.02
CA ARG A 44 3.11 -7.72 6.17
C ARG A 44 4.40 -7.32 5.47
N SER A 45 5.39 -8.21 5.50
CA SER A 45 6.68 -7.95 4.87
C SER A 45 6.58 -8.01 3.35
N LYS A 46 7.44 -7.27 2.68
CA LYS A 46 7.45 -7.24 1.22
C LYS A 46 8.24 -8.42 0.66
N ASP A 47 8.08 -9.58 1.27
CA ASP A 47 8.77 -10.78 0.82
C ASP A 47 7.81 -11.95 0.69
N SER A 48 6.85 -12.03 1.62
CA SER A 48 5.86 -13.11 1.61
C SER A 48 4.94 -12.97 0.41
N HIS A 49 4.53 -11.75 0.11
CA HIS A 49 3.63 -11.48 -1.01
C HIS A 49 4.41 -10.90 -2.19
N GLY A 50 5.69 -11.24 -2.28
CA GLY A 50 6.51 -10.74 -3.36
C GLY A 50 6.11 -9.35 -3.80
N CYS A 51 5.93 -8.46 -2.84
CA CYS A 51 5.55 -7.08 -3.12
C CYS A 51 6.16 -6.61 -4.44
N SER A 52 5.37 -5.86 -5.22
CA SER A 52 5.82 -5.35 -6.51
C SER A 52 6.77 -4.17 -6.31
N GLU A 53 6.76 -3.60 -5.12
CA GLU A 53 7.62 -2.46 -4.81
C GLU A 53 7.44 -1.35 -5.84
N VAL A 54 6.19 -0.99 -6.11
CA VAL A 54 5.89 0.06 -7.08
C VAL A 54 6.21 1.44 -6.52
N ASN A 55 6.06 1.58 -5.20
CA ASN A 55 6.33 2.85 -4.54
C ASN A 55 7.82 3.00 -4.23
N VAL A 56 8.49 1.88 -4.03
CA VAL A 56 9.92 1.88 -3.74
C VAL A 56 10.71 2.49 -4.87
N VAL A 57 11.00 3.78 -4.78
CA VAL A 57 11.75 4.48 -5.81
C VAL A 57 11.48 3.90 -7.19
N LYS A 58 10.21 3.71 -7.50
CA LYS A 58 9.81 3.16 -8.79
C LYS A 58 8.52 3.80 -9.28
N GLU A 59 8.42 4.00 -10.59
CA GLU A 59 7.23 4.60 -11.18
C GLU A 59 5.97 4.15 -10.46
N ARG A 60 5.32 5.10 -9.77
CA ARG A 60 4.11 4.79 -9.02
C ARG A 60 2.92 5.60 -9.57
N PRO A 61 1.73 4.99 -9.54
CA PRO A 61 0.50 5.63 -10.03
C PRO A 61 0.06 6.79 -9.14
N LYS A 62 -0.95 7.52 -9.59
CA LYS A 62 -1.48 8.65 -8.83
C LYS A 62 -3.00 8.62 -8.79
N THR A 63 -3.55 7.43 -8.55
CA THR A 63 -5.00 7.27 -8.47
C THR A 63 -5.53 7.63 -7.09
N ASP A 64 -5.09 6.89 -6.08
CA ASP A 64 -5.52 7.15 -4.71
C ASP A 64 -5.27 8.60 -4.32
N GLU A 65 -5.53 8.93 -3.05
CA GLU A 65 -5.34 10.28 -2.55
C GLU A 65 -6.24 11.26 -3.29
N HIS A 66 -7.52 10.91 -3.41
CA HIS A 66 -8.48 11.75 -4.09
C HIS A 66 -8.83 12.97 -3.24
N LYS A 67 -9.18 12.74 -1.98
CA LYS A 67 -9.53 13.81 -1.06
C LYS A 67 -8.34 14.74 -0.84
N SER A 68 -8.62 15.97 -0.42
CA SER A 68 -7.57 16.95 -0.16
C SER A 68 -7.99 17.92 0.94
N TYR A 69 -7.09 18.17 1.88
CA TYR A 69 -7.37 19.08 2.99
C TYR A 69 -8.47 18.52 3.89
N SER A 70 -8.28 17.29 4.34
CA SER A 70 -9.25 16.63 5.21
C SER A 70 -8.60 16.19 6.52
N GLY A 71 -8.73 17.04 7.55
CA GLY A 71 -8.14 16.72 8.83
C GLY A 71 -7.23 17.82 9.35
N PRO A 72 -7.59 18.40 10.50
CA PRO A 72 -6.81 19.47 11.12
C PRO A 72 -5.47 18.98 11.66
N SER A 73 -4.43 19.80 11.50
CA SER A 73 -3.10 19.45 11.97
C SER A 73 -2.85 20.00 13.36
N SER A 74 -2.40 19.14 14.27
CA SER A 74 -2.12 19.54 15.64
C SER A 74 -0.68 19.98 15.80
N GLY A 75 -0.32 20.42 17.01
CA GLY A 75 1.04 20.87 17.27
C GLY A 75 2.02 19.72 17.29
N GLY A 1 -45.60 10.61 13.29
CA GLY A 1 -44.27 10.17 12.95
C GLY A 1 -43.47 9.74 14.17
N SER A 2 -42.87 8.55 14.08
CA SER A 2 -42.08 8.01 15.18
C SER A 2 -40.67 7.64 14.72
N SER A 3 -39.80 7.34 15.68
CA SER A 3 -38.43 6.98 15.36
C SER A 3 -38.27 5.47 15.30
N GLY A 4 -37.30 5.01 14.51
CA GLY A 4 -37.06 3.58 14.37
C GLY A 4 -35.74 3.15 14.97
N SER A 5 -35.32 1.94 14.67
CA SER A 5 -34.07 1.41 15.19
C SER A 5 -33.34 0.59 14.13
N SER A 6 -32.02 0.53 14.23
CA SER A 6 -31.21 -0.21 13.27
C SER A 6 -30.04 -0.90 13.97
N GLY A 7 -29.92 -2.20 13.79
CA GLY A 7 -28.85 -2.95 14.40
C GLY A 7 -27.50 -2.68 13.76
N MET A 8 -26.64 -1.99 14.50
CA MET A 8 -25.31 -1.66 14.00
C MET A 8 -24.29 -2.71 14.42
N ALA A 9 -24.12 -3.73 13.59
CA ALA A 9 -23.17 -4.81 13.87
C ALA A 9 -22.01 -4.79 12.88
N GLU A 10 -21.05 -3.90 13.11
CA GLU A 10 -19.90 -3.79 12.24
C GLU A 10 -18.80 -2.94 12.88
N LEU A 11 -17.59 -3.48 12.94
CA LEU A 11 -16.46 -2.77 13.53
C LEU A 11 -15.44 -2.38 12.47
N ASP A 12 -15.18 -3.31 11.55
CA ASP A 12 -14.23 -3.07 10.48
C ASP A 12 -13.00 -2.32 11.00
N ILE A 13 -12.53 -2.71 12.18
CA ILE A 13 -11.36 -2.08 12.79
C ILE A 13 -10.37 -1.64 11.73
N GLY A 14 -10.20 -2.47 10.70
CA GLY A 14 -9.27 -2.15 9.63
C GLY A 14 -9.72 -2.69 8.28
N GLN A 15 -8.82 -3.40 7.61
CA GLN A 15 -9.12 -3.96 6.30
C GLN A 15 -8.70 -5.43 6.24
N HIS A 16 -8.96 -6.07 5.11
CA HIS A 16 -8.61 -7.48 4.93
C HIS A 16 -7.28 -7.61 4.18
N CYS A 17 -6.75 -8.83 4.16
CA CYS A 17 -5.48 -9.09 3.48
C CYS A 17 -5.69 -9.21 1.97
N GLN A 18 -5.24 -8.20 1.24
CA GLN A 18 -5.38 -8.19 -0.22
C GLN A 18 -5.05 -9.57 -0.80
N VAL A 19 -4.04 -10.21 -0.22
CA VAL A 19 -3.62 -11.53 -0.68
C VAL A 19 -4.80 -12.50 -0.73
N GLN A 20 -4.76 -13.42 -1.69
CA GLN A 20 -5.82 -14.40 -1.85
C GLN A 20 -5.45 -15.71 -1.16
N HIS A 21 -4.53 -16.45 -1.77
CA HIS A 21 -4.08 -17.73 -1.22
C HIS A 21 -4.02 -17.68 0.31
N CYS A 22 -3.73 -16.49 0.84
CA CYS A 22 -3.65 -16.30 2.28
C CYS A 22 -4.90 -16.82 2.97
N ARG A 23 -4.71 -17.76 3.90
CA ARG A 23 -5.83 -18.33 4.63
C ARG A 23 -5.82 -17.88 6.09
N GLN A 24 -5.57 -16.59 6.29
CA GLN A 24 -5.54 -16.02 7.64
C GLN A 24 -6.89 -15.46 8.03
N ARG A 25 -7.15 -15.38 9.34
CA ARG A 25 -8.42 -14.86 9.84
C ARG A 25 -8.22 -14.17 11.19
N ASP A 26 -9.02 -13.15 11.44
CA ASP A 26 -8.94 -12.41 12.70
C ASP A 26 -7.50 -11.97 12.98
N PHE A 27 -6.85 -11.43 11.96
CA PHE A 27 -5.47 -10.98 12.10
C PHE A 27 -5.40 -9.45 12.24
N LEU A 28 -4.20 -8.93 12.43
CA LEU A 28 -4.00 -7.50 12.58
C LEU A 28 -3.64 -6.86 11.24
N PRO A 29 -4.39 -5.82 10.86
CA PRO A 29 -4.17 -5.09 9.60
C PRO A 29 -2.88 -4.29 9.62
N PHE A 30 -2.02 -4.50 8.64
CA PHE A 30 -0.75 -3.79 8.55
C PHE A 30 -0.52 -3.26 7.13
N VAL A 31 -0.74 -1.96 6.95
CA VAL A 31 -0.56 -1.33 5.65
C VAL A 31 0.85 -1.58 5.11
N CYS A 32 0.93 -2.39 4.06
CA CYS A 32 2.21 -2.70 3.44
C CYS A 32 2.93 -1.44 2.98
N ASP A 33 4.23 -1.36 3.27
CA ASP A 33 5.02 -0.20 2.90
C ASP A 33 5.58 -0.36 1.49
N GLY A 34 4.78 -0.94 0.60
CA GLY A 34 5.20 -1.14 -0.77
C GLY A 34 4.11 -0.85 -1.77
N CYS A 35 2.93 -1.42 -1.55
CA CYS A 35 1.80 -1.21 -2.45
C CYS A 35 0.59 -0.69 -1.67
N SER A 36 0.83 -0.17 -0.48
CA SER A 36 -0.23 0.36 0.37
C SER A 36 -1.34 -0.67 0.55
N GLY A 37 -0.94 -1.94 0.69
CA GLY A 37 -1.91 -3.01 0.87
C GLY A 37 -1.93 -3.52 2.29
N ILE A 38 -3.09 -3.44 2.93
CA ILE A 38 -3.24 -3.91 4.31
C ILE A 38 -3.26 -5.44 4.37
N PHE A 39 -2.13 -6.01 4.76
CA PHE A 39 -2.01 -7.47 4.88
C PHE A 39 -1.81 -7.89 6.33
N CYS A 40 -1.88 -9.19 6.57
CA CYS A 40 -1.71 -9.73 7.92
C CYS A 40 -0.26 -9.58 8.38
N LEU A 41 0.01 -10.05 9.59
CA LEU A 41 1.35 -9.97 10.15
C LEU A 41 2.34 -10.81 9.36
N GLU A 42 1.94 -12.05 9.07
CA GLU A 42 2.78 -12.97 8.29
C GLU A 42 3.04 -12.43 6.89
N HIS A 43 2.04 -11.76 6.33
CA HIS A 43 2.15 -11.19 4.99
C HIS A 43 2.38 -9.69 5.05
N ARG A 44 2.71 -9.20 6.25
CA ARG A 44 2.97 -7.77 6.44
C ARG A 44 4.21 -7.32 5.67
N SER A 45 5.23 -8.19 5.63
CA SER A 45 6.46 -7.88 4.92
C SER A 45 6.22 -7.77 3.42
N LYS A 46 7.28 -7.48 2.68
CA LYS A 46 7.19 -7.36 1.23
C LYS A 46 7.55 -8.68 0.55
N ASP A 47 8.81 -9.07 0.66
CA ASP A 47 9.28 -10.31 0.05
C ASP A 47 8.25 -11.43 0.24
N SER A 48 7.67 -11.50 1.43
CA SER A 48 6.67 -12.52 1.74
C SER A 48 5.64 -12.62 0.61
N HIS A 49 5.19 -11.48 0.13
CA HIS A 49 4.20 -11.44 -0.95
C HIS A 49 4.79 -10.84 -2.22
N GLY A 50 6.08 -11.10 -2.44
CA GLY A 50 6.74 -10.58 -3.62
C GLY A 50 6.24 -9.21 -4.01
N CYS A 51 6.04 -8.34 -3.02
CA CYS A 51 5.55 -7.00 -3.27
C CYS A 51 6.10 -6.45 -4.59
N SER A 52 5.29 -5.64 -5.27
CA SER A 52 5.70 -5.06 -6.54
C SER A 52 6.57 -3.83 -6.32
N GLU A 53 6.56 -3.31 -5.10
CA GLU A 53 7.35 -2.13 -4.77
C GLU A 53 7.05 -0.98 -5.71
N VAL A 54 5.77 -0.68 -5.88
CA VAL A 54 5.34 0.40 -6.76
C VAL A 54 5.29 1.73 -6.02
N ASN A 55 4.63 1.72 -4.86
CA ASN A 55 4.51 2.93 -4.05
C ASN A 55 5.88 3.56 -3.80
N VAL A 56 6.88 2.70 -3.56
CA VAL A 56 8.23 3.17 -3.30
C VAL A 56 8.92 3.61 -4.59
N VAL A 57 8.83 4.90 -4.88
CA VAL A 57 9.45 5.45 -6.09
C VAL A 57 10.73 6.20 -5.76
N LYS A 58 11.79 5.91 -6.49
CA LYS A 58 13.08 6.57 -6.27
C LYS A 58 13.01 8.04 -6.66
N GLU A 59 13.58 8.90 -5.82
CA GLU A 59 13.58 10.34 -6.09
C GLU A 59 14.99 10.91 -5.98
N ARG A 60 15.93 10.28 -6.68
CA ARG A 60 17.32 10.72 -6.67
C ARG A 60 17.40 12.24 -6.67
N PRO A 61 18.19 12.80 -5.73
CA PRO A 61 18.37 14.25 -5.60
C PRO A 61 19.17 14.83 -6.76
N LYS A 62 19.71 13.97 -7.60
CA LYS A 62 20.50 14.39 -8.74
C LYS A 62 19.60 14.83 -9.90
N THR A 63 20.23 15.39 -10.93
CA THR A 63 19.47 15.85 -12.10
C THR A 63 20.29 15.69 -13.38
N ASP A 64 19.62 15.72 -14.52
CA ASP A 64 20.28 15.58 -15.81
C ASP A 64 21.49 16.50 -15.91
N GLU A 65 22.37 16.22 -16.85
CA GLU A 65 23.58 17.03 -17.05
C GLU A 65 24.06 16.95 -18.50
N HIS A 66 24.81 17.97 -18.92
CA HIS A 66 25.33 18.02 -20.28
C HIS A 66 26.25 16.83 -20.54
N LYS A 67 26.61 16.64 -21.82
CA LYS A 67 27.48 15.54 -22.21
C LYS A 67 28.52 16.01 -23.23
N SER A 68 29.72 15.43 -23.16
CA SER A 68 30.79 15.80 -24.07
C SER A 68 30.45 15.39 -25.50
N TYR A 69 30.96 16.15 -26.47
CA TYR A 69 30.71 15.86 -27.87
C TYR A 69 31.48 14.64 -28.33
N SER A 70 31.24 14.22 -29.58
CA SER A 70 31.92 13.06 -30.14
C SER A 70 32.04 13.18 -31.66
N GLY A 71 32.80 12.28 -32.26
CA GLY A 71 32.99 12.30 -33.69
C GLY A 71 32.39 11.08 -34.38
N PRO A 72 31.36 11.32 -35.21
CA PRO A 72 30.68 10.25 -35.93
C PRO A 72 31.55 9.63 -37.03
N SER A 73 30.99 8.69 -37.78
CA SER A 73 31.72 8.02 -38.85
C SER A 73 30.77 7.65 -39.99
N SER A 74 31.35 7.11 -41.07
CA SER A 74 30.56 6.72 -42.23
C SER A 74 31.37 5.79 -43.14
N GLY A 75 30.71 5.27 -44.17
CA GLY A 75 31.38 4.37 -45.10
C GLY A 75 30.64 4.22 -46.40
N GLY A 1 -49.26 12.62 10.64
CA GLY A 1 -48.76 11.86 9.52
C GLY A 1 -47.37 12.29 9.10
N SER A 2 -46.38 11.46 9.41
CA SER A 2 -45.00 11.76 9.07
C SER A 2 -44.15 10.50 9.03
N SER A 3 -43.18 10.45 8.13
CA SER A 3 -42.31 9.29 7.99
C SER A 3 -40.84 9.71 8.00
N GLY A 4 -39.99 8.87 8.57
CA GLY A 4 -38.57 9.18 8.62
C GLY A 4 -37.71 7.94 8.46
N SER A 5 -37.79 7.31 7.29
CA SER A 5 -37.02 6.11 7.02
C SER A 5 -35.71 6.45 6.30
N SER A 6 -34.63 6.47 7.07
CA SER A 6 -33.31 6.79 6.51
C SER A 6 -32.51 5.52 6.25
N GLY A 7 -31.46 5.65 5.46
CA GLY A 7 -30.62 4.50 5.13
C GLY A 7 -29.15 4.75 5.44
N MET A 8 -28.30 3.81 5.06
CA MET A 8 -26.87 3.92 5.29
C MET A 8 -26.08 3.21 4.20
N ALA A 9 -24.96 3.80 3.80
CA ALA A 9 -24.12 3.21 2.77
C ALA A 9 -22.91 2.50 3.38
N GLU A 10 -22.84 1.19 3.19
CA GLU A 10 -21.73 0.40 3.73
C GLU A 10 -21.00 -0.33 2.61
N LEU A 11 -19.69 -0.13 2.54
CA LEU A 11 -18.87 -0.77 1.53
C LEU A 11 -17.97 -1.83 2.14
N ASP A 12 -18.51 -3.05 2.25
CA ASP A 12 -17.76 -4.16 2.82
C ASP A 12 -16.90 -3.71 3.99
N ILE A 13 -17.46 -2.85 4.83
CA ILE A 13 -16.74 -2.33 5.99
C ILE A 13 -15.83 -3.39 6.59
N GLY A 14 -14.52 -3.17 6.48
CA GLY A 14 -13.56 -4.12 7.02
C GLY A 14 -12.46 -4.45 6.03
N GLN A 15 -11.22 -4.15 6.41
CA GLN A 15 -10.07 -4.41 5.54
C GLN A 15 -9.45 -5.76 5.87
N HIS A 16 -9.08 -6.51 4.83
CA HIS A 16 -8.47 -7.81 5.01
C HIS A 16 -7.21 -7.95 4.17
N CYS A 17 -6.52 -9.07 4.31
CA CYS A 17 -5.29 -9.32 3.57
C CYS A 17 -5.57 -9.48 2.08
N GLN A 18 -5.25 -8.46 1.30
CA GLN A 18 -5.48 -8.49 -0.14
C GLN A 18 -5.16 -9.88 -0.71
N VAL A 19 -4.13 -10.52 -0.15
CA VAL A 19 -3.74 -11.84 -0.60
C VAL A 19 -4.90 -12.82 -0.56
N GLN A 20 -5.01 -13.66 -1.59
CA GLN A 20 -6.08 -14.64 -1.67
C GLN A 20 -5.70 -15.92 -0.94
N HIS A 21 -4.80 -16.69 -1.53
CA HIS A 21 -4.36 -17.94 -0.93
C HIS A 21 -4.30 -17.83 0.60
N CYS A 22 -4.01 -16.63 1.08
CA CYS A 22 -3.92 -16.38 2.51
C CYS A 22 -5.26 -16.67 3.20
N ARG A 23 -6.25 -15.82 2.95
CA ARG A 23 -7.56 -15.98 3.54
C ARG A 23 -7.49 -16.02 5.06
N GLN A 24 -6.64 -15.17 5.63
CA GLN A 24 -6.47 -15.11 7.07
C GLN A 24 -7.54 -14.24 7.72
N ARG A 25 -7.79 -14.48 9.00
CA ARG A 25 -8.80 -13.73 9.73
C ARG A 25 -8.27 -13.29 11.10
N ASP A 26 -7.72 -14.25 11.85
CA ASP A 26 -7.17 -13.96 13.17
C ASP A 26 -5.83 -13.25 13.06
N PHE A 27 -5.79 -12.20 12.26
CA PHE A 27 -4.56 -11.42 12.06
C PHE A 27 -4.80 -9.94 12.31
N LEU A 28 -3.75 -9.14 12.21
CA LEU A 28 -3.85 -7.71 12.42
C LEU A 28 -3.59 -6.95 11.12
N PRO A 29 -4.35 -5.87 10.91
CA PRO A 29 -4.22 -5.03 9.72
C PRO A 29 -2.91 -4.24 9.69
N PHE A 30 -2.10 -4.49 8.68
CA PHE A 30 -0.82 -3.80 8.55
C PHE A 30 -0.62 -3.28 7.12
N VAL A 31 -0.93 -2.00 6.92
CA VAL A 31 -0.80 -1.38 5.61
C VAL A 31 0.61 -1.54 5.07
N CYS A 32 0.76 -2.40 4.06
CA CYS A 32 2.05 -2.65 3.45
C CYS A 32 2.73 -1.35 3.03
N ASP A 33 4.03 -1.27 3.22
CA ASP A 33 4.79 -0.08 2.86
C ASP A 33 5.32 -0.18 1.44
N GLY A 34 4.50 -0.69 0.54
CA GLY A 34 4.91 -0.84 -0.85
C GLY A 34 3.75 -0.64 -1.81
N CYS A 35 2.68 -1.41 -1.62
CA CYS A 35 1.51 -1.31 -2.48
C CYS A 35 0.29 -0.88 -1.68
N SER A 36 0.52 -0.23 -0.55
CA SER A 36 -0.56 0.24 0.31
C SER A 36 -1.59 -0.86 0.54
N GLY A 37 -1.11 -2.10 0.64
CA GLY A 37 -2.00 -3.22 0.85
C GLY A 37 -1.95 -3.74 2.28
N ILE A 38 -3.09 -3.71 2.96
CA ILE A 38 -3.16 -4.19 4.34
C ILE A 38 -3.13 -5.71 4.40
N PHE A 39 -1.94 -6.25 4.69
CA PHE A 39 -1.78 -7.70 4.78
C PHE A 39 -1.53 -8.12 6.23
N CYS A 40 -1.68 -9.42 6.48
CA CYS A 40 -1.48 -9.96 7.82
C CYS A 40 -0.05 -9.74 8.29
N LEU A 41 0.23 -10.11 9.54
CA LEU A 41 1.57 -9.96 10.10
C LEU A 41 2.56 -10.89 9.42
N GLU A 42 2.04 -11.95 8.81
CA GLU A 42 2.89 -12.91 8.12
C GLU A 42 3.26 -12.42 6.73
N HIS A 43 2.36 -11.70 6.10
CA HIS A 43 2.59 -11.16 4.77
C HIS A 43 3.01 -9.70 4.83
N ARG A 44 2.78 -9.07 5.98
CA ARG A 44 3.14 -7.67 6.17
C ARG A 44 4.44 -7.33 5.45
N SER A 45 5.40 -8.26 5.51
CA SER A 45 6.69 -8.06 4.87
C SER A 45 6.55 -8.06 3.35
N LYS A 46 7.35 -7.24 2.69
CA LYS A 46 7.32 -7.14 1.23
C LYS A 46 7.79 -8.44 0.59
N ASP A 47 8.98 -8.90 0.99
CA ASP A 47 9.54 -10.13 0.46
C ASP A 47 8.51 -11.25 0.45
N SER A 48 7.86 -11.46 1.60
CA SER A 48 6.84 -12.50 1.72
C SER A 48 5.91 -12.50 0.50
N HIS A 49 5.22 -11.39 0.30
CA HIS A 49 4.30 -11.27 -0.83
C HIS A 49 5.00 -10.66 -2.04
N GLY A 50 6.30 -10.92 -2.17
CA GLY A 50 7.07 -10.38 -3.28
C GLY A 50 6.53 -9.05 -3.76
N CYS A 51 6.29 -8.14 -2.82
CA CYS A 51 5.76 -6.82 -3.15
C CYS A 51 6.34 -6.33 -4.49
N SER A 52 5.50 -5.66 -5.27
CA SER A 52 5.92 -5.14 -6.57
C SER A 52 6.88 -3.97 -6.40
N GLU A 53 6.75 -3.25 -5.29
CA GLU A 53 7.60 -2.11 -5.01
C GLU A 53 7.54 -1.08 -6.14
N VAL A 54 6.33 -0.77 -6.58
CA VAL A 54 6.12 0.18 -7.66
C VAL A 54 5.56 1.50 -7.13
N ASN A 55 4.61 1.40 -6.20
CA ASN A 55 3.99 2.58 -5.61
C ASN A 55 5.03 3.64 -5.29
N VAL A 56 6.01 3.27 -4.47
CA VAL A 56 7.08 4.19 -4.09
C VAL A 56 7.98 4.50 -5.27
N VAL A 57 7.58 5.49 -6.07
CA VAL A 57 8.36 5.88 -7.24
C VAL A 57 9.18 7.13 -6.95
N LYS A 58 9.73 7.20 -5.74
CA LYS A 58 10.55 8.34 -5.33
C LYS A 58 11.97 7.90 -4.98
N GLU A 59 12.92 8.29 -5.81
CA GLU A 59 14.32 7.93 -5.58
C GLU A 59 15.25 8.75 -6.48
N ARG A 60 16.44 9.04 -5.97
CA ARG A 60 17.41 9.82 -6.73
C ARG A 60 18.84 9.43 -6.34
N PRO A 61 19.69 9.20 -7.35
CA PRO A 61 21.08 8.82 -7.13
C PRO A 61 21.93 9.96 -6.58
N LYS A 62 22.34 9.83 -5.32
CA LYS A 62 23.16 10.85 -4.67
C LYS A 62 24.61 10.78 -5.13
N THR A 63 25.18 9.59 -5.08
CA THR A 63 26.56 9.38 -5.50
C THR A 63 26.71 9.55 -7.01
N ASP A 64 27.92 9.85 -7.45
CA ASP A 64 28.20 10.03 -8.87
C ASP A 64 27.13 10.91 -9.51
N GLU A 65 26.87 12.06 -8.91
CA GLU A 65 25.88 12.98 -9.43
C GLU A 65 26.48 13.90 -10.49
N HIS A 66 26.01 13.75 -11.73
CA HIS A 66 26.50 14.56 -12.84
C HIS A 66 25.52 14.54 -14.00
N LYS A 67 25.59 15.56 -14.85
CA LYS A 67 24.71 15.66 -16.01
C LYS A 67 25.49 15.46 -17.30
N SER A 68 24.77 15.29 -18.40
CA SER A 68 25.39 15.08 -19.71
C SER A 68 25.62 16.41 -20.41
N TYR A 69 26.36 16.37 -21.51
CA TYR A 69 26.66 17.57 -22.28
C TYR A 69 26.15 17.44 -23.71
N SER A 70 26.16 18.55 -24.45
CA SER A 70 25.70 18.55 -25.84
C SER A 70 26.76 19.17 -26.75
N GLY A 71 26.53 19.09 -28.05
CA GLY A 71 27.46 19.64 -29.01
C GLY A 71 26.80 19.99 -30.34
N PRO A 72 27.32 21.02 -31.01
CA PRO A 72 26.79 21.47 -32.30
C PRO A 72 27.06 20.47 -33.42
N SER A 73 26.72 20.87 -34.65
CA SER A 73 26.92 20.00 -35.80
C SER A 73 26.68 20.77 -37.11
N SER A 74 27.10 20.18 -38.21
CA SER A 74 26.94 20.82 -39.52
C SER A 74 26.00 19.99 -40.41
N GLY A 75 25.54 20.60 -41.50
CA GLY A 75 24.65 19.91 -42.41
C GLY A 75 25.38 19.32 -43.60
N GLY A 1 -41.58 23.08 -12.00
CA GLY A 1 -42.13 21.93 -11.31
C GLY A 1 -41.29 21.51 -10.13
N SER A 2 -41.25 20.20 -9.86
CA SER A 2 -40.49 19.67 -8.74
C SER A 2 -40.31 18.16 -8.87
N SER A 3 -39.10 17.68 -8.61
CA SER A 3 -38.79 16.26 -8.71
C SER A 3 -37.60 15.89 -7.83
N GLY A 4 -37.39 14.59 -7.64
CA GLY A 4 -36.29 14.14 -6.83
C GLY A 4 -36.57 12.80 -6.17
N SER A 5 -35.51 12.06 -5.88
CA SER A 5 -35.64 10.74 -5.24
C SER A 5 -34.43 10.44 -4.36
N SER A 6 -34.47 9.28 -3.70
CA SER A 6 -33.38 8.87 -2.82
C SER A 6 -32.50 7.84 -3.51
N GLY A 7 -31.31 7.63 -2.94
CA GLY A 7 -30.38 6.67 -3.51
C GLY A 7 -30.08 5.52 -2.57
N MET A 8 -28.81 5.32 -2.27
CA MET A 8 -28.39 4.25 -1.37
C MET A 8 -27.09 4.60 -0.66
N ALA A 9 -26.88 4.03 0.52
CA ALA A 9 -25.67 4.28 1.30
C ALA A 9 -25.11 2.99 1.88
N GLU A 10 -23.89 2.65 1.48
CA GLU A 10 -23.25 1.43 1.96
C GLU A 10 -21.85 1.73 2.48
N LEU A 11 -21.72 1.79 3.81
CA LEU A 11 -20.43 2.07 4.44
C LEU A 11 -19.76 0.79 4.88
N ASP A 12 -19.87 -0.25 4.06
CA ASP A 12 -19.26 -1.54 4.37
C ASP A 12 -17.79 -1.37 4.76
N ILE A 13 -17.52 -1.47 6.06
CA ILE A 13 -16.16 -1.33 6.56
C ILE A 13 -15.58 -2.68 6.97
N GLY A 14 -14.46 -3.04 6.36
CA GLY A 14 -13.82 -4.31 6.67
C GLY A 14 -12.60 -4.57 5.83
N GLN A 15 -11.42 -4.45 6.42
CA GLN A 15 -10.16 -4.67 5.71
C GLN A 15 -9.73 -6.13 5.82
N HIS A 16 -9.01 -6.60 4.82
CA HIS A 16 -8.53 -7.98 4.80
C HIS A 16 -7.19 -8.09 4.08
N CYS A 17 -6.59 -9.27 4.12
CA CYS A 17 -5.31 -9.50 3.47
C CYS A 17 -5.48 -9.60 1.95
N GLN A 18 -5.20 -8.51 1.25
CA GLN A 18 -5.31 -8.47 -0.20
C GLN A 18 -4.93 -9.82 -0.81
N VAL A 19 -3.95 -10.48 -0.19
CA VAL A 19 -3.49 -11.77 -0.67
C VAL A 19 -4.64 -12.77 -0.78
N GLN A 20 -4.52 -13.71 -1.71
CA GLN A 20 -5.55 -14.72 -1.92
C GLN A 20 -5.19 -16.02 -1.21
N HIS A 21 -4.16 -16.70 -1.71
CA HIS A 21 -3.73 -17.97 -1.12
C HIS A 21 -3.85 -17.93 0.40
N CYS A 22 -3.73 -16.73 0.96
CA CYS A 22 -3.81 -16.55 2.41
C CYS A 22 -5.18 -16.98 2.93
N ARG A 23 -5.23 -17.40 4.19
CA ARG A 23 -6.47 -17.84 4.81
C ARG A 23 -6.84 -16.94 5.98
N GLN A 24 -5.83 -16.44 6.68
CA GLN A 24 -6.05 -15.57 7.83
C GLN A 24 -7.22 -14.63 7.58
N ARG A 25 -8.13 -14.54 8.54
CA ARG A 25 -9.30 -13.67 8.41
C ARG A 25 -9.27 -12.59 9.48
N ASP A 26 -9.26 -13.00 10.74
CA ASP A 26 -9.24 -12.06 11.85
C ASP A 26 -7.81 -11.80 12.32
N PHE A 27 -7.12 -10.91 11.63
CA PHE A 27 -5.74 -10.57 11.96
C PHE A 27 -5.58 -9.07 12.18
N LEU A 28 -4.35 -8.64 12.40
CA LEU A 28 -4.05 -7.23 12.61
C LEU A 28 -3.75 -6.52 11.29
N PRO A 29 -4.45 -5.40 11.04
CA PRO A 29 -4.27 -4.62 9.82
C PRO A 29 -2.91 -3.91 9.78
N PHE A 30 -2.07 -4.30 8.83
CA PHE A 30 -0.75 -3.70 8.68
C PHE A 30 -0.53 -3.21 7.25
N VAL A 31 -0.85 -1.94 7.02
CA VAL A 31 -0.68 -1.35 5.70
C VAL A 31 0.72 -1.59 5.16
N CYS A 32 0.82 -2.40 4.12
CA CYS A 32 2.11 -2.71 3.50
C CYS A 32 2.82 -1.43 3.06
N ASP A 33 4.08 -1.29 3.44
CA ASP A 33 4.87 -0.12 3.08
C ASP A 33 5.42 -0.24 1.66
N GLY A 34 4.58 -0.74 0.75
CA GLY A 34 4.99 -0.90 -0.63
C GLY A 34 3.86 -0.66 -1.61
N CYS A 35 2.78 -1.43 -1.47
CA CYS A 35 1.63 -1.29 -2.36
C CYS A 35 0.41 -0.81 -1.58
N SER A 36 0.65 -0.23 -0.41
CA SER A 36 -0.43 0.29 0.43
C SER A 36 -1.49 -0.80 0.65
N GLY A 37 -1.05 -2.05 0.75
CA GLY A 37 -1.96 -3.14 0.96
C GLY A 37 -1.94 -3.66 2.38
N ILE A 38 -3.10 -3.62 3.04
CA ILE A 38 -3.20 -4.07 4.42
C ILE A 38 -3.17 -5.60 4.49
N PHE A 39 -2.00 -6.15 4.81
CA PHE A 39 -1.84 -7.59 4.90
C PHE A 39 -1.57 -8.01 6.35
N CYS A 40 -1.74 -9.30 6.63
CA CYS A 40 -1.51 -9.82 7.97
C CYS A 40 -0.05 -9.70 8.37
N LEU A 41 0.20 -9.57 9.66
CA LEU A 41 1.57 -9.44 10.17
C LEU A 41 2.49 -10.44 9.49
N GLU A 42 1.94 -11.60 9.13
CA GLU A 42 2.73 -12.64 8.47
C GLU A 42 3.04 -12.25 7.03
N HIS A 43 2.10 -11.57 6.39
CA HIS A 43 2.28 -11.14 5.00
C HIS A 43 2.50 -9.63 4.93
N ARG A 44 2.95 -9.05 6.04
CA ARG A 44 3.20 -7.61 6.10
C ARG A 44 4.49 -7.27 5.37
N SER A 45 5.46 -8.18 5.42
CA SER A 45 6.75 -7.97 4.76
C SER A 45 6.59 -7.96 3.24
N LYS A 46 7.42 -7.15 2.58
CA LYS A 46 7.37 -7.05 1.12
C LYS A 46 8.20 -8.15 0.47
N ASP A 47 8.12 -9.35 1.03
CA ASP A 47 8.86 -10.49 0.51
C ASP A 47 7.96 -11.71 0.36
N SER A 48 7.14 -11.96 1.38
CA SER A 48 6.23 -13.10 1.37
C SER A 48 5.23 -12.99 0.21
N HIS A 49 4.77 -11.77 -0.05
CA HIS A 49 3.83 -11.53 -1.13
C HIS A 49 4.50 -10.87 -2.32
N GLY A 50 5.80 -11.16 -2.49
CA GLY A 50 6.55 -10.59 -3.59
C GLY A 50 6.08 -9.19 -3.94
N CYS A 51 6.03 -8.31 -2.96
CA CYS A 51 5.59 -6.93 -3.17
C CYS A 51 6.26 -6.34 -4.41
N SER A 52 5.46 -5.66 -5.23
CA SER A 52 5.97 -5.05 -6.45
C SER A 52 6.90 -3.88 -6.13
N GLU A 53 6.65 -3.23 -4.99
CA GLU A 53 7.47 -2.11 -4.57
C GLU A 53 7.35 -0.96 -5.57
N VAL A 54 6.13 -0.64 -5.97
CA VAL A 54 5.89 0.44 -6.92
C VAL A 54 6.36 1.78 -6.37
N ASN A 55 5.94 2.09 -5.15
CA ASN A 55 6.32 3.34 -4.51
C ASN A 55 7.84 3.50 -4.48
N VAL A 56 8.54 2.44 -4.10
CA VAL A 56 9.99 2.47 -4.05
C VAL A 56 10.60 1.59 -5.15
N VAL A 57 11.15 2.23 -6.17
CA VAL A 57 11.76 1.52 -7.29
C VAL A 57 13.21 1.95 -7.48
N LYS A 58 14.09 0.96 -7.67
CA LYS A 58 15.51 1.24 -7.87
C LYS A 58 15.72 2.19 -9.05
N GLU A 59 16.66 3.11 -8.90
CA GLU A 59 16.95 4.08 -9.95
C GLU A 59 18.40 3.94 -10.42
N ARG A 60 18.59 3.95 -11.74
CA ARG A 60 19.92 3.82 -12.32
C ARG A 60 20.68 5.13 -12.22
N PRO A 61 22.03 5.04 -12.23
CA PRO A 61 22.91 6.21 -12.13
C PRO A 61 22.87 7.06 -13.40
N LYS A 62 23.18 8.35 -13.25
CA LYS A 62 23.18 9.27 -14.37
C LYS A 62 24.61 9.65 -14.76
N THR A 63 24.92 9.49 -16.04
CA THR A 63 26.26 9.81 -16.54
C THR A 63 26.18 10.50 -17.91
N ASP A 64 27.33 10.94 -18.41
CA ASP A 64 27.39 11.61 -19.70
C ASP A 64 26.66 10.79 -20.77
N GLU A 65 26.05 11.49 -21.72
CA GLU A 65 25.32 10.83 -22.79
C GLU A 65 26.23 10.57 -23.99
N HIS A 66 25.72 9.82 -24.97
CA HIS A 66 26.50 9.50 -26.16
C HIS A 66 26.15 10.46 -27.29
N LYS A 67 27.16 10.81 -28.09
CA LYS A 67 26.96 11.73 -29.21
C LYS A 67 27.35 11.06 -30.53
N SER A 68 26.63 11.42 -31.59
CA SER A 68 26.90 10.85 -32.91
C SER A 68 27.14 11.96 -33.94
N TYR A 69 27.74 11.58 -35.06
CA TYR A 69 28.02 12.55 -36.13
C TYR A 69 28.02 11.86 -37.49
N SER A 70 28.08 12.66 -38.55
CA SER A 70 28.10 12.14 -39.91
C SER A 70 29.18 12.81 -40.75
N GLY A 71 29.66 12.10 -41.75
CA GLY A 71 30.70 12.64 -42.62
C GLY A 71 30.61 12.11 -44.03
N PRO A 72 30.77 13.02 -45.01
CA PRO A 72 30.71 12.66 -46.44
C PRO A 72 31.90 11.83 -46.88
N SER A 73 31.99 11.58 -48.18
CA SER A 73 33.09 10.79 -48.73
C SER A 73 33.35 11.17 -50.19
N SER A 74 34.57 10.93 -50.65
CA SER A 74 34.95 11.24 -52.03
C SER A 74 35.09 9.97 -52.85
N GLY A 75 35.04 10.13 -54.17
CA GLY A 75 35.16 8.98 -55.05
C GLY A 75 35.93 9.31 -56.33
N GLY A 1 -33.89 14.87 -21.31
CA GLY A 1 -33.82 14.25 -20.01
C GLY A 1 -32.50 13.53 -19.79
N SER A 2 -32.16 13.31 -18.52
CA SER A 2 -30.91 12.65 -18.17
C SER A 2 -31.04 11.91 -16.84
N SER A 3 -30.01 11.14 -16.48
CA SER A 3 -30.00 10.39 -15.24
C SER A 3 -28.60 10.28 -14.68
N GLY A 4 -28.50 9.81 -13.43
CA GLY A 4 -27.20 9.67 -12.80
C GLY A 4 -27.16 8.52 -11.81
N SER A 5 -26.00 8.30 -11.21
CA SER A 5 -25.84 7.22 -10.24
C SER A 5 -24.97 7.66 -9.07
N SER A 6 -25.25 7.12 -7.89
CA SER A 6 -24.49 7.46 -6.69
C SER A 6 -24.30 6.24 -5.81
N GLY A 7 -23.07 6.07 -5.31
CA GLY A 7 -22.78 4.93 -4.45
C GLY A 7 -22.83 5.29 -2.99
N MET A 8 -23.21 4.32 -2.15
CA MET A 8 -23.31 4.53 -0.71
C MET A 8 -22.08 3.97 0.00
N ALA A 9 -21.57 4.72 0.97
CA ALA A 9 -20.40 4.30 1.73
C ALA A 9 -20.61 2.91 2.32
N GLU A 10 -19.67 2.01 2.06
CA GLU A 10 -19.75 0.65 2.57
C GLU A 10 -18.83 0.46 3.77
N LEU A 11 -19.32 0.83 4.94
CA LEU A 11 -18.54 0.71 6.17
C LEU A 11 -18.02 -0.71 6.35
N ASP A 12 -16.85 -0.98 5.80
CA ASP A 12 -16.24 -2.30 5.90
C ASP A 12 -15.91 -2.64 7.34
N ILE A 13 -16.82 -3.33 8.01
CA ILE A 13 -16.63 -3.72 9.40
C ILE A 13 -15.67 -4.89 9.52
N GLY A 14 -14.44 -4.69 9.05
CA GLY A 14 -13.44 -5.75 9.12
C GLY A 14 -12.55 -5.77 7.89
N GLN A 15 -11.26 -5.53 8.10
CA GLN A 15 -10.29 -5.53 7.00
C GLN A 15 -9.93 -6.95 6.59
N HIS A 16 -9.43 -7.10 5.37
CA HIS A 16 -9.04 -8.41 4.85
C HIS A 16 -7.71 -8.32 4.11
N CYS A 17 -6.93 -9.39 4.20
CA CYS A 17 -5.62 -9.44 3.55
C CYS A 17 -5.78 -9.50 2.03
N GLN A 18 -5.38 -8.43 1.36
CA GLN A 18 -5.48 -8.35 -0.09
C GLN A 18 -5.08 -9.68 -0.74
N VAL A 19 -4.07 -10.33 -0.15
CA VAL A 19 -3.59 -11.60 -0.66
C VAL A 19 -4.73 -12.61 -0.80
N GLN A 20 -4.56 -13.56 -1.72
CA GLN A 20 -5.58 -14.59 -1.94
C GLN A 20 -5.21 -15.89 -1.24
N HIS A 21 -4.19 -16.57 -1.76
CA HIS A 21 -3.73 -17.83 -1.18
C HIS A 21 -3.74 -17.76 0.34
N CYS A 22 -3.56 -16.56 0.88
CA CYS A 22 -3.55 -16.35 2.32
C CYS A 22 -4.84 -16.86 2.95
N ARG A 23 -5.93 -16.14 2.72
CA ARG A 23 -7.23 -16.52 3.27
C ARG A 23 -7.20 -16.51 4.80
N GLN A 24 -6.57 -15.48 5.37
CA GLN A 24 -6.47 -15.35 6.82
C GLN A 24 -7.72 -14.70 7.39
N ARG A 25 -7.82 -14.69 8.72
CA ARG A 25 -8.97 -14.10 9.40
C ARG A 25 -8.65 -13.83 10.87
N ASP A 26 -9.09 -12.67 11.36
CA ASP A 26 -8.85 -12.29 12.75
C ASP A 26 -7.38 -11.98 12.98
N PHE A 27 -6.78 -11.24 12.06
CA PHE A 27 -5.37 -10.86 12.16
C PHE A 27 -5.23 -9.35 12.36
N LEU A 28 -4.00 -8.92 12.57
CA LEU A 28 -3.72 -7.50 12.78
C LEU A 28 -3.46 -6.80 11.45
N PRO A 29 -4.17 -5.68 11.22
CA PRO A 29 -4.04 -4.90 9.99
C PRO A 29 -2.70 -4.17 9.91
N PHE A 30 -1.94 -4.47 8.86
CA PHE A 30 -0.63 -3.84 8.68
C PHE A 30 -0.48 -3.32 7.25
N VAL A 31 -0.65 -2.02 7.07
CA VAL A 31 -0.53 -1.40 5.76
C VAL A 31 0.86 -1.61 5.18
N CYS A 32 0.93 -2.37 4.09
CA CYS A 32 2.20 -2.64 3.43
C CYS A 32 2.87 -1.36 2.97
N ASP A 33 4.16 -1.22 3.27
CA ASP A 33 4.91 -0.03 2.89
C ASP A 33 5.41 -0.15 1.45
N GLY A 34 4.54 -0.65 0.57
CA GLY A 34 4.91 -0.81 -0.82
C GLY A 34 3.74 -0.58 -1.76
N CYS A 35 2.75 -1.47 -1.69
CA CYS A 35 1.57 -1.37 -2.54
C CYS A 35 0.37 -0.85 -1.74
N SER A 36 0.65 -0.24 -0.60
CA SER A 36 -0.40 0.30 0.25
C SER A 36 -1.48 -0.74 0.51
N GLY A 37 -1.06 -1.97 0.75
CA GLY A 37 -2.01 -3.05 1.00
C GLY A 37 -1.93 -3.56 2.42
N ILE A 38 -3.06 -3.54 3.12
CA ILE A 38 -3.12 -4.02 4.50
C ILE A 38 -3.14 -5.53 4.56
N PHE A 39 -1.98 -6.13 4.82
CA PHE A 39 -1.87 -7.57 4.91
C PHE A 39 -1.59 -8.02 6.35
N CYS A 40 -1.76 -9.31 6.62
CA CYS A 40 -1.53 -9.85 7.94
C CYS A 40 -0.07 -9.71 8.34
N LEU A 41 0.19 -9.65 9.64
CA LEU A 41 1.54 -9.52 10.16
C LEU A 41 2.50 -10.45 9.42
N GLU A 42 2.03 -11.66 9.14
CA GLU A 42 2.84 -12.64 8.43
C GLU A 42 3.10 -12.21 6.99
N HIS A 43 2.10 -11.60 6.37
CA HIS A 43 2.22 -11.13 4.99
C HIS A 43 2.45 -9.61 4.96
N ARG A 44 2.87 -9.06 6.09
CA ARG A 44 3.12 -7.62 6.18
C ARG A 44 4.38 -7.25 5.41
N SER A 45 5.37 -8.14 5.42
CA SER A 45 6.62 -7.89 4.72
C SER A 45 6.45 -8.06 3.22
N LYS A 46 7.13 -7.20 2.45
CA LYS A 46 7.06 -7.25 0.99
C LYS A 46 7.48 -8.61 0.48
N ASP A 47 8.74 -8.97 0.75
CA ASP A 47 9.27 -10.26 0.30
C ASP A 47 8.24 -11.36 0.48
N SER A 48 7.67 -11.44 1.68
CA SER A 48 6.67 -12.46 1.98
C SER A 48 5.68 -12.61 0.83
N HIS A 49 5.12 -11.49 0.39
CA HIS A 49 4.15 -11.48 -0.70
C HIS A 49 4.78 -10.95 -1.98
N GLY A 50 6.08 -11.17 -2.14
CA GLY A 50 6.78 -10.70 -3.32
C GLY A 50 6.23 -9.39 -3.84
N CYS A 51 5.95 -8.47 -2.93
CA CYS A 51 5.41 -7.16 -3.30
C CYS A 51 5.91 -6.74 -4.68
N SER A 52 5.00 -6.24 -5.51
CA SER A 52 5.34 -5.80 -6.85
C SER A 52 6.42 -4.71 -6.81
N GLU A 53 6.40 -3.92 -5.75
CA GLU A 53 7.36 -2.83 -5.59
C GLU A 53 7.31 -1.88 -6.78
N VAL A 54 6.11 -1.51 -7.19
CA VAL A 54 5.92 -0.61 -8.32
C VAL A 54 5.78 0.83 -7.84
N ASN A 55 5.26 1.00 -6.63
CA ASN A 55 5.06 2.33 -6.06
C ASN A 55 6.39 3.08 -5.96
N VAL A 56 7.44 2.37 -5.52
CA VAL A 56 8.76 2.97 -5.38
C VAL A 56 9.60 2.73 -6.63
N VAL A 57 8.98 2.86 -7.79
CA VAL A 57 9.66 2.66 -9.07
C VAL A 57 10.41 3.92 -9.49
N LYS A 58 11.61 3.74 -10.03
CA LYS A 58 12.42 4.87 -10.47
C LYS A 58 12.04 5.29 -11.90
N GLU A 59 11.02 6.14 -12.01
CA GLU A 59 10.56 6.61 -13.30
C GLU A 59 10.39 8.13 -13.30
N ARG A 60 10.51 8.73 -14.47
CA ARG A 60 10.37 10.18 -14.60
C ARG A 60 8.96 10.63 -14.24
N PRO A 61 8.86 11.81 -13.63
CA PRO A 61 7.56 12.38 -13.22
C PRO A 61 6.72 12.82 -14.42
N LYS A 62 5.47 13.19 -14.15
CA LYS A 62 4.57 13.63 -15.20
C LYS A 62 5.30 14.52 -16.22
N THR A 63 4.93 14.37 -17.48
CA THR A 63 5.55 15.15 -18.54
C THR A 63 4.85 16.50 -18.71
N ASP A 64 5.54 17.44 -19.33
CA ASP A 64 4.99 18.77 -19.56
C ASP A 64 3.49 18.70 -19.85
N GLU A 65 2.74 19.66 -19.31
CA GLU A 65 1.30 19.70 -19.51
C GLU A 65 0.94 19.39 -20.96
N HIS A 66 0.14 18.36 -21.16
CA HIS A 66 -0.27 17.95 -22.49
C HIS A 66 -1.58 18.65 -22.88
N LYS A 67 -2.07 18.35 -24.09
CA LYS A 67 -3.30 18.95 -24.58
C LYS A 67 -4.32 19.08 -23.46
N SER A 68 -4.64 17.96 -22.82
CA SER A 68 -5.61 17.96 -21.72
C SER A 68 -6.83 18.82 -22.07
N TYR A 69 -7.31 18.69 -23.30
CA TYR A 69 -8.45 19.46 -23.76
C TYR A 69 -9.75 18.86 -23.24
N SER A 70 -10.84 19.63 -23.34
CA SER A 70 -12.14 19.17 -22.88
C SER A 70 -13.25 20.09 -23.37
N GLY A 71 -14.50 19.71 -23.12
CA GLY A 71 -15.62 20.51 -23.54
C GLY A 71 -16.85 20.29 -22.68
N PRO A 72 -17.50 21.39 -22.27
CA PRO A 72 -18.70 21.33 -21.42
C PRO A 72 -19.90 20.80 -22.19
N SER A 73 -19.99 21.14 -23.46
CA SER A 73 -21.10 20.69 -24.30
C SER A 73 -22.43 20.82 -23.55
N SER A 74 -22.58 21.92 -22.83
CA SER A 74 -23.80 22.17 -22.07
C SER A 74 -24.96 22.53 -23.00
N GLY A 75 -26.15 22.68 -22.42
CA GLY A 75 -27.32 23.01 -23.21
C GLY A 75 -28.10 24.17 -22.63
N GLY A 1 -50.91 -4.12 4.68
CA GLY A 1 -49.89 -4.83 5.42
C GLY A 1 -48.57 -4.09 5.43
N SER A 2 -48.08 -3.76 6.61
CA SER A 2 -46.82 -3.04 6.76
C SER A 2 -45.80 -3.52 5.73
N SER A 3 -45.51 -4.82 5.76
CA SER A 3 -44.55 -5.40 4.82
C SER A 3 -43.15 -4.84 5.05
N GLY A 4 -42.77 -4.73 6.33
CA GLY A 4 -41.46 -4.20 6.66
C GLY A 4 -40.76 -5.02 7.73
N SER A 5 -39.43 -5.03 7.69
CA SER A 5 -38.65 -5.78 8.66
C SER A 5 -37.71 -4.86 9.44
N SER A 6 -37.14 -5.38 10.52
CA SER A 6 -36.23 -4.60 11.35
C SER A 6 -34.82 -4.60 10.76
N GLY A 7 -34.06 -3.56 11.08
CA GLY A 7 -32.70 -3.46 10.57
C GLY A 7 -31.81 -2.61 11.46
N MET A 8 -30.51 -2.83 11.36
CA MET A 8 -29.55 -2.08 12.17
C MET A 8 -28.18 -2.04 11.49
N ALA A 9 -27.41 -0.99 11.77
CA ALA A 9 -26.10 -0.83 11.18
C ALA A 9 -25.22 -2.04 11.49
N GLU A 10 -24.66 -2.64 10.44
CA GLU A 10 -23.80 -3.81 10.59
C GLU A 10 -22.77 -3.88 9.47
N LEU A 11 -21.53 -3.56 9.80
CA LEU A 11 -20.44 -3.58 8.83
C LEU A 11 -19.12 -3.98 9.48
N ASP A 12 -18.46 -4.99 8.91
CA ASP A 12 -17.20 -5.46 9.44
C ASP A 12 -16.13 -4.37 9.38
N ILE A 13 -15.56 -4.05 10.54
CA ILE A 13 -14.53 -3.02 10.62
C ILE A 13 -13.14 -3.64 10.65
N GLY A 14 -12.35 -3.34 9.63
CA GLY A 14 -11.00 -3.88 9.56
C GLY A 14 -10.70 -4.54 8.24
N GLN A 15 -9.95 -3.85 7.38
CA GLN A 15 -9.59 -4.39 6.07
C GLN A 15 -9.10 -5.83 6.19
N HIS A 16 -8.85 -6.45 5.04
CA HIS A 16 -8.37 -7.83 5.02
C HIS A 16 -7.07 -7.94 4.21
N CYS A 17 -6.50 -9.13 4.18
CA CYS A 17 -5.26 -9.38 3.44
C CYS A 17 -5.53 -9.47 1.94
N GLN A 18 -5.27 -8.38 1.23
CA GLN A 18 -5.48 -8.35 -0.21
C GLN A 18 -5.19 -9.71 -0.84
N VAL A 19 -4.19 -10.39 -0.31
CA VAL A 19 -3.82 -11.71 -0.81
C VAL A 19 -5.01 -12.67 -0.78
N GLN A 20 -5.02 -13.64 -1.68
CA GLN A 20 -6.10 -14.62 -1.75
C GLN A 20 -5.69 -15.92 -1.06
N HIS A 21 -4.79 -16.67 -1.69
CA HIS A 21 -4.32 -17.93 -1.13
C HIS A 21 -4.23 -17.85 0.39
N CYS A 22 -3.93 -16.66 0.90
CA CYS A 22 -3.82 -16.45 2.34
C CYS A 22 -5.12 -16.83 3.05
N ARG A 23 -5.02 -17.82 3.94
CA ARG A 23 -6.18 -18.28 4.69
C ARG A 23 -6.38 -17.44 5.96
N GLN A 24 -5.28 -16.89 6.47
CA GLN A 24 -5.33 -16.07 7.68
C GLN A 24 -6.60 -15.23 7.71
N ARG A 25 -7.11 -14.96 8.91
CA ARG A 25 -8.32 -14.16 9.07
C ARG A 25 -8.33 -13.46 10.43
N ASP A 26 -9.30 -12.57 10.62
CA ASP A 26 -9.43 -11.85 11.88
C ASP A 26 -8.06 -11.53 12.46
N PHE A 27 -7.17 -11.00 11.62
CA PHE A 27 -5.82 -10.65 12.05
C PHE A 27 -5.67 -9.15 12.20
N LEU A 28 -4.45 -8.71 12.50
CA LEU A 28 -4.17 -7.28 12.67
C LEU A 28 -3.82 -6.63 11.34
N PRO A 29 -4.48 -5.51 11.03
CA PRO A 29 -4.24 -4.77 9.79
C PRO A 29 -2.88 -4.10 9.77
N PHE A 30 -2.08 -4.41 8.74
CA PHE A 30 -0.75 -3.83 8.61
C PHE A 30 -0.52 -3.30 7.19
N VAL A 31 -0.84 -2.04 6.97
CA VAL A 31 -0.66 -1.42 5.66
C VAL A 31 0.75 -1.63 5.13
N CYS A 32 0.87 -2.38 4.05
CA CYS A 32 2.17 -2.66 3.44
C CYS A 32 2.87 -1.36 3.05
N ASP A 33 4.19 -1.33 3.25
CA ASP A 33 4.98 -0.15 2.92
C ASP A 33 5.47 -0.21 1.47
N GLY A 34 4.58 -0.59 0.57
CA GLY A 34 4.94 -0.69 -0.84
C GLY A 34 3.75 -0.49 -1.75
N CYS A 35 2.78 -1.38 -1.67
CA CYS A 35 1.59 -1.30 -2.50
C CYS A 35 0.39 -0.80 -1.70
N SER A 36 0.68 -0.20 -0.54
CA SER A 36 -0.38 0.33 0.33
C SER A 36 -1.46 -0.72 0.55
N GLY A 37 -1.04 -1.98 0.69
CA GLY A 37 -1.99 -3.06 0.91
C GLY A 37 -1.94 -3.58 2.33
N ILE A 38 -3.08 -3.55 3.01
CA ILE A 38 -3.15 -4.02 4.39
C ILE A 38 -3.15 -5.55 4.44
N PHE A 39 -1.97 -6.12 4.69
CA PHE A 39 -1.83 -7.57 4.76
C PHE A 39 -1.60 -8.02 6.21
N CYS A 40 -1.72 -9.32 6.45
CA CYS A 40 -1.53 -9.88 7.78
C CYS A 40 -0.06 -9.78 8.19
N LEU A 41 0.19 -9.91 9.49
CA LEU A 41 1.54 -9.85 10.02
C LEU A 41 2.46 -10.81 9.28
N GLU A 42 1.89 -11.91 8.80
CA GLU A 42 2.66 -12.91 8.06
C GLU A 42 3.03 -12.42 6.67
N HIS A 43 2.12 -11.66 6.06
CA HIS A 43 2.35 -11.11 4.73
C HIS A 43 2.59 -9.61 4.78
N ARG A 44 2.95 -9.12 5.97
CA ARG A 44 3.20 -7.70 6.16
C ARG A 44 4.48 -7.27 5.44
N SER A 45 5.46 -8.18 5.40
CA SER A 45 6.73 -7.89 4.75
C SER A 45 6.62 -8.07 3.23
N LYS A 46 7.16 -7.12 2.49
CA LYS A 46 7.12 -7.17 1.04
C LYS A 46 7.61 -8.52 0.53
N ASP A 47 8.82 -8.89 0.94
CA ASP A 47 9.40 -10.16 0.53
C ASP A 47 8.37 -11.28 0.58
N SER A 48 7.70 -11.41 1.71
CA SER A 48 6.69 -12.45 1.89
C SER A 48 5.78 -12.53 0.66
N HIS A 49 5.14 -11.42 0.34
CA HIS A 49 4.24 -11.36 -0.81
C HIS A 49 4.96 -10.78 -2.04
N GLY A 50 6.27 -10.98 -2.10
CA GLY A 50 7.05 -10.47 -3.22
C GLY A 50 6.50 -9.16 -3.74
N CYS A 51 6.26 -8.22 -2.84
CA CYS A 51 5.74 -6.91 -3.22
C CYS A 51 6.27 -6.49 -4.59
N SER A 52 5.38 -5.96 -5.42
CA SER A 52 5.75 -5.52 -6.77
C SER A 52 6.73 -4.36 -6.70
N GLU A 53 6.62 -3.56 -5.64
CA GLU A 53 7.50 -2.40 -5.46
C GLU A 53 7.40 -1.45 -6.65
N VAL A 54 6.17 -1.19 -7.09
CA VAL A 54 5.93 -0.30 -8.22
C VAL A 54 5.71 1.13 -7.75
N ASN A 55 5.12 1.27 -6.57
CA ASN A 55 4.84 2.59 -6.00
C ASN A 55 6.14 3.37 -5.79
N VAL A 56 7.15 2.69 -5.24
CA VAL A 56 8.43 3.32 -4.98
C VAL A 56 9.49 2.83 -5.97
N VAL A 57 9.81 3.68 -6.96
CA VAL A 57 10.80 3.33 -7.97
C VAL A 57 12.20 3.75 -7.52
N LYS A 58 13.15 2.83 -7.66
CA LYS A 58 14.53 3.10 -7.27
C LYS A 58 15.01 4.43 -7.85
N GLU A 59 16.21 4.84 -7.47
CA GLU A 59 16.78 6.09 -7.96
C GLU A 59 16.62 6.21 -9.46
N ARG A 60 16.18 7.39 -9.92
CA ARG A 60 15.99 7.63 -11.34
C ARG A 60 17.08 6.96 -12.16
N PRO A 61 16.69 6.42 -13.33
CA PRO A 61 17.64 5.75 -14.23
C PRO A 61 18.62 6.72 -14.89
N LYS A 62 18.24 7.24 -16.05
CA LYS A 62 19.10 8.18 -16.77
C LYS A 62 19.76 9.16 -15.81
N THR A 63 18.97 10.06 -15.26
CA THR A 63 19.48 11.06 -14.33
C THR A 63 19.94 10.41 -13.02
N ASP A 64 21.22 10.06 -12.96
CA ASP A 64 21.78 9.44 -11.77
C ASP A 64 23.30 9.34 -11.87
N GLU A 65 23.96 9.29 -10.72
CA GLU A 65 25.42 9.20 -10.69
C GLU A 65 25.87 7.75 -10.87
N HIS A 66 26.34 7.42 -12.07
CA HIS A 66 26.81 6.08 -12.37
C HIS A 66 28.32 5.96 -12.15
N LYS A 67 28.77 4.78 -11.76
CA LYS A 67 30.18 4.54 -11.53
C LYS A 67 30.60 3.16 -12.03
N SER A 68 31.85 3.04 -12.44
CA SER A 68 32.37 1.77 -12.95
C SER A 68 33.87 1.65 -12.70
N TYR A 69 34.31 0.46 -12.33
CA TYR A 69 35.73 0.21 -12.05
C TYR A 69 36.49 -0.06 -13.34
N SER A 70 35.95 -0.95 -14.17
CA SER A 70 36.58 -1.31 -15.43
C SER A 70 37.96 -1.93 -15.19
N GLY A 71 38.02 -2.90 -14.27
CA GLY A 71 39.28 -3.55 -13.97
C GLY A 71 39.57 -4.71 -14.90
N PRO A 72 40.71 -4.65 -15.60
CA PRO A 72 41.13 -5.70 -16.53
C PRO A 72 41.51 -6.99 -15.83
N SER A 73 41.45 -8.10 -16.56
CA SER A 73 41.79 -9.40 -16.00
C SER A 73 42.84 -10.11 -16.86
N SER A 74 43.48 -11.13 -16.29
CA SER A 74 44.50 -11.88 -17.00
C SER A 74 44.86 -13.15 -16.25
N GLY A 75 45.54 -14.07 -16.92
CA GLY A 75 45.93 -15.31 -16.30
C GLY A 75 45.74 -16.51 -17.22
N GLY A 1 -30.65 23.62 -19.66
CA GLY A 1 -29.62 23.21 -18.71
C GLY A 1 -30.05 22.04 -17.85
N SER A 2 -29.12 21.14 -17.58
CA SER A 2 -29.41 19.96 -16.77
C SER A 2 -28.55 19.94 -15.50
N SER A 3 -28.82 18.98 -14.63
CA SER A 3 -28.07 18.85 -13.38
C SER A 3 -27.98 17.40 -12.94
N GLY A 4 -27.09 17.13 -12.00
CA GLY A 4 -26.92 15.77 -11.51
C GLY A 4 -25.70 15.62 -10.61
N SER A 5 -25.85 14.85 -9.54
CA SER A 5 -24.76 14.63 -8.60
C SER A 5 -25.01 13.37 -7.77
N SER A 6 -23.96 12.59 -7.57
CA SER A 6 -24.05 11.36 -6.79
C SER A 6 -22.80 11.16 -5.94
N GLY A 7 -22.97 10.47 -4.81
CA GLY A 7 -21.86 10.23 -3.92
C GLY A 7 -21.89 8.83 -3.32
N MET A 8 -20.78 8.43 -2.71
CA MET A 8 -20.69 7.11 -2.10
C MET A 8 -19.81 7.14 -0.86
N ALA A 9 -20.29 6.52 0.22
CA ALA A 9 -19.55 6.49 1.48
C ALA A 9 -18.97 5.09 1.73
N GLU A 10 -18.09 5.00 2.71
CA GLU A 10 -17.47 3.72 3.06
C GLU A 10 -16.61 3.86 4.32
N LEU A 11 -16.71 2.87 5.20
CA LEU A 11 -15.95 2.87 6.45
C LEU A 11 -14.92 1.75 6.46
N ASP A 12 -13.67 2.10 6.22
CA ASP A 12 -12.59 1.12 6.21
C ASP A 12 -12.39 0.51 7.59
N ILE A 13 -13.20 -0.51 7.90
CA ILE A 13 -13.12 -1.18 9.20
C ILE A 13 -12.51 -2.57 9.05
N GLY A 14 -11.47 -2.84 9.82
CA GLY A 14 -10.82 -4.14 9.77
C GLY A 14 -10.69 -4.65 8.35
N GLN A 15 -9.77 -4.07 7.60
CA GLN A 15 -9.55 -4.49 6.21
C GLN A 15 -9.06 -5.92 6.15
N HIS A 16 -9.24 -6.56 4.98
CA HIS A 16 -8.81 -7.94 4.79
C HIS A 16 -7.52 -8.01 3.98
N CYS A 17 -6.71 -9.02 4.25
CA CYS A 17 -5.45 -9.20 3.55
C CYS A 17 -5.67 -9.37 2.05
N GLN A 18 -5.31 -8.35 1.28
CA GLN A 18 -5.47 -8.39 -0.17
C GLN A 18 -5.12 -9.77 -0.72
N VAL A 19 -4.10 -10.38 -0.14
CA VAL A 19 -3.66 -11.71 -0.58
C VAL A 19 -4.85 -12.65 -0.76
N GLN A 20 -4.71 -13.59 -1.68
CA GLN A 20 -5.77 -14.55 -1.95
C GLN A 20 -5.43 -15.91 -1.32
N HIS A 21 -4.21 -16.36 -1.51
CA HIS A 21 -3.77 -17.64 -0.96
C HIS A 21 -3.51 -17.53 0.53
N CYS A 22 -3.87 -16.39 1.11
CA CYS A 22 -3.67 -16.16 2.53
C CYS A 22 -4.88 -16.64 3.33
N ARG A 23 -6.06 -16.18 2.97
CA ARG A 23 -7.29 -16.56 3.65
C ARG A 23 -7.05 -16.68 5.15
N GLN A 24 -6.37 -15.71 5.72
CA GLN A 24 -6.07 -15.70 7.15
C GLN A 24 -7.31 -15.33 7.96
N ARG A 25 -7.32 -15.70 9.23
CA ARG A 25 -8.44 -15.40 10.11
C ARG A 25 -8.00 -14.53 11.28
N ASP A 26 -8.85 -13.58 11.66
CA ASP A 26 -8.55 -12.69 12.77
C ASP A 26 -7.06 -12.37 12.82
N PHE A 27 -6.53 -11.87 11.71
CA PHE A 27 -5.11 -11.52 11.62
C PHE A 27 -4.90 -10.06 11.96
N LEU A 28 -3.63 -9.67 12.08
CA LEU A 28 -3.28 -8.30 12.41
C LEU A 28 -3.13 -7.46 11.15
N PRO A 29 -3.95 -6.41 11.03
CA PRO A 29 -3.93 -5.50 9.88
C PRO A 29 -2.68 -4.64 9.84
N PHE A 30 -1.98 -4.66 8.71
CA PHE A 30 -0.76 -3.88 8.55
C PHE A 30 -0.66 -3.33 7.13
N VAL A 31 -0.68 -2.01 7.01
CA VAL A 31 -0.58 -1.35 5.71
C VAL A 31 0.81 -1.52 5.11
N CYS A 32 0.91 -2.35 4.08
CA CYS A 32 2.18 -2.60 3.41
C CYS A 32 2.82 -1.30 2.93
N ASP A 33 4.04 -1.04 3.38
CA ASP A 33 4.75 0.18 3.00
C ASP A 33 5.36 0.04 1.60
N GLY A 34 4.57 -0.50 0.68
CA GLY A 34 5.03 -0.68 -0.68
C GLY A 34 3.94 -0.53 -1.70
N CYS A 35 2.91 -1.35 -1.60
CA CYS A 35 1.78 -1.30 -2.51
C CYS A 35 0.52 -0.79 -1.81
N SER A 36 0.71 -0.20 -0.64
CA SER A 36 -0.41 0.35 0.13
C SER A 36 -1.47 -0.72 0.37
N GLY A 37 -1.02 -1.95 0.60
CA GLY A 37 -1.96 -3.05 0.84
C GLY A 37 -1.93 -3.53 2.27
N ILE A 38 -3.07 -3.49 2.94
CA ILE A 38 -3.17 -3.93 4.33
C ILE A 38 -3.15 -5.45 4.42
N PHE A 39 -1.98 -6.01 4.71
CA PHE A 39 -1.83 -7.45 4.83
C PHE A 39 -1.61 -7.85 6.29
N CYS A 40 -1.77 -9.14 6.57
CA CYS A 40 -1.59 -9.66 7.92
C CYS A 40 -0.14 -9.48 8.38
N LEU A 41 0.14 -9.95 9.60
CA LEU A 41 1.48 -9.84 10.16
C LEU A 41 2.48 -10.67 9.35
N GLU A 42 2.10 -11.91 9.06
CA GLU A 42 2.96 -12.81 8.30
C GLU A 42 3.17 -12.28 6.88
N HIS A 43 2.16 -11.62 6.34
CA HIS A 43 2.23 -11.06 5.00
C HIS A 43 2.40 -9.55 5.05
N ARG A 44 2.81 -9.03 6.20
CA ARG A 44 3.01 -7.61 6.38
C ARG A 44 4.25 -7.13 5.61
N SER A 45 5.30 -7.95 5.63
CA SER A 45 6.54 -7.62 4.94
C SER A 45 6.35 -7.63 3.42
N LYS A 46 7.36 -7.15 2.70
CA LYS A 46 7.30 -7.11 1.25
C LYS A 46 8.14 -8.24 0.64
N ASP A 47 8.06 -9.42 1.25
CA ASP A 47 8.81 -10.57 0.77
C ASP A 47 7.90 -11.80 0.65
N SER A 48 7.03 -11.97 1.63
CA SER A 48 6.11 -13.10 1.64
C SER A 48 5.13 -13.02 0.48
N HIS A 49 4.66 -11.81 0.19
CA HIS A 49 3.71 -11.61 -0.90
C HIS A 49 4.44 -11.06 -2.14
N GLY A 50 5.72 -11.37 -2.25
CA GLY A 50 6.50 -10.91 -3.39
C GLY A 50 6.08 -9.53 -3.86
N CYS A 51 6.02 -8.57 -2.93
CA CYS A 51 5.62 -7.22 -3.26
C CYS A 51 6.25 -6.77 -4.57
N SER A 52 5.44 -6.16 -5.44
CA SER A 52 5.90 -5.69 -6.73
C SER A 52 6.74 -4.41 -6.58
N GLU A 53 6.45 -3.65 -5.52
CA GLU A 53 7.17 -2.41 -5.26
C GLU A 53 7.12 -1.50 -6.48
N VAL A 54 5.94 -1.35 -7.06
CA VAL A 54 5.76 -0.49 -8.23
C VAL A 54 5.47 0.95 -7.82
N ASN A 55 4.66 1.11 -6.78
CA ASN A 55 4.31 2.44 -6.29
C ASN A 55 5.54 3.33 -6.20
N VAL A 56 6.54 2.89 -5.45
CA VAL A 56 7.77 3.65 -5.28
C VAL A 56 8.72 3.43 -6.46
N VAL A 57 8.15 3.38 -7.67
CA VAL A 57 8.94 3.18 -8.88
C VAL A 57 10.23 4.00 -8.84
N LYS A 58 11.30 3.43 -9.36
CA LYS A 58 12.59 4.11 -9.40
C LYS A 58 12.49 5.43 -10.16
N GLU A 59 13.18 6.45 -9.66
CA GLU A 59 13.17 7.76 -10.29
C GLU A 59 14.50 8.04 -10.97
N ARG A 60 14.58 9.18 -11.67
CA ARG A 60 15.79 9.56 -12.38
C ARG A 60 17.03 9.11 -11.61
N PRO A 61 18.01 8.54 -12.35
CA PRO A 61 19.26 8.05 -11.76
C PRO A 61 20.15 9.18 -11.27
N LYS A 62 21.08 8.86 -10.39
CA LYS A 62 22.01 9.84 -9.85
C LYS A 62 23.17 9.17 -9.13
N THR A 63 24.39 9.58 -9.47
CA THR A 63 25.58 9.00 -8.85
C THR A 63 25.43 8.92 -7.34
N ASP A 64 25.13 7.73 -6.84
CA ASP A 64 24.96 7.52 -5.41
C ASP A 64 26.30 7.29 -4.73
N GLU A 65 26.45 7.85 -3.53
CA GLU A 65 27.69 7.73 -2.77
C GLU A 65 27.90 6.29 -2.31
N HIS A 66 29.09 6.00 -1.78
CA HIS A 66 29.41 4.67 -1.31
C HIS A 66 29.04 4.51 0.17
N LYS A 67 28.50 3.35 0.51
CA LYS A 67 28.10 3.07 1.88
C LYS A 67 29.15 2.22 2.59
N SER A 68 29.37 1.01 2.07
CA SER A 68 30.35 0.09 2.66
C SER A 68 31.14 -0.62 1.57
N TYR A 69 32.26 -1.22 1.96
CA TYR A 69 33.11 -1.94 1.02
C TYR A 69 33.54 -3.29 1.59
N SER A 70 34.12 -4.12 0.74
CA SER A 70 34.59 -5.44 1.16
C SER A 70 36.04 -5.67 0.76
N GLY A 71 36.58 -6.82 1.13
CA GLY A 71 37.95 -7.14 0.80
C GLY A 71 38.09 -8.46 0.07
N PRO A 72 38.88 -8.46 -1.01
CA PRO A 72 39.11 -9.67 -1.82
C PRO A 72 39.94 -10.71 -1.09
N SER A 73 40.32 -11.77 -1.80
CA SER A 73 41.11 -12.84 -1.21
C SER A 73 42.20 -13.31 -2.18
N SER A 74 43.03 -14.23 -1.72
CA SER A 74 44.11 -14.76 -2.54
C SER A 74 43.96 -16.27 -2.75
N GLY A 75 44.83 -16.83 -3.58
CA GLY A 75 44.77 -18.26 -3.85
C GLY A 75 46.06 -18.79 -4.43
N GLY A 1 -52.14 5.14 10.86
CA GLY A 1 -52.32 3.74 10.51
C GLY A 1 -51.06 3.15 9.88
N SER A 2 -50.48 3.86 8.93
CA SER A 2 -49.28 3.39 8.25
C SER A 2 -48.41 4.57 7.82
N SER A 3 -47.25 4.71 8.47
CA SER A 3 -46.33 5.80 8.15
C SER A 3 -45.00 5.60 8.86
N GLY A 4 -43.97 6.28 8.38
CA GLY A 4 -42.65 6.17 8.98
C GLY A 4 -41.63 5.51 8.07
N SER A 5 -40.49 6.16 7.90
CA SER A 5 -39.43 5.63 7.04
C SER A 5 -38.06 5.88 7.65
N SER A 6 -37.19 4.87 7.56
CA SER A 6 -35.85 4.98 8.12
C SER A 6 -34.87 4.13 7.31
N GLY A 7 -33.59 4.20 7.68
CA GLY A 7 -32.57 3.44 6.98
C GLY A 7 -31.38 3.11 7.87
N MET A 8 -30.97 1.85 7.85
CA MET A 8 -29.84 1.40 8.65
C MET A 8 -28.52 1.61 7.91
N ALA A 9 -27.42 1.53 8.65
CA ALA A 9 -26.09 1.71 8.06
C ALA A 9 -25.33 0.39 8.00
N GLU A 10 -24.68 0.13 6.86
CA GLU A 10 -23.93 -1.09 6.68
C GLU A 10 -22.53 -0.80 6.14
N LEU A 11 -21.52 -0.99 6.98
CA LEU A 11 -20.14 -0.74 6.58
C LEU A 11 -19.21 -1.80 7.16
N ASP A 12 -18.61 -2.59 6.28
CA ASP A 12 -17.70 -3.65 6.71
C ASP A 12 -16.49 -3.06 7.44
N ILE A 13 -16.49 -3.16 8.75
CA ILE A 13 -15.40 -2.64 9.56
C ILE A 13 -14.36 -3.72 9.84
N GLY A 14 -13.22 -3.63 9.16
CA GLY A 14 -12.16 -4.60 9.33
C GLY A 14 -11.60 -5.10 8.02
N GLN A 15 -10.62 -4.38 7.49
CA GLN A 15 -10.00 -4.76 6.23
C GLN A 15 -9.54 -6.21 6.26
N HIS A 16 -9.06 -6.70 5.12
CA HIS A 16 -8.59 -8.07 5.02
C HIS A 16 -7.24 -8.13 4.29
N CYS A 17 -6.66 -9.32 4.22
CA CYS A 17 -5.38 -9.52 3.56
C CYS A 17 -5.56 -9.61 2.05
N GLN A 18 -5.19 -8.54 1.35
CA GLN A 18 -5.31 -8.50 -0.10
C GLN A 18 -4.93 -9.85 -0.72
N VAL A 19 -3.92 -10.50 -0.14
CA VAL A 19 -3.46 -11.79 -0.63
C VAL A 19 -4.61 -12.78 -0.74
N GLN A 20 -4.49 -13.72 -1.67
CA GLN A 20 -5.53 -14.72 -1.88
C GLN A 20 -5.18 -16.01 -1.16
N HIS A 21 -4.17 -16.71 -1.65
CA HIS A 21 -3.74 -17.97 -1.04
C HIS A 21 -3.87 -17.91 0.48
N CYS A 22 -3.74 -16.71 1.04
CA CYS A 22 -3.85 -16.52 2.48
C CYS A 22 -5.23 -16.92 2.98
N ARG A 23 -5.33 -17.19 4.27
CA ARG A 23 -6.60 -17.59 4.88
C ARG A 23 -6.89 -16.73 6.11
N GLN A 24 -5.84 -16.32 6.81
CA GLN A 24 -5.99 -15.50 8.01
C GLN A 24 -7.06 -14.43 7.81
N ARG A 25 -8.00 -14.36 8.73
CA ARG A 25 -9.08 -13.38 8.66
C ARG A 25 -9.09 -12.50 9.90
N ASP A 26 -9.03 -13.13 11.07
CA ASP A 26 -9.04 -12.40 12.34
C ASP A 26 -7.63 -11.98 12.73
N PHE A 27 -6.95 -11.27 11.83
CA PHE A 27 -5.59 -10.81 12.08
C PHE A 27 -5.54 -9.29 12.21
N LEU A 28 -4.34 -8.75 12.37
CA LEU A 28 -4.17 -7.31 12.50
C LEU A 28 -3.75 -6.69 11.17
N PRO A 29 -4.49 -5.64 10.76
CA PRO A 29 -4.22 -4.93 9.50
C PRO A 29 -2.93 -4.13 9.56
N PHE A 30 -1.98 -4.49 8.70
CA PHE A 30 -0.70 -3.80 8.65
C PHE A 30 -0.43 -3.25 7.25
N VAL A 31 -0.79 -1.98 7.04
CA VAL A 31 -0.59 -1.33 5.75
C VAL A 31 0.81 -1.60 5.22
N CYS A 32 0.88 -2.33 4.10
CA CYS A 32 2.15 -2.66 3.49
C CYS A 32 2.87 -1.41 3.00
N ASP A 33 4.12 -1.25 3.41
CA ASP A 33 4.92 -0.09 3.02
C ASP A 33 5.49 -0.28 1.62
N GLY A 34 4.67 -0.78 0.71
CA GLY A 34 5.11 -0.99 -0.65
C GLY A 34 4.01 -0.73 -1.68
N CYS A 35 2.87 -1.38 -1.49
CA CYS A 35 1.75 -1.23 -2.40
C CYS A 35 0.53 -0.67 -1.66
N SER A 36 0.74 -0.25 -0.42
CA SER A 36 -0.34 0.30 0.39
C SER A 36 -1.44 -0.74 0.62
N GLY A 37 -1.03 -1.99 0.74
CA GLY A 37 -1.99 -3.07 0.95
C GLY A 37 -1.98 -3.56 2.38
N ILE A 38 -3.16 -3.59 3.01
CA ILE A 38 -3.28 -4.06 4.38
C ILE A 38 -3.26 -5.58 4.45
N PHE A 39 -2.10 -6.13 4.82
CA PHE A 39 -1.94 -7.57 4.92
C PHE A 39 -1.74 -7.99 6.38
N CYS A 40 -1.64 -9.30 6.60
CA CYS A 40 -1.44 -9.83 7.95
C CYS A 40 0.01 -9.66 8.39
N LEU A 41 0.31 -10.15 9.59
CA LEU A 41 1.67 -10.05 10.12
C LEU A 41 2.65 -10.90 9.32
N GLU A 42 2.25 -12.14 9.03
CA GLU A 42 3.09 -13.04 8.26
C GLU A 42 3.28 -12.53 6.83
N HIS A 43 2.29 -11.80 6.33
CA HIS A 43 2.34 -11.24 4.98
C HIS A 43 2.48 -9.72 5.03
N ARG A 44 2.85 -9.20 6.19
CA ARG A 44 3.01 -7.76 6.37
C ARG A 44 4.21 -7.24 5.57
N SER A 45 5.24 -8.07 5.47
CA SER A 45 6.46 -7.70 4.74
C SER A 45 6.19 -7.69 3.23
N LYS A 46 7.22 -7.32 2.47
CA LYS A 46 7.11 -7.28 1.02
C LYS A 46 7.52 -8.61 0.39
N ASP A 47 8.77 -9.00 0.61
CA ASP A 47 9.28 -10.26 0.06
C ASP A 47 8.27 -11.37 0.23
N SER A 48 7.69 -11.48 1.43
CA SER A 48 6.71 -12.51 1.72
C SER A 48 5.68 -12.62 0.59
N HIS A 49 5.28 -11.47 0.05
CA HIS A 49 4.31 -11.44 -1.04
C HIS A 49 4.91 -10.81 -2.29
N GLY A 50 6.21 -11.01 -2.48
CA GLY A 50 6.89 -10.45 -3.64
C GLY A 50 6.34 -9.09 -4.02
N CYS A 51 6.08 -8.26 -3.02
CA CYS A 51 5.54 -6.92 -3.27
C CYS A 51 6.11 -6.34 -4.55
N SER A 52 5.32 -5.52 -5.23
CA SER A 52 5.75 -4.90 -6.47
C SER A 52 6.76 -3.80 -6.21
N GLU A 53 6.82 -3.34 -4.96
CA GLU A 53 7.77 -2.29 -4.57
C GLU A 53 7.67 -1.10 -5.53
N VAL A 54 6.46 -0.58 -5.70
CA VAL A 54 6.24 0.56 -6.58
C VAL A 54 6.49 1.88 -5.85
N ASN A 55 5.85 2.03 -4.70
CA ASN A 55 6.00 3.25 -3.91
C ASN A 55 7.46 3.66 -3.81
N VAL A 56 8.35 2.67 -3.70
CA VAL A 56 9.77 2.93 -3.60
C VAL A 56 10.55 2.17 -4.67
N VAL A 57 11.87 2.25 -4.60
CA VAL A 57 12.73 1.56 -5.56
C VAL A 57 12.10 1.54 -6.95
N LYS A 58 11.46 2.65 -7.31
CA LYS A 58 10.81 2.77 -8.61
C LYS A 58 10.96 4.18 -9.17
N GLU A 59 11.21 4.27 -10.47
CA GLU A 59 11.38 5.56 -11.14
C GLU A 59 10.26 6.52 -10.75
N ARG A 60 10.58 7.46 -9.87
CA ARG A 60 9.59 8.45 -9.41
C ARG A 60 10.03 9.86 -9.79
N PRO A 61 9.05 10.70 -10.16
CA PRO A 61 9.31 12.09 -10.54
C PRO A 61 9.72 12.96 -9.36
N LYS A 62 11.03 13.03 -9.12
CA LYS A 62 11.56 13.83 -8.02
C LYS A 62 12.98 14.30 -8.32
N THR A 63 13.23 15.58 -8.05
CA THR A 63 14.55 16.16 -8.30
C THR A 63 15.66 15.25 -7.78
N ASP A 64 16.51 14.79 -8.68
CA ASP A 64 17.61 13.91 -8.32
C ASP A 64 18.95 14.64 -8.43
N GLU A 65 20.02 13.97 -8.02
CA GLU A 65 21.36 14.56 -8.08
C GLU A 65 21.69 15.03 -9.49
N HIS A 66 22.92 15.49 -9.68
CA HIS A 66 23.36 15.97 -10.99
C HIS A 66 23.17 14.90 -12.05
N LYS A 67 23.50 15.24 -13.29
CA LYS A 67 23.36 14.31 -14.40
C LYS A 67 24.73 13.89 -14.95
N SER A 68 24.79 12.69 -15.52
CA SER A 68 26.04 12.18 -16.08
C SER A 68 26.50 13.03 -17.25
N TYR A 69 27.77 12.89 -17.62
CA TYR A 69 28.34 13.65 -18.73
C TYR A 69 28.65 12.73 -19.91
N SER A 70 28.96 13.34 -21.05
CA SER A 70 29.27 12.58 -22.26
C SER A 70 30.64 12.99 -22.82
N GLY A 71 31.04 12.33 -23.90
CA GLY A 71 32.32 12.64 -24.52
C GLY A 71 32.21 12.79 -26.02
N PRO A 72 32.77 13.89 -26.55
CA PRO A 72 32.74 14.18 -27.98
C PRO A 72 33.63 13.23 -28.78
N SER A 73 33.77 13.51 -30.08
CA SER A 73 34.60 12.68 -30.95
C SER A 73 35.35 13.54 -31.96
N SER A 74 36.21 12.89 -32.74
CA SER A 74 37.00 13.60 -33.75
C SER A 74 36.82 12.97 -35.12
N GLY A 75 37.31 13.64 -36.15
CA GLY A 75 37.20 13.13 -37.50
C GLY A 75 38.50 13.25 -38.29
N GLY A 1 -46.11 13.68 -6.32
CA GLY A 1 -45.63 12.74 -5.32
C GLY A 1 -44.23 13.09 -4.83
N SER A 2 -43.69 12.24 -3.96
CA SER A 2 -42.37 12.47 -3.40
C SER A 2 -41.44 13.08 -4.44
N SER A 3 -40.48 13.86 -3.98
CA SER A 3 -39.53 14.52 -4.87
C SER A 3 -38.32 13.62 -5.13
N GLY A 4 -37.65 13.21 -4.06
CA GLY A 4 -36.49 12.35 -4.20
C GLY A 4 -35.85 12.02 -2.86
N SER A 5 -36.09 10.80 -2.38
CA SER A 5 -35.54 10.37 -1.10
C SER A 5 -34.51 9.26 -1.30
N SER A 6 -33.24 9.59 -1.05
CA SER A 6 -32.16 8.62 -1.20
C SER A 6 -30.86 9.16 -0.60
N GLY A 7 -30.43 8.54 0.48
CA GLY A 7 -29.20 8.96 1.14
C GLY A 7 -28.60 7.86 2.01
N MET A 8 -28.60 6.64 1.49
CA MET A 8 -28.05 5.51 2.21
C MET A 8 -26.66 5.14 1.69
N ALA A 9 -25.87 4.49 2.54
CA ALA A 9 -24.52 4.09 2.16
C ALA A 9 -23.95 3.06 3.14
N GLU A 10 -22.95 2.32 2.69
CA GLU A 10 -22.33 1.30 3.53
C GLU A 10 -20.84 1.59 3.71
N LEU A 11 -20.50 2.15 4.87
CA LEU A 11 -19.12 2.49 5.18
C LEU A 11 -18.70 1.89 6.52
N ASP A 12 -18.33 0.62 6.51
CA ASP A 12 -17.91 -0.07 7.73
C ASP A 12 -16.41 -0.38 7.69
N ILE A 13 -15.76 -0.29 8.84
CA ILE A 13 -14.34 -0.57 8.94
C ILE A 13 -14.07 -2.06 9.09
N GLY A 14 -13.55 -2.67 8.03
CA GLY A 14 -13.24 -4.09 8.07
C GLY A 14 -12.39 -4.54 6.91
N GLN A 15 -11.12 -4.14 6.92
CA GLN A 15 -10.18 -4.50 5.85
C GLN A 15 -9.66 -5.92 6.04
N HIS A 16 -9.15 -6.50 4.97
CA HIS A 16 -8.61 -7.86 5.02
C HIS A 16 -7.29 -7.94 4.27
N CYS A 17 -6.63 -9.10 4.35
CA CYS A 17 -5.36 -9.32 3.68
C CYS A 17 -5.55 -9.47 2.18
N GLN A 18 -5.20 -8.42 1.43
CA GLN A 18 -5.34 -8.44 -0.02
C GLN A 18 -5.00 -9.81 -0.58
N VAL A 19 -3.98 -10.46 0.01
CA VAL A 19 -3.55 -11.77 -0.43
C VAL A 19 -4.72 -12.76 -0.42
N GLN A 20 -4.90 -13.47 -1.53
CA GLN A 20 -5.97 -14.45 -1.65
C GLN A 20 -5.59 -15.76 -0.95
N HIS A 21 -4.62 -16.46 -1.53
CA HIS A 21 -4.16 -17.72 -0.96
C HIS A 21 -4.06 -17.64 0.56
N CYS A 22 -3.87 -16.42 1.06
CA CYS A 22 -3.76 -16.20 2.50
C CYS A 22 -5.08 -16.51 3.21
N ARG A 23 -6.15 -15.92 2.70
CA ARG A 23 -7.48 -16.12 3.29
C ARG A 23 -7.38 -16.35 4.79
N GLN A 24 -6.56 -15.54 5.46
CA GLN A 24 -6.38 -15.64 6.89
C GLN A 24 -7.64 -15.20 7.64
N ARG A 25 -7.73 -15.59 8.91
CA ARG A 25 -8.88 -15.23 9.73
C ARG A 25 -8.44 -14.80 11.12
N ASP A 26 -8.95 -13.65 11.57
CA ASP A 26 -8.61 -13.12 12.87
C ASP A 26 -7.16 -12.64 12.92
N PHE A 27 -6.75 -11.93 11.87
CA PHE A 27 -5.38 -11.42 11.78
C PHE A 27 -5.35 -9.92 12.03
N LEU A 28 -4.14 -9.36 12.09
CA LEU A 28 -3.98 -7.93 12.32
C LEU A 28 -3.64 -7.20 11.02
N PRO A 29 -4.43 -6.17 10.69
CA PRO A 29 -4.23 -5.37 9.48
C PRO A 29 -2.98 -4.51 9.55
N PHE A 30 -2.09 -4.70 8.58
CA PHE A 30 -0.84 -3.94 8.53
C PHE A 30 -0.59 -3.40 7.13
N VAL A 31 -0.87 -2.11 6.93
CA VAL A 31 -0.69 -1.47 5.64
C VAL A 31 0.75 -1.67 5.13
N CYS A 32 0.88 -2.37 4.01
CA CYS A 32 2.18 -2.63 3.41
C CYS A 32 2.84 -1.34 2.98
N ASP A 33 4.15 -1.24 3.18
CA ASP A 33 4.92 -0.06 2.81
C ASP A 33 5.43 -0.17 1.37
N GLY A 34 4.59 -0.74 0.50
CA GLY A 34 4.97 -0.90 -0.89
C GLY A 34 3.81 -0.71 -1.84
N CYS A 35 2.77 -1.51 -1.68
CA CYS A 35 1.59 -1.43 -2.53
C CYS A 35 0.38 -0.95 -1.74
N SER A 36 0.64 -0.28 -0.62
CA SER A 36 -0.42 0.23 0.24
C SER A 36 -1.49 -0.82 0.47
N GLY A 37 -1.06 -2.06 0.71
CA GLY A 37 -1.99 -3.15 0.94
C GLY A 37 -1.96 -3.64 2.38
N ILE A 38 -3.11 -3.60 3.03
CA ILE A 38 -3.22 -4.05 4.42
C ILE A 38 -3.17 -5.57 4.51
N PHE A 39 -1.99 -6.10 4.80
CA PHE A 39 -1.83 -7.55 4.91
C PHE A 39 -1.61 -7.96 6.37
N CYS A 40 -1.66 -9.26 6.63
CA CYS A 40 -1.48 -9.78 7.98
C CYS A 40 -0.01 -9.71 8.39
N LEU A 41 0.22 -9.57 9.69
CA LEU A 41 1.58 -9.48 10.21
C LEU A 41 2.49 -10.52 9.55
N GLU A 42 1.90 -11.64 9.16
CA GLU A 42 2.64 -12.71 8.51
C GLU A 42 3.03 -12.33 7.08
N HIS A 43 2.11 -11.63 6.41
CA HIS A 43 2.35 -11.19 5.03
C HIS A 43 2.60 -9.69 4.97
N ARG A 44 2.95 -9.11 6.12
CA ARG A 44 3.20 -7.68 6.19
C ARG A 44 4.48 -7.32 5.44
N SER A 45 5.44 -8.24 5.42
CA SER A 45 6.71 -8.02 4.73
C SER A 45 6.51 -8.05 3.22
N LYS A 46 7.31 -7.25 2.51
CA LYS A 46 7.23 -7.20 1.06
C LYS A 46 7.70 -8.51 0.44
N ASP A 47 8.91 -8.93 0.78
CA ASP A 47 9.47 -10.16 0.25
C ASP A 47 8.45 -11.30 0.34
N SER A 48 7.85 -11.46 1.51
CA SER A 48 6.86 -12.51 1.73
C SER A 48 5.89 -12.58 0.56
N HIS A 49 5.31 -11.44 0.21
CA HIS A 49 4.36 -11.36 -0.88
C HIS A 49 4.99 -10.74 -2.13
N GLY A 50 6.32 -10.87 -2.24
CA GLY A 50 7.02 -10.32 -3.38
C GLY A 50 6.43 -9.03 -3.86
N CYS A 51 6.17 -8.11 -2.93
CA CYS A 51 5.59 -6.81 -3.27
C CYS A 51 6.02 -6.37 -4.66
N SER A 52 5.08 -5.81 -5.41
CA SER A 52 5.37 -5.35 -6.77
C SER A 52 6.42 -4.25 -6.75
N GLU A 53 6.57 -3.59 -5.61
CA GLU A 53 7.54 -2.52 -5.46
C GLU A 53 7.25 -1.38 -6.42
N VAL A 54 6.00 -0.92 -6.42
CA VAL A 54 5.58 0.17 -7.29
C VAL A 54 5.88 1.53 -6.66
N ASN A 55 5.54 1.67 -5.39
CA ASN A 55 5.76 2.91 -4.66
C ASN A 55 7.18 2.98 -4.12
N VAL A 56 8.12 2.38 -4.85
CA VAL A 56 9.52 2.38 -4.44
C VAL A 56 10.43 2.62 -5.64
N VAL A 57 11.74 2.53 -5.40
CA VAL A 57 12.73 2.75 -6.45
C VAL A 57 12.32 2.03 -7.73
N LYS A 58 12.54 2.68 -8.87
CA LYS A 58 12.20 2.10 -10.16
C LYS A 58 10.70 1.83 -10.26
N GLU A 59 9.90 2.85 -9.98
CA GLU A 59 8.45 2.71 -10.04
C GLU A 59 8.01 2.08 -11.35
N ARG A 60 6.81 1.51 -11.36
CA ARG A 60 6.28 0.86 -12.56
C ARG A 60 5.72 1.90 -13.53
N PRO A 61 5.53 1.48 -14.79
CA PRO A 61 5.01 2.36 -15.85
C PRO A 61 3.53 2.69 -15.64
N LYS A 62 3.12 3.86 -16.11
CA LYS A 62 1.74 4.30 -15.98
C LYS A 62 0.85 3.63 -17.03
N THR A 63 -0.06 2.78 -16.58
CA THR A 63 -0.97 2.09 -17.49
C THR A 63 -2.42 2.47 -17.21
N ASP A 64 -2.64 3.74 -16.88
CA ASP A 64 -3.98 4.23 -16.59
C ASP A 64 -4.29 5.50 -17.39
N GLU A 65 -5.37 5.47 -18.14
CA GLU A 65 -5.76 6.62 -18.95
C GLU A 65 -6.48 7.67 -18.10
N HIS A 66 -6.74 8.82 -18.70
CA HIS A 66 -7.41 9.91 -18.00
C HIS A 66 -8.78 9.47 -17.50
N LYS A 67 -9.15 9.90 -16.30
CA LYS A 67 -10.43 9.55 -15.70
C LYS A 67 -11.49 10.59 -16.05
N SER A 68 -12.71 10.35 -15.59
CA SER A 68 -13.82 11.27 -15.85
C SER A 68 -13.60 12.60 -15.15
N TYR A 69 -14.49 13.55 -15.40
CA TYR A 69 -14.40 14.88 -14.79
C TYR A 69 -15.27 14.96 -13.54
N SER A 70 -15.09 16.04 -12.78
CA SER A 70 -15.87 16.25 -11.56
C SER A 70 -17.12 17.06 -11.84
N GLY A 71 -18.01 17.14 -10.85
CA GLY A 71 -19.23 17.90 -11.01
C GLY A 71 -19.53 18.79 -9.82
N PRO A 72 -19.90 20.05 -10.09
CA PRO A 72 -20.21 21.03 -9.05
C PRO A 72 -21.51 20.69 -8.31
N SER A 73 -21.72 21.35 -7.17
CA SER A 73 -22.92 21.12 -6.37
C SER A 73 -23.01 22.12 -5.23
N SER A 74 -24.14 22.13 -4.54
CA SER A 74 -24.36 23.04 -3.42
C SER A 74 -25.42 22.50 -2.47
N GLY A 75 -25.57 23.16 -1.32
CA GLY A 75 -26.56 22.73 -0.36
C GLY A 75 -27.27 23.89 0.30
N GLY A 1 -26.95 27.53 -13.73
CA GLY A 1 -26.01 26.55 -13.25
C GLY A 1 -26.58 25.67 -12.15
N SER A 2 -25.83 25.52 -11.07
CA SER A 2 -26.26 24.70 -9.94
C SER A 2 -26.59 23.28 -10.41
N SER A 3 -25.73 22.74 -11.28
CA SER A 3 -25.91 21.39 -11.80
C SER A 3 -24.68 20.53 -11.53
N GLY A 4 -23.52 21.02 -11.93
CA GLY A 4 -22.28 20.29 -11.73
C GLY A 4 -22.38 18.86 -12.23
N SER A 5 -21.66 17.96 -11.56
CA SER A 5 -21.66 16.55 -11.94
C SER A 5 -22.21 15.68 -10.81
N SER A 6 -22.41 14.40 -11.11
CA SER A 6 -22.92 13.46 -10.12
C SER A 6 -21.80 12.94 -9.23
N GLY A 7 -21.91 13.22 -7.93
CA GLY A 7 -20.91 12.78 -6.98
C GLY A 7 -21.38 11.62 -6.13
N MET A 8 -20.54 10.61 -5.97
CA MET A 8 -20.88 9.45 -5.16
C MET A 8 -19.78 9.13 -4.16
N ALA A 9 -20.17 8.78 -2.94
CA ALA A 9 -19.20 8.45 -1.90
C ALA A 9 -19.83 7.54 -0.85
N GLU A 10 -19.09 6.51 -0.45
CA GLU A 10 -19.58 5.57 0.55
C GLU A 10 -18.46 5.18 1.52
N LEU A 11 -18.80 5.10 2.80
CA LEU A 11 -17.83 4.74 3.84
C LEU A 11 -18.12 3.36 4.41
N ASP A 12 -17.48 2.35 3.84
CA ASP A 12 -17.66 0.97 4.30
C ASP A 12 -16.39 0.43 4.92
N ILE A 13 -16.52 -0.15 6.11
CA ILE A 13 -15.37 -0.70 6.81
C ILE A 13 -15.33 -2.23 6.67
N GLY A 14 -14.24 -2.74 6.12
CA GLY A 14 -14.10 -4.17 5.93
C GLY A 14 -12.79 -4.55 5.28
N GLN A 15 -11.71 -3.88 5.68
CA GLN A 15 -10.39 -4.14 5.13
C GLN A 15 -9.98 -5.60 5.37
N HIS A 16 -9.04 -6.09 4.57
CA HIS A 16 -8.56 -7.46 4.70
C HIS A 16 -7.25 -7.65 3.93
N CYS A 17 -6.65 -8.82 4.08
CA CYS A 17 -5.41 -9.13 3.39
C CYS A 17 -5.62 -9.30 1.90
N GLN A 18 -5.23 -8.29 1.13
CA GLN A 18 -5.39 -8.33 -0.32
C GLN A 18 -5.02 -9.70 -0.87
N VAL A 19 -4.03 -10.34 -0.26
CA VAL A 19 -3.59 -11.65 -0.69
C VAL A 19 -4.75 -12.64 -0.72
N GLN A 20 -4.73 -13.54 -1.70
CA GLN A 20 -5.79 -14.54 -1.84
C GLN A 20 -5.41 -15.83 -1.13
N HIS A 21 -4.47 -16.57 -1.71
CA HIS A 21 -4.02 -17.82 -1.13
C HIS A 21 -4.02 -17.75 0.39
N CYS A 22 -3.75 -16.57 0.93
CA CYS A 22 -3.73 -16.36 2.37
C CYS A 22 -5.02 -16.87 3.01
N ARG A 23 -4.87 -17.56 4.14
CA ARG A 23 -6.02 -18.11 4.85
C ARG A 23 -5.97 -17.73 6.33
N GLN A 24 -5.37 -16.58 6.62
CA GLN A 24 -5.26 -16.09 7.99
C GLN A 24 -6.61 -15.56 8.50
N ARG A 25 -6.88 -15.77 9.78
CA ARG A 25 -8.12 -15.31 10.38
C ARG A 25 -7.84 -14.42 11.60
N ASP A 26 -8.79 -13.54 11.91
CA ASP A 26 -8.65 -12.64 13.04
C ASP A 26 -7.21 -12.14 13.16
N PHE A 27 -6.62 -11.79 12.02
CA PHE A 27 -5.24 -11.30 12.00
C PHE A 27 -5.20 -9.79 12.24
N LEU A 28 -4.00 -9.25 12.39
CA LEU A 28 -3.82 -7.83 12.62
C LEU A 28 -3.57 -7.08 11.32
N PRO A 29 -4.29 -5.98 11.11
CA PRO A 29 -4.16 -5.16 9.91
C PRO A 29 -2.83 -4.41 9.86
N PHE A 30 -2.13 -4.52 8.74
CA PHE A 30 -0.85 -3.86 8.57
C PHE A 30 -0.71 -3.28 7.15
N VAL A 31 -0.76 -1.96 7.05
CA VAL A 31 -0.64 -1.29 5.76
C VAL A 31 0.75 -1.45 5.18
N CYS A 32 0.87 -2.30 4.16
CA CYS A 32 2.15 -2.55 3.52
C CYS A 32 2.78 -1.25 3.04
N ASP A 33 4.01 -1.00 3.49
CA ASP A 33 4.73 0.21 3.11
C ASP A 33 5.36 0.06 1.73
N GLY A 34 4.63 -0.57 0.81
CA GLY A 34 5.13 -0.77 -0.53
C GLY A 34 4.07 -0.58 -1.59
N CYS A 35 3.01 -1.38 -1.51
CA CYS A 35 1.92 -1.29 -2.47
C CYS A 35 0.66 -0.73 -1.81
N SER A 36 0.82 -0.18 -0.60
CA SER A 36 -0.30 0.38 0.14
C SER A 36 -1.39 -0.66 0.35
N GLY A 37 -0.98 -1.90 0.63
CA GLY A 37 -1.93 -2.96 0.85
C GLY A 37 -1.91 -3.46 2.29
N ILE A 38 -3.07 -3.44 2.94
CA ILE A 38 -3.17 -3.89 4.32
C ILE A 38 -3.16 -5.42 4.39
N PHE A 39 -2.00 -5.98 4.69
CA PHE A 39 -1.86 -7.43 4.79
C PHE A 39 -1.63 -7.85 6.25
N CYS A 40 -1.82 -9.14 6.52
CA CYS A 40 -1.64 -9.67 7.86
C CYS A 40 -0.18 -9.56 8.30
N LEU A 41 0.04 -9.54 9.61
CA LEU A 41 1.39 -9.45 10.16
C LEU A 41 2.32 -10.45 9.48
N GLU A 42 1.77 -11.60 9.10
CA GLU A 42 2.55 -12.65 8.45
C GLU A 42 2.87 -12.27 7.01
N HIS A 43 1.95 -11.54 6.38
CA HIS A 43 2.14 -11.10 5.00
C HIS A 43 2.38 -9.60 4.93
N ARG A 44 2.83 -9.03 6.03
CA ARG A 44 3.10 -7.59 6.10
C ARG A 44 4.42 -7.26 5.40
N SER A 45 5.35 -8.20 5.44
CA SER A 45 6.65 -8.00 4.81
C SER A 45 6.53 -7.99 3.29
N LYS A 46 7.46 -7.30 2.63
CA LYS A 46 7.46 -7.21 1.18
C LYS A 46 8.23 -8.38 0.56
N ASP A 47 8.10 -9.55 1.16
CA ASP A 47 8.78 -10.74 0.67
C ASP A 47 7.81 -11.91 0.52
N SER A 48 6.89 -12.03 1.47
CA SER A 48 5.90 -13.10 1.45
C SER A 48 4.99 -12.97 0.24
N HIS A 49 4.60 -11.74 -0.09
CA HIS A 49 3.73 -11.47 -1.23
C HIS A 49 4.52 -10.88 -2.38
N GLY A 50 5.81 -11.18 -2.44
CA GLY A 50 6.65 -10.66 -3.50
C GLY A 50 6.25 -9.26 -3.92
N CYS A 51 6.07 -8.38 -2.95
CA CYS A 51 5.68 -7.00 -3.22
C CYS A 51 6.30 -6.50 -4.53
N SER A 52 5.46 -5.92 -5.38
CA SER A 52 5.94 -5.41 -6.66
C SER A 52 6.92 -4.26 -6.46
N GLU A 53 6.79 -3.56 -5.35
CA GLU A 53 7.68 -2.44 -5.04
C GLU A 53 7.68 -1.42 -6.18
N VAL A 54 6.50 -1.06 -6.66
CA VAL A 54 6.37 -0.10 -7.76
C VAL A 54 6.39 1.32 -7.24
N ASN A 55 5.97 1.50 -5.98
CA ASN A 55 5.95 2.82 -5.37
C ASN A 55 7.36 3.34 -5.12
N VAL A 56 8.20 2.49 -4.53
CA VAL A 56 9.57 2.86 -4.23
C VAL A 56 10.55 1.80 -4.74
N VAL A 57 11.28 2.13 -5.80
CA VAL A 57 12.25 1.21 -6.38
C VAL A 57 13.59 1.32 -5.69
N LYS A 58 14.33 0.21 -5.65
CA LYS A 58 15.65 0.19 -5.02
C LYS A 58 16.72 0.66 -5.98
N GLU A 59 16.32 1.02 -7.20
CA GLU A 59 17.25 1.48 -8.21
C GLU A 59 17.07 2.98 -8.47
N ARG A 60 16.98 3.76 -7.39
CA ARG A 60 16.80 5.19 -7.49
C ARG A 60 17.13 5.88 -6.17
N PRO A 61 17.99 6.92 -6.24
CA PRO A 61 18.40 7.67 -5.07
C PRO A 61 17.27 8.52 -4.50
N LYS A 62 16.98 8.33 -3.21
CA LYS A 62 15.92 9.08 -2.54
C LYS A 62 16.04 10.57 -2.84
N THR A 63 15.06 11.10 -3.58
CA THR A 63 15.06 12.51 -3.94
C THR A 63 13.87 13.23 -3.29
N ASP A 64 14.02 14.53 -3.10
CA ASP A 64 12.96 15.34 -2.50
C ASP A 64 11.75 15.43 -3.41
N GLU A 65 10.77 14.55 -3.17
CA GLU A 65 9.55 14.53 -3.97
C GLU A 65 8.32 14.46 -3.10
N HIS A 66 7.50 15.50 -3.16
CA HIS A 66 6.28 15.57 -2.36
C HIS A 66 6.59 15.49 -0.87
N LYS A 67 7.63 16.21 -0.45
CA LYS A 67 8.03 16.23 0.95
C LYS A 67 7.65 17.54 1.62
N SER A 68 6.94 17.45 2.73
CA SER A 68 6.51 18.64 3.47
C SER A 68 6.28 18.32 4.95
N TYR A 69 6.67 19.24 5.81
CA TYR A 69 6.52 19.06 7.25
C TYR A 69 6.63 20.39 7.98
N SER A 70 5.52 20.81 8.58
CA SER A 70 5.47 22.07 9.32
C SER A 70 4.36 22.07 10.35
N GLY A 71 4.54 22.85 11.41
CA GLY A 71 3.54 22.93 12.45
C GLY A 71 2.81 24.26 12.48
N PRO A 72 1.99 24.51 11.45
CA PRO A 72 1.21 25.74 11.34
C PRO A 72 0.10 25.84 12.37
N SER A 73 0.18 26.86 13.22
CA SER A 73 -0.82 27.06 14.26
C SER A 73 -1.01 28.54 14.56
N SER A 74 -2.25 28.93 14.85
CA SER A 74 -2.55 30.32 15.15
C SER A 74 -3.73 30.42 16.13
N GLY A 75 -3.92 31.61 16.69
CA GLY A 75 -5.00 31.81 17.64
C GLY A 75 -4.67 32.86 18.69
N GLY A 1 12.30 13.78 9.35
CA GLY A 1 13.08 12.57 9.19
C GLY A 1 13.39 12.26 7.73
N SER A 2 12.98 11.08 7.28
CA SER A 2 13.21 10.68 5.90
C SER A 2 11.91 10.25 5.22
N SER A 3 11.21 9.30 5.84
CA SER A 3 9.95 8.81 5.30
C SER A 3 8.76 9.43 6.03
N GLY A 4 7.89 10.09 5.27
CA GLY A 4 6.73 10.72 5.87
C GLY A 4 5.43 10.06 5.44
N SER A 5 5.42 8.73 5.45
CA SER A 5 4.23 7.98 5.06
C SER A 5 2.98 8.55 5.70
N SER A 6 2.15 9.20 4.90
CA SER A 6 0.92 9.80 5.39
C SER A 6 0.07 8.78 6.15
N GLY A 7 -0.79 9.27 7.03
CA GLY A 7 -1.65 8.38 7.81
C GLY A 7 -3.07 8.36 7.29
N MET A 8 -3.33 7.48 6.32
CA MET A 8 -4.66 7.35 5.74
C MET A 8 -5.54 6.44 6.59
N ALA A 9 -6.84 6.47 6.33
CA ALA A 9 -7.79 5.64 7.08
C ALA A 9 -8.65 4.81 6.13
N GLU A 10 -8.79 3.53 6.45
CA GLU A 10 -9.60 2.62 5.63
C GLU A 10 -10.94 2.34 6.28
N LEU A 11 -12.02 2.59 5.54
CA LEU A 11 -13.37 2.36 6.04
C LEU A 11 -13.99 1.13 5.39
N ASP A 12 -13.21 0.06 5.29
CA ASP A 12 -13.69 -1.18 4.69
C ASP A 12 -14.14 -2.16 5.77
N ILE A 13 -14.82 -1.63 6.79
CA ILE A 13 -15.31 -2.46 7.88
C ILE A 13 -14.29 -3.52 8.27
N GLY A 14 -13.03 -3.10 8.44
CA GLY A 14 -11.99 -4.02 8.81
C GLY A 14 -11.34 -4.69 7.61
N GLN A 15 -10.75 -3.88 6.74
CA GLN A 15 -10.10 -4.40 5.53
C GLN A 15 -9.42 -5.73 5.81
N HIS A 16 -9.38 -6.59 4.81
CA HIS A 16 -8.76 -7.91 4.95
C HIS A 16 -7.45 -7.98 4.17
N CYS A 17 -6.74 -9.09 4.31
CA CYS A 17 -5.47 -9.28 3.62
C CYS A 17 -5.68 -9.42 2.12
N GLN A 18 -5.22 -8.42 1.37
CA GLN A 18 -5.35 -8.43 -0.08
C GLN A 18 -4.93 -9.78 -0.66
N VAL A 19 -3.92 -10.39 -0.05
CA VAL A 19 -3.42 -11.68 -0.51
C VAL A 19 -4.55 -12.68 -0.67
N GLN A 20 -4.36 -13.65 -1.56
CA GLN A 20 -5.37 -14.68 -1.81
C GLN A 20 -5.09 -15.93 -1.00
N HIS A 21 -4.09 -16.70 -1.43
CA HIS A 21 -3.71 -17.93 -0.76
C HIS A 21 -3.82 -17.77 0.76
N CYS A 22 -3.55 -16.56 1.24
CA CYS A 22 -3.62 -16.27 2.67
C CYS A 22 -4.94 -16.75 3.26
N ARG A 23 -6.01 -16.02 2.99
CA ARG A 23 -7.33 -16.36 3.50
C ARG A 23 -7.32 -16.47 5.02
N GLN A 24 -6.53 -15.61 5.66
CA GLN A 24 -6.43 -15.60 7.11
C GLN A 24 -7.75 -15.16 7.74
N ARG A 25 -8.00 -15.65 8.96
CA ARG A 25 -9.23 -15.29 9.68
C ARG A 25 -8.92 -14.42 10.88
N ASP A 26 -7.97 -14.86 11.70
CA ASP A 26 -7.59 -14.12 12.90
C ASP A 26 -6.18 -13.54 12.74
N PHE A 27 -6.09 -12.39 12.07
CA PHE A 27 -4.81 -11.73 11.86
C PHE A 27 -4.91 -10.24 12.18
N LEU A 28 -3.77 -9.55 12.10
CA LEU A 28 -3.72 -8.12 12.38
C LEU A 28 -3.50 -7.33 11.11
N PRO A 29 -4.33 -6.30 10.89
CA PRO A 29 -4.24 -5.45 9.70
C PRO A 29 -3.00 -4.56 9.72
N PHE A 30 -2.20 -4.66 8.68
CA PHE A 30 -0.98 -3.86 8.58
C PHE A 30 -0.80 -3.32 7.16
N VAL A 31 -0.82 -2.00 7.03
CA VAL A 31 -0.65 -1.36 5.73
C VAL A 31 0.76 -1.56 5.19
N CYS A 32 0.86 -2.27 4.07
CA CYS A 32 2.16 -2.53 3.45
C CYS A 32 2.79 -1.24 2.94
N ASP A 33 4.00 -0.96 3.41
CA ASP A 33 4.71 0.25 3.00
C ASP A 33 5.33 0.07 1.62
N GLY A 34 4.55 -0.48 0.69
CA GLY A 34 5.04 -0.70 -0.65
C GLY A 34 3.95 -0.56 -1.70
N CYS A 35 2.86 -1.30 -1.51
CA CYS A 35 1.73 -1.26 -2.45
C CYS A 35 0.47 -0.73 -1.77
N SER A 36 0.64 -0.23 -0.54
CA SER A 36 -0.48 0.30 0.22
C SER A 36 -1.55 -0.77 0.44
N GLY A 37 -1.09 -1.98 0.73
CA GLY A 37 -2.01 -3.08 0.96
C GLY A 37 -1.98 -3.56 2.39
N ILE A 38 -3.14 -3.55 3.05
CA ILE A 38 -3.24 -3.99 4.44
C ILE A 38 -3.19 -5.52 4.54
N PHE A 39 -2.00 -6.04 4.82
CA PHE A 39 -1.82 -7.49 4.94
C PHE A 39 -1.59 -7.88 6.39
N CYS A 40 -1.66 -9.18 6.67
CA CYS A 40 -1.46 -9.69 8.02
C CYS A 40 0.01 -9.60 8.43
N LEU A 41 0.23 -9.42 9.72
CA LEU A 41 1.59 -9.32 10.25
C LEU A 41 2.52 -10.32 9.57
N GLU A 42 1.99 -11.50 9.27
CA GLU A 42 2.78 -12.54 8.62
C GLU A 42 3.08 -12.16 7.17
N HIS A 43 2.12 -11.53 6.51
CA HIS A 43 2.28 -11.12 5.12
C HIS A 43 2.56 -9.62 5.04
N ARG A 44 3.00 -9.04 6.14
CA ARG A 44 3.29 -7.61 6.19
C ARG A 44 4.56 -7.29 5.39
N SER A 45 5.53 -8.19 5.46
CA SER A 45 6.79 -8.00 4.75
C SER A 45 6.56 -7.93 3.24
N LYS A 46 7.56 -7.47 2.51
CA LYS A 46 7.47 -7.35 1.06
C LYS A 46 8.14 -8.54 0.38
N ASP A 47 8.28 -9.63 1.12
CA ASP A 47 8.91 -10.84 0.59
C ASP A 47 7.88 -11.96 0.44
N SER A 48 6.98 -12.06 1.41
CA SER A 48 5.96 -13.10 1.38
C SER A 48 5.07 -12.96 0.15
N HIS A 49 4.63 -11.73 -0.12
CA HIS A 49 3.77 -11.45 -1.26
C HIS A 49 4.57 -10.84 -2.41
N GLY A 50 5.89 -11.09 -2.39
CA GLY A 50 6.74 -10.55 -3.43
C GLY A 50 6.31 -9.17 -3.89
N CYS A 51 6.15 -8.25 -2.94
CA CYS A 51 5.73 -6.90 -3.25
C CYS A 51 6.31 -6.44 -4.58
N SER A 52 5.44 -5.93 -5.45
CA SER A 52 5.86 -5.46 -6.77
C SER A 52 6.66 -4.17 -6.66
N GLU A 53 6.53 -3.49 -5.52
CA GLU A 53 7.24 -2.24 -5.29
C GLU A 53 7.12 -1.32 -6.50
N VAL A 54 5.89 -1.11 -6.95
CA VAL A 54 5.63 -0.25 -8.09
C VAL A 54 5.59 1.22 -7.68
N ASN A 55 5.05 1.49 -6.50
CA ASN A 55 4.95 2.84 -5.98
C ASN A 55 6.33 3.46 -5.81
N VAL A 56 7.28 2.66 -5.33
CA VAL A 56 8.64 3.13 -5.12
C VAL A 56 9.66 2.10 -5.60
N VAL A 57 10.34 2.41 -6.70
CA VAL A 57 11.33 1.50 -7.26
C VAL A 57 12.67 2.21 -7.45
N LYS A 58 13.03 3.06 -6.49
CA LYS A 58 14.29 3.79 -6.56
C LYS A 58 14.65 4.36 -5.19
N GLU A 59 15.85 4.04 -4.73
CA GLU A 59 16.32 4.52 -3.43
C GLU A 59 16.71 6.00 -3.51
N ARG A 60 15.71 6.87 -3.46
CA ARG A 60 15.95 8.31 -3.53
C ARG A 60 14.73 9.08 -3.02
N PRO A 61 15.00 10.18 -2.29
CA PRO A 61 13.94 11.03 -1.73
C PRO A 61 13.19 11.80 -2.81
N LYS A 62 11.95 11.40 -3.06
CA LYS A 62 11.12 12.06 -4.07
C LYS A 62 9.79 12.49 -3.48
N THR A 63 9.83 13.03 -2.26
CA THR A 63 8.63 13.48 -1.58
C THR A 63 8.93 14.62 -0.62
N ASP A 64 7.88 15.21 -0.06
CA ASP A 64 8.03 16.32 0.88
C ASP A 64 7.47 15.94 2.25
N GLU A 65 8.37 15.83 3.24
CA GLU A 65 7.96 15.48 4.59
C GLU A 65 8.32 16.58 5.57
N HIS A 66 7.45 16.79 6.57
CA HIS A 66 7.68 17.82 7.58
C HIS A 66 8.54 17.28 8.72
N LYS A 67 9.29 18.17 9.37
CA LYS A 67 10.15 17.79 10.47
C LYS A 67 9.42 16.84 11.42
N SER A 68 10.19 16.02 12.14
CA SER A 68 9.62 15.06 13.07
C SER A 68 10.63 14.70 14.16
N TYR A 69 10.24 14.91 15.41
CA TYR A 69 11.11 14.60 16.55
C TYR A 69 11.64 13.18 16.45
N SER A 70 12.79 13.02 15.80
CA SER A 70 13.41 11.71 15.65
C SER A 70 14.92 11.83 15.49
N GLY A 71 15.64 10.82 15.96
CA GLY A 71 17.10 10.84 15.86
C GLY A 71 17.61 10.09 14.64
N PRO A 72 18.71 10.59 14.05
CA PRO A 72 19.32 9.98 12.87
C PRO A 72 19.98 8.65 13.18
N SER A 73 20.31 7.90 12.13
CA SER A 73 20.95 6.59 12.28
C SER A 73 22.37 6.61 11.74
N SER A 74 22.51 7.07 10.49
CA SER A 74 23.82 7.12 9.85
C SER A 74 24.49 8.47 10.10
N GLY A 75 23.79 9.54 9.76
CA GLY A 75 24.34 10.87 9.96
C GLY A 75 25.50 11.17 9.04
N GLY A 1 -32.95 31.79 6.08
CA GLY A 1 -32.08 30.82 6.71
C GLY A 1 -32.42 30.57 8.16
N SER A 2 -33.51 29.84 8.38
CA SER A 2 -33.96 29.53 9.74
C SER A 2 -32.82 28.95 10.56
N SER A 3 -32.23 27.87 10.06
CA SER A 3 -31.13 27.21 10.76
C SER A 3 -30.48 26.15 9.87
N GLY A 4 -29.35 25.60 10.33
CA GLY A 4 -28.67 24.58 9.56
C GLY A 4 -28.76 23.21 10.20
N SER A 5 -27.95 22.27 9.73
CA SER A 5 -27.95 20.92 10.25
C SER A 5 -26.60 20.24 10.01
N SER A 6 -26.34 19.18 10.76
CA SER A 6 -25.09 18.44 10.64
C SER A 6 -25.21 17.05 11.24
N GLY A 7 -24.50 16.09 10.65
CA GLY A 7 -24.54 14.72 11.15
C GLY A 7 -23.27 13.96 10.86
N MET A 8 -22.85 13.13 11.80
CA MET A 8 -21.63 12.33 11.64
C MET A 8 -21.90 11.10 10.79
N ALA A 9 -20.85 10.56 10.19
CA ALA A 9 -20.96 9.38 9.35
C ALA A 9 -19.69 8.54 9.39
N GLU A 10 -19.82 7.28 9.80
CA GLU A 10 -18.68 6.38 9.89
C GLU A 10 -19.09 4.95 9.55
N LEU A 11 -18.20 4.25 8.86
CA LEU A 11 -18.47 2.86 8.45
C LEU A 11 -17.22 2.00 8.60
N ASP A 12 -17.33 0.91 9.33
CA ASP A 12 -16.21 0.00 9.53
C ASP A 12 -15.96 -0.84 8.29
N ILE A 13 -15.18 -0.30 7.36
CA ILE A 13 -14.86 -0.99 6.12
C ILE A 13 -14.21 -2.34 6.41
N GLY A 14 -13.57 -2.45 7.57
CA GLY A 14 -12.92 -3.70 7.94
C GLY A 14 -12.08 -4.27 6.81
N GLN A 15 -10.95 -3.62 6.54
CA GLN A 15 -10.05 -4.07 5.48
C GLN A 15 -9.66 -5.53 5.68
N HIS A 16 -9.00 -6.10 4.68
CA HIS A 16 -8.56 -7.49 4.75
C HIS A 16 -7.23 -7.68 4.03
N CYS A 17 -6.68 -8.89 4.11
CA CYS A 17 -5.41 -9.20 3.47
C CYS A 17 -5.59 -9.34 1.96
N GLN A 18 -5.17 -8.33 1.23
CA GLN A 18 -5.28 -8.33 -0.23
C GLN A 18 -4.92 -9.70 -0.80
N VAL A 19 -3.93 -10.35 -0.19
CA VAL A 19 -3.49 -11.66 -0.63
C VAL A 19 -4.66 -12.64 -0.68
N GLN A 20 -4.62 -13.55 -1.65
CA GLN A 20 -5.68 -14.54 -1.81
C GLN A 20 -5.32 -15.84 -1.09
N HIS A 21 -4.30 -16.52 -1.60
CA HIS A 21 -3.85 -17.78 -1.01
C HIS A 21 -3.94 -17.72 0.51
N CYS A 22 -3.68 -16.54 1.07
CA CYS A 22 -3.72 -16.35 2.51
C CYS A 22 -5.08 -16.76 3.07
N ARG A 23 -5.07 -17.52 4.16
CA ARG A 23 -6.30 -17.98 4.79
C ARG A 23 -6.38 -17.51 6.23
N GLN A 24 -6.62 -16.21 6.42
CA GLN A 24 -6.72 -15.63 7.75
C GLN A 24 -8.12 -15.08 8.00
N ARG A 25 -8.66 -15.37 9.18
CA ARG A 25 -9.99 -14.90 9.54
C ARG A 25 -9.91 -13.70 10.48
N ASP A 26 -9.14 -13.86 11.56
CA ASP A 26 -8.96 -12.80 12.54
C ASP A 26 -7.49 -12.44 12.71
N PHE A 27 -6.97 -11.67 11.76
CA PHE A 27 -5.57 -11.25 11.80
C PHE A 27 -5.45 -9.75 12.10
N LEU A 28 -4.22 -9.27 12.15
CA LEU A 28 -3.97 -7.86 12.42
C LEU A 28 -3.69 -7.09 11.13
N PRO A 29 -4.47 -6.02 10.90
CA PRO A 29 -4.33 -5.19 9.70
C PRO A 29 -3.04 -4.37 9.72
N PHE A 30 -2.25 -4.49 8.65
CA PHE A 30 -0.99 -3.77 8.54
C PHE A 30 -0.79 -3.23 7.13
N VAL A 31 -0.88 -1.91 6.99
CA VAL A 31 -0.72 -1.27 5.69
C VAL A 31 0.71 -1.45 5.16
N CYS A 32 0.85 -2.27 4.13
CA CYS A 32 2.16 -2.53 3.52
C CYS A 32 2.81 -1.23 3.05
N ASP A 33 4.03 -0.99 3.49
CA ASP A 33 4.76 0.22 3.11
C ASP A 33 5.39 0.05 1.74
N GLY A 34 4.65 -0.54 0.82
CA GLY A 34 5.16 -0.76 -0.52
C GLY A 34 4.09 -0.58 -1.59
N CYS A 35 3.02 -1.35 -1.48
CA CYS A 35 1.93 -1.29 -2.44
C CYS A 35 0.65 -0.75 -1.77
N SER A 36 0.80 -0.21 -0.56
CA SER A 36 -0.33 0.33 0.18
C SER A 36 -1.39 -0.75 0.39
N GLY A 37 -0.95 -1.97 0.63
CA GLY A 37 -1.87 -3.07 0.85
C GLY A 37 -1.86 -3.55 2.29
N ILE A 38 -3.01 -3.51 2.94
CA ILE A 38 -3.13 -3.96 4.33
C ILE A 38 -3.11 -5.48 4.42
N PHE A 39 -1.94 -6.03 4.72
CA PHE A 39 -1.79 -7.48 4.84
C PHE A 39 -1.57 -7.89 6.30
N CYS A 40 -1.75 -9.16 6.59
CA CYS A 40 -1.57 -9.68 7.93
C CYS A 40 -0.11 -9.62 8.36
N LEU A 41 0.13 -9.50 9.66
CA LEU A 41 1.48 -9.43 10.19
C LEU A 41 2.39 -10.45 9.51
N GLU A 42 1.83 -11.62 9.20
CA GLU A 42 2.59 -12.68 8.54
C GLU A 42 2.93 -12.29 7.10
N HIS A 43 1.99 -11.61 6.45
CA HIS A 43 2.20 -11.18 5.06
C HIS A 43 2.47 -9.68 4.99
N ARG A 44 2.90 -9.11 6.11
CA ARG A 44 3.18 -7.68 6.18
C ARG A 44 4.49 -7.35 5.45
N SER A 45 5.41 -8.31 5.46
CA SER A 45 6.71 -8.13 4.80
C SER A 45 6.55 -8.07 3.29
N LYS A 46 7.45 -7.34 2.63
CA LYS A 46 7.42 -7.20 1.18
C LYS A 46 8.15 -8.36 0.50
N ASP A 47 8.06 -9.53 1.10
CA ASP A 47 8.71 -10.72 0.55
C ASP A 47 7.71 -11.87 0.39
N SER A 48 6.83 -12.02 1.37
CA SER A 48 5.83 -13.09 1.33
C SER A 48 4.89 -12.91 0.14
N HIS A 49 4.51 -11.66 -0.13
CA HIS A 49 3.63 -11.37 -1.25
C HIS A 49 4.40 -10.81 -2.43
N GLY A 50 5.70 -11.12 -2.49
CA GLY A 50 6.53 -10.64 -3.56
C GLY A 50 6.18 -9.22 -3.98
N CYS A 51 6.11 -8.32 -3.01
CA CYS A 51 5.78 -6.93 -3.27
C CYS A 51 6.47 -6.44 -4.55
N SER A 52 5.67 -5.90 -5.47
CA SER A 52 6.21 -5.40 -6.75
C SER A 52 7.14 -4.21 -6.51
N GLU A 53 7.01 -3.59 -5.35
CA GLU A 53 7.84 -2.44 -5.00
C GLU A 53 7.88 -1.44 -6.15
N VAL A 54 6.70 -1.05 -6.63
CA VAL A 54 6.60 -0.09 -7.73
C VAL A 54 6.53 1.34 -7.21
N ASN A 55 5.80 1.53 -6.11
CA ASN A 55 5.65 2.85 -5.52
C ASN A 55 7.01 3.46 -5.20
N VAL A 56 7.89 2.66 -4.60
CA VAL A 56 9.23 3.12 -4.25
C VAL A 56 10.11 3.23 -5.48
N VAL A 57 10.03 4.39 -6.16
CA VAL A 57 10.83 4.63 -7.36
C VAL A 57 12.32 4.70 -7.02
N LYS A 58 13.14 4.19 -7.92
CA LYS A 58 14.59 4.20 -7.73
C LYS A 58 15.09 5.62 -7.49
N GLU A 59 16.07 5.73 -6.60
CA GLU A 59 16.64 7.04 -6.27
C GLU A 59 16.93 7.85 -7.53
N ARG A 60 16.12 8.87 -7.77
CA ARG A 60 16.28 9.72 -8.95
C ARG A 60 17.03 11.01 -8.59
N PRO A 61 17.99 11.39 -9.45
CA PRO A 61 18.78 12.61 -9.24
C PRO A 61 17.96 13.88 -9.44
N LYS A 62 17.39 14.37 -8.34
CA LYS A 62 16.58 15.59 -8.39
C LYS A 62 17.17 16.67 -7.48
N THR A 63 16.79 17.92 -7.74
CA THR A 63 17.29 19.04 -6.95
C THR A 63 17.45 18.65 -5.48
N ASP A 64 18.49 19.17 -4.86
CA ASP A 64 18.76 18.89 -3.45
C ASP A 64 18.23 19.99 -2.55
N GLU A 65 18.09 19.70 -1.26
CA GLU A 65 17.59 20.67 -0.31
C GLU A 65 18.67 21.68 0.07
N HIS A 66 18.28 22.75 0.75
CA HIS A 66 19.22 23.78 1.17
C HIS A 66 20.18 23.24 2.22
N LYS A 67 21.22 24.01 2.53
CA LYS A 67 22.20 23.62 3.52
C LYS A 67 22.29 24.65 4.65
N SER A 68 22.30 24.15 5.88
CA SER A 68 22.37 25.02 7.05
C SER A 68 23.79 25.08 7.61
N TYR A 69 24.02 26.00 8.54
CA TYR A 69 25.34 26.15 9.14
C TYR A 69 25.22 26.58 10.60
N SER A 70 26.33 26.50 11.33
CA SER A 70 26.35 26.87 12.74
C SER A 70 27.77 27.08 13.23
N GLY A 71 27.91 27.45 14.50
CA GLY A 71 29.22 27.68 15.07
C GLY A 71 29.48 26.85 16.32
N PRO A 72 30.76 26.70 16.68
CA PRO A 72 31.15 25.92 17.86
C PRO A 72 30.77 26.61 19.16
N SER A 73 31.23 26.07 20.28
CA SER A 73 30.92 26.64 21.59
C SER A 73 31.85 26.05 22.66
N SER A 74 31.72 26.56 23.88
CA SER A 74 32.54 26.08 24.99
C SER A 74 32.05 26.66 26.31
N GLY A 75 31.94 25.81 27.32
CA GLY A 75 31.49 26.25 28.63
C GLY A 75 30.74 25.18 29.38
N GLY A 1 -43.01 6.53 -16.82
CA GLY A 1 -41.93 5.61 -16.54
C GLY A 1 -42.12 4.89 -15.21
N SER A 2 -42.27 5.66 -14.14
CA SER A 2 -42.45 5.10 -12.81
C SER A 2 -41.25 4.24 -12.41
N SER A 3 -40.06 4.73 -12.72
CA SER A 3 -38.83 4.01 -12.41
C SER A 3 -38.03 4.74 -11.33
N GLY A 4 -37.60 4.00 -10.31
CA GLY A 4 -36.84 4.59 -9.23
C GLY A 4 -36.86 3.75 -7.98
N SER A 5 -35.71 3.66 -7.30
CA SER A 5 -35.60 2.88 -6.08
C SER A 5 -34.34 3.25 -5.30
N SER A 6 -34.45 3.23 -3.97
CA SER A 6 -33.31 3.57 -3.12
C SER A 6 -32.99 2.41 -2.17
N GLY A 7 -31.70 2.18 -1.98
CA GLY A 7 -31.27 1.10 -1.10
C GLY A 7 -30.25 1.57 -0.08
N MET A 8 -29.74 0.63 0.72
CA MET A 8 -28.75 0.94 1.74
C MET A 8 -28.21 -0.33 2.39
N ALA A 9 -26.88 -0.48 2.36
CA ALA A 9 -26.24 -1.66 2.94
C ALA A 9 -25.80 -1.39 4.37
N GLU A 10 -26.08 -2.33 5.25
CA GLU A 10 -25.72 -2.20 6.66
C GLU A 10 -24.63 -3.20 7.04
N LEU A 11 -23.66 -3.39 6.15
CA LEU A 11 -22.57 -4.32 6.39
C LEU A 11 -21.30 -3.57 6.77
N ASP A 12 -21.07 -3.42 8.08
CA ASP A 12 -19.89 -2.73 8.57
C ASP A 12 -18.62 -3.51 8.24
N ILE A 13 -17.90 -3.05 7.21
CA ILE A 13 -16.67 -3.71 6.80
C ILE A 13 -15.46 -2.82 7.05
N GLY A 14 -14.29 -3.28 6.60
CA GLY A 14 -13.08 -2.51 6.79
C GLY A 14 -11.97 -2.93 5.84
N GLN A 15 -10.80 -3.23 6.39
CA GLN A 15 -9.66 -3.65 5.59
C GLN A 15 -9.33 -5.11 5.83
N HIS A 16 -8.74 -5.76 4.83
CA HIS A 16 -8.38 -7.16 4.93
C HIS A 16 -7.11 -7.45 4.14
N CYS A 17 -6.64 -8.70 4.20
CA CYS A 17 -5.45 -9.11 3.49
C CYS A 17 -5.69 -9.21 1.99
N GLN A 18 -5.23 -8.20 1.25
CA GLN A 18 -5.42 -8.18 -0.20
C GLN A 18 -5.08 -9.54 -0.81
N VAL A 19 -4.11 -10.23 -0.22
CA VAL A 19 -3.69 -11.53 -0.70
C VAL A 19 -4.88 -12.50 -0.78
N GLN A 20 -4.80 -13.45 -1.71
CA GLN A 20 -5.87 -14.42 -1.89
C GLN A 20 -5.51 -15.74 -1.21
N HIS A 21 -4.57 -16.47 -1.81
CA HIS A 21 -4.14 -17.75 -1.26
C HIS A 21 -4.11 -17.71 0.26
N CYS A 22 -3.87 -16.54 0.82
CA CYS A 22 -3.83 -16.36 2.27
C CYS A 22 -5.11 -16.87 2.92
N ARG A 23 -4.95 -17.74 3.92
CA ARG A 23 -6.09 -18.31 4.62
C ARG A 23 -6.07 -17.92 6.10
N GLN A 24 -5.68 -16.68 6.38
CA GLN A 24 -5.62 -16.18 7.74
C GLN A 24 -6.98 -15.68 8.21
N ARG A 25 -7.07 -15.30 9.48
CA ARG A 25 -8.31 -14.80 10.05
C ARG A 25 -8.07 -14.17 11.42
N ASP A 26 -8.75 -13.06 11.68
CA ASP A 26 -8.61 -12.36 12.94
C ASP A 26 -7.18 -11.86 13.15
N PHE A 27 -6.59 -11.34 12.08
CA PHE A 27 -5.23 -10.84 12.13
C PHE A 27 -5.22 -9.32 12.30
N LEU A 28 -4.03 -8.77 12.54
CA LEU A 28 -3.88 -7.33 12.72
C LEU A 28 -3.67 -6.62 11.39
N PRO A 29 -4.39 -5.51 11.19
CA PRO A 29 -4.30 -4.72 9.96
C PRO A 29 -2.95 -4.00 9.83
N PHE A 30 -2.25 -4.27 8.74
CA PHE A 30 -0.95 -3.65 8.49
C PHE A 30 -0.79 -3.29 7.02
N VAL A 31 -0.81 -1.99 6.73
CA VAL A 31 -0.65 -1.52 5.37
C VAL A 31 0.79 -1.67 4.88
N CYS A 32 0.99 -2.59 3.94
CA CYS A 32 2.32 -2.84 3.39
C CYS A 32 3.03 -1.53 3.06
N ASP A 33 4.31 -1.46 3.35
CA ASP A 33 5.10 -0.27 3.09
C ASP A 33 5.60 -0.26 1.64
N GLY A 34 4.78 -0.77 0.73
CA GLY A 34 5.16 -0.81 -0.67
C GLY A 34 3.99 -0.59 -1.60
N CYS A 35 2.99 -1.46 -1.50
CA CYS A 35 1.80 -1.36 -2.34
C CYS A 35 0.59 -0.91 -1.52
N SER A 36 0.86 -0.25 -0.40
CA SER A 36 -0.21 0.23 0.48
C SER A 36 -1.32 -0.80 0.59
N GLY A 37 -0.95 -2.05 0.86
CA GLY A 37 -1.92 -3.11 0.99
C GLY A 37 -1.99 -3.68 2.40
N ILE A 38 -3.15 -3.57 3.03
CA ILE A 38 -3.34 -4.05 4.38
C ILE A 38 -3.23 -5.58 4.43
N PHE A 39 -2.03 -6.07 4.73
CA PHE A 39 -1.78 -7.50 4.81
C PHE A 39 -1.62 -7.94 6.26
N CYS A 40 -1.71 -9.25 6.49
CA CYS A 40 -1.58 -9.81 7.83
C CYS A 40 -0.12 -9.73 8.31
N LEU A 41 0.07 -9.86 9.61
CA LEU A 41 1.40 -9.80 10.20
C LEU A 41 2.38 -10.65 9.39
N GLU A 42 2.00 -11.89 9.12
CA GLU A 42 2.85 -12.79 8.35
C GLU A 42 3.13 -12.24 6.96
N HIS A 43 2.10 -11.65 6.35
CA HIS A 43 2.23 -11.07 5.01
C HIS A 43 2.48 -9.57 5.08
N ARG A 44 2.85 -9.10 6.28
CA ARG A 44 3.11 -7.68 6.48
C ARG A 44 4.34 -7.23 5.69
N SER A 45 5.32 -8.13 5.57
CA SER A 45 6.54 -7.83 4.85
C SER A 45 6.29 -7.74 3.35
N LYS A 46 7.33 -7.40 2.59
CA LYS A 46 7.21 -7.29 1.14
C LYS A 46 7.56 -8.61 0.46
N ASP A 47 8.82 -9.02 0.59
CA ASP A 47 9.28 -10.27 0.00
C ASP A 47 8.25 -11.37 0.19
N SER A 48 7.66 -11.44 1.38
CA SER A 48 6.66 -12.45 1.69
C SER A 48 5.66 -12.59 0.54
N HIS A 49 5.14 -11.46 0.08
CA HIS A 49 4.17 -11.44 -1.01
C HIS A 49 4.82 -10.94 -2.31
N GLY A 50 6.11 -11.19 -2.46
CA GLY A 50 6.81 -10.75 -3.65
C GLY A 50 6.39 -9.36 -4.09
N CYS A 51 6.19 -8.48 -3.13
CA CYS A 51 5.78 -7.10 -3.43
C CYS A 51 6.39 -6.62 -4.73
N SER A 52 5.58 -5.95 -5.55
CA SER A 52 6.04 -5.44 -6.84
C SER A 52 6.84 -4.17 -6.66
N GLU A 53 6.54 -3.43 -5.59
CA GLU A 53 7.24 -2.17 -5.31
C GLU A 53 7.13 -1.21 -6.48
N VAL A 54 5.90 -1.01 -6.95
CA VAL A 54 5.64 -0.10 -8.07
C VAL A 54 5.12 1.24 -7.57
N ASN A 55 4.36 1.21 -6.49
CA ASN A 55 3.79 2.43 -5.92
C ASN A 55 4.90 3.38 -5.45
N VAL A 56 5.73 2.90 -4.53
CA VAL A 56 6.83 3.70 -4.01
C VAL A 56 7.85 4.02 -5.09
N VAL A 57 7.55 5.02 -5.92
CA VAL A 57 8.44 5.42 -6.99
C VAL A 57 8.93 6.86 -6.80
N LYS A 58 10.15 7.12 -7.26
CA LYS A 58 10.74 8.45 -7.14
C LYS A 58 9.74 9.53 -7.58
N GLU A 59 9.22 10.29 -6.62
CA GLU A 59 8.26 11.35 -6.91
C GLU A 59 8.93 12.47 -7.71
N ARG A 60 8.10 13.36 -8.25
CA ARG A 60 8.61 14.48 -9.04
C ARG A 60 9.58 15.32 -8.22
N PRO A 61 10.87 15.28 -8.61
CA PRO A 61 11.93 16.03 -7.93
C PRO A 61 11.81 17.54 -8.14
N LYS A 62 11.81 18.29 -7.06
CA LYS A 62 11.70 19.74 -7.13
C LYS A 62 12.91 20.35 -7.84
N THR A 63 12.84 21.65 -8.11
CA THR A 63 13.93 22.34 -8.80
C THR A 63 15.17 22.39 -7.93
N ASP A 64 16.31 22.00 -8.50
CA ASP A 64 17.57 22.00 -7.78
C ASP A 64 17.99 23.43 -7.43
N GLU A 65 18.93 23.55 -6.49
CA GLU A 65 19.41 24.85 -6.07
C GLU A 65 19.84 25.69 -7.26
N HIS A 66 20.83 25.19 -8.00
CA HIS A 66 21.33 25.89 -9.18
C HIS A 66 20.21 26.15 -10.18
N LYS A 67 19.67 27.38 -10.17
CA LYS A 67 18.59 27.75 -11.07
C LYS A 67 19.01 28.93 -11.94
N SER A 68 19.65 29.92 -11.32
CA SER A 68 20.09 31.10 -12.05
C SER A 68 21.46 31.57 -11.56
N TYR A 69 22.00 32.58 -12.20
CA TYR A 69 23.30 33.13 -11.82
C TYR A 69 24.38 32.05 -11.90
N SER A 70 24.31 31.23 -12.94
CA SER A 70 25.28 30.14 -13.13
C SER A 70 25.33 29.72 -14.60
N GLY A 71 26.47 29.16 -15.00
CA GLY A 71 26.63 28.71 -16.37
C GLY A 71 28.07 28.76 -16.84
N PRO A 72 28.63 29.97 -16.89
CA PRO A 72 30.01 30.19 -17.32
C PRO A 72 31.02 29.66 -16.31
N SER A 73 32.16 29.19 -16.81
CA SER A 73 33.22 28.65 -15.94
C SER A 73 34.57 28.70 -16.64
N SER A 74 35.63 28.52 -15.86
CA SER A 74 36.99 28.54 -16.39
C SER A 74 37.10 27.66 -17.63
N GLY A 75 37.80 28.16 -18.64
CA GLY A 75 37.97 27.39 -19.87
C GLY A 75 38.73 28.17 -20.93
N GLY A 1 -35.61 24.86 -11.37
CA GLY A 1 -35.98 23.65 -10.65
C GLY A 1 -35.73 23.76 -9.16
N SER A 2 -35.17 22.70 -8.57
CA SER A 2 -34.89 22.68 -7.15
C SER A 2 -33.66 21.83 -6.85
N SER A 3 -33.22 21.85 -5.60
CA SER A 3 -32.05 21.08 -5.19
C SER A 3 -32.12 20.73 -3.70
N GLY A 4 -31.71 19.51 -3.36
CA GLY A 4 -31.73 19.08 -1.97
C GLY A 4 -30.36 19.13 -1.32
N SER A 5 -30.27 18.63 -0.10
CA SER A 5 -29.00 18.63 0.64
C SER A 5 -28.60 17.20 1.00
N SER A 6 -27.44 16.79 0.50
CA SER A 6 -26.93 15.44 0.77
C SER A 6 -25.40 15.45 0.87
N GLY A 7 -24.85 14.34 1.35
CA GLY A 7 -23.41 14.25 1.49
C GLY A 7 -23.00 13.32 2.63
N MET A 8 -23.29 12.04 2.48
CA MET A 8 -22.94 11.05 3.51
C MET A 8 -21.46 10.70 3.44
N ALA A 9 -20.96 10.08 4.52
CA ALA A 9 -19.56 9.69 4.58
C ALA A 9 -19.40 8.19 4.34
N GLU A 10 -18.27 7.80 3.75
CA GLU A 10 -18.00 6.40 3.47
C GLU A 10 -16.60 6.01 3.93
N LEU A 11 -16.48 5.68 5.21
CA LEU A 11 -15.19 5.29 5.78
C LEU A 11 -15.31 3.96 6.53
N ASP A 12 -15.09 2.86 5.81
CA ASP A 12 -15.17 1.54 6.41
C ASP A 12 -13.80 1.10 6.93
N ILE A 13 -13.71 0.90 8.24
CA ILE A 13 -12.46 0.48 8.87
C ILE A 13 -12.47 -1.02 9.16
N GLY A 14 -11.66 -1.76 8.40
CA GLY A 14 -11.59 -3.20 8.59
C GLY A 14 -11.28 -3.94 7.30
N GLN A 15 -10.21 -3.54 6.63
CA GLN A 15 -9.82 -4.17 5.37
C GLN A 15 -9.26 -5.57 5.63
N HIS A 16 -9.18 -6.36 4.56
CA HIS A 16 -8.67 -7.72 4.66
C HIS A 16 -7.37 -7.87 3.87
N CYS A 17 -6.65 -8.96 4.14
CA CYS A 17 -5.38 -9.21 3.46
C CYS A 17 -5.60 -9.36 1.95
N GLN A 18 -5.31 -8.30 1.22
CA GLN A 18 -5.47 -8.31 -0.23
C GLN A 18 -5.07 -9.66 -0.81
N VAL A 19 -4.05 -10.26 -0.23
CA VAL A 19 -3.55 -11.56 -0.68
C VAL A 19 -4.68 -12.58 -0.75
N GLN A 20 -4.67 -13.39 -1.81
CA GLN A 20 -5.70 -14.41 -1.99
C GLN A 20 -5.27 -15.72 -1.34
N HIS A 21 -4.20 -16.31 -1.87
CA HIS A 21 -3.68 -17.57 -1.36
C HIS A 21 -3.71 -17.58 0.17
N CYS A 22 -3.52 -16.41 0.77
CA CYS A 22 -3.51 -16.29 2.22
C CYS A 22 -4.86 -16.72 2.80
N ARG A 23 -4.81 -17.48 3.91
CA ARG A 23 -6.02 -17.96 4.55
C ARG A 23 -5.97 -17.68 6.05
N GLN A 24 -5.50 -16.49 6.41
CA GLN A 24 -5.40 -16.11 7.82
C GLN A 24 -6.70 -15.47 8.29
N ARG A 25 -7.09 -15.77 9.53
CA ARG A 25 -8.31 -15.22 10.10
C ARG A 25 -8.05 -14.64 11.49
N ASP A 26 -8.62 -13.47 11.75
CA ASP A 26 -8.46 -12.80 13.03
C ASP A 26 -7.04 -12.25 13.18
N PHE A 27 -6.54 -11.62 12.12
CA PHE A 27 -5.20 -11.04 12.12
C PHE A 27 -5.26 -9.54 12.34
N LEU A 28 -4.08 -8.93 12.49
CA LEU A 28 -4.00 -7.48 12.69
C LEU A 28 -3.71 -6.76 11.38
N PRO A 29 -4.39 -5.63 11.16
CA PRO A 29 -4.22 -4.81 9.95
C PRO A 29 -2.86 -4.12 9.90
N PHE A 30 -2.08 -4.45 8.88
CA PHE A 30 -0.75 -3.87 8.71
C PHE A 30 -0.55 -3.39 7.28
N VAL A 31 -0.72 -2.09 7.06
CA VAL A 31 -0.55 -1.50 5.74
C VAL A 31 0.85 -1.75 5.20
N CYS A 32 0.92 -2.39 4.04
CA CYS A 32 2.20 -2.70 3.42
C CYS A 32 2.91 -1.41 2.98
N ASP A 33 4.24 -1.41 3.13
CA ASP A 33 5.03 -0.24 2.74
C ASP A 33 5.58 -0.40 1.33
N GLY A 34 4.76 -0.92 0.44
CA GLY A 34 5.18 -1.12 -0.94
C GLY A 34 4.06 -0.91 -1.93
N CYS A 35 2.88 -1.42 -1.60
CA CYS A 35 1.71 -1.28 -2.47
C CYS A 35 0.51 -0.76 -1.68
N SER A 36 0.77 -0.15 -0.53
CA SER A 36 -0.30 0.38 0.30
C SER A 36 -1.40 -0.64 0.49
N GLY A 37 -1.03 -1.88 0.78
CA GLY A 37 -2.00 -2.93 0.98
C GLY A 37 -1.99 -3.48 2.39
N ILE A 38 -3.14 -3.46 3.04
CA ILE A 38 -3.26 -3.95 4.41
C ILE A 38 -3.25 -5.48 4.44
N PHE A 39 -2.11 -6.05 4.80
CA PHE A 39 -1.97 -7.50 4.87
C PHE A 39 -1.70 -7.95 6.30
N CYS A 40 -1.91 -9.23 6.56
CA CYS A 40 -1.70 -9.79 7.89
C CYS A 40 -0.28 -9.54 8.38
N LEU A 41 0.04 -10.04 9.57
CA LEU A 41 1.36 -9.86 10.14
C LEU A 41 2.42 -10.60 9.32
N GLU A 42 2.13 -11.86 9.01
CA GLU A 42 3.05 -12.68 8.22
C GLU A 42 3.27 -12.08 6.83
N HIS A 43 2.20 -11.54 6.26
CA HIS A 43 2.27 -10.92 4.94
C HIS A 43 2.36 -9.41 5.04
N ARG A 44 2.74 -8.92 6.21
CA ARG A 44 2.86 -7.49 6.45
C ARG A 44 4.09 -6.92 5.73
N SER A 45 5.19 -7.67 5.77
CA SER A 45 6.43 -7.25 5.13
C SER A 45 6.54 -7.81 3.72
N LYS A 46 7.40 -7.20 2.91
CA LYS A 46 7.60 -7.65 1.54
C LYS A 46 8.29 -9.01 1.49
N ASP A 47 8.66 -9.44 0.29
CA ASP A 47 9.34 -10.72 0.11
C ASP A 47 8.45 -11.87 0.59
N SER A 48 7.14 -11.65 0.57
CA SER A 48 6.19 -12.67 1.00
C SER A 48 5.02 -12.77 0.03
N HIS A 49 4.66 -11.64 -0.56
CA HIS A 49 3.55 -11.60 -1.51
C HIS A 49 4.02 -11.05 -2.87
N GLY A 50 5.33 -11.02 -3.05
CA GLY A 50 5.88 -10.52 -4.30
C GLY A 50 5.59 -9.04 -4.52
N CYS A 51 5.65 -8.26 -3.44
CA CYS A 51 5.38 -6.83 -3.51
C CYS A 51 6.06 -6.22 -4.74
N SER A 52 5.27 -5.51 -5.54
CA SER A 52 5.79 -4.87 -6.75
C SER A 52 6.86 -3.85 -6.40
N GLU A 53 6.69 -3.17 -5.27
CA GLU A 53 7.64 -2.16 -4.83
C GLU A 53 7.69 -0.98 -5.81
N VAL A 54 6.52 -0.51 -6.20
CA VAL A 54 6.43 0.61 -7.14
C VAL A 54 6.04 1.90 -6.41
N ASN A 55 5.19 1.78 -5.41
CA ASN A 55 4.74 2.93 -4.64
C ASN A 55 5.93 3.72 -4.11
N VAL A 56 6.98 3.01 -3.71
CA VAL A 56 8.18 3.65 -3.18
C VAL A 56 9.06 4.18 -4.31
N VAL A 57 8.43 4.79 -5.31
CA VAL A 57 9.15 5.34 -6.45
C VAL A 57 9.69 6.73 -6.12
N LYS A 58 10.88 7.04 -6.66
CA LYS A 58 11.50 8.33 -6.43
C LYS A 58 10.45 9.43 -6.32
N GLU A 59 10.73 10.43 -5.47
CA GLU A 59 9.81 11.54 -5.27
C GLU A 59 10.51 12.88 -5.49
N ARG A 60 9.85 13.77 -6.22
CA ARG A 60 10.41 15.08 -6.50
C ARG A 60 10.41 15.96 -5.25
N PRO A 61 11.58 16.54 -4.93
CA PRO A 61 11.73 17.41 -3.77
C PRO A 61 11.00 18.75 -3.93
N LYS A 62 11.09 19.60 -2.91
CA LYS A 62 10.44 20.89 -2.94
C LYS A 62 10.70 21.60 -4.27
N THR A 63 9.63 21.93 -4.98
CA THR A 63 9.73 22.61 -6.27
C THR A 63 9.01 23.95 -6.25
N ASP A 64 9.73 25.01 -6.61
CA ASP A 64 9.15 26.35 -6.64
C ASP A 64 7.69 26.30 -7.05
N GLU A 65 6.84 26.94 -6.25
CA GLU A 65 5.41 26.98 -6.52
C GLU A 65 4.82 28.34 -6.15
N HIS A 66 3.63 28.63 -6.68
CA HIS A 66 2.96 29.89 -6.42
C HIS A 66 2.28 29.87 -5.04
N LYS A 67 2.44 30.94 -4.29
CA LYS A 67 1.86 31.05 -2.96
C LYS A 67 0.58 31.89 -2.99
N SER A 68 -0.46 31.39 -2.36
CA SER A 68 -1.75 32.09 -2.31
C SER A 68 -1.94 32.81 -0.98
N TYR A 69 -2.65 33.92 -1.01
CA TYR A 69 -2.90 34.70 0.20
C TYR A 69 -4.26 34.36 0.80
N SER A 70 -4.57 34.96 1.95
CA SER A 70 -5.83 34.71 2.63
C SER A 70 -6.18 35.86 3.55
N GLY A 71 -7.43 35.89 4.03
CA GLY A 71 -7.86 36.94 4.92
C GLY A 71 -9.37 36.93 5.14
N PRO A 72 -9.78 37.02 6.41
CA PRO A 72 -11.20 37.02 6.77
C PRO A 72 -11.91 38.31 6.35
N SER A 73 -11.31 39.44 6.68
CA SER A 73 -11.89 40.74 6.33
C SER A 73 -13.33 40.84 6.81
N SER A 74 -13.58 40.38 8.03
CA SER A 74 -14.92 40.41 8.60
C SER A 74 -15.04 41.53 9.62
N GLY A 75 -16.27 41.80 10.05
CA GLY A 75 -16.51 42.85 11.03
C GLY A 75 -17.84 43.55 10.81
#